data_3ZC4
#
_entry.id   3ZC4
#
_cell.length_a   285.000
_cell.length_b   53.720
_cell.length_c   216.680
_cell.angle_alpha   90.00
_cell.angle_beta   124.65
_cell.angle_gamma   90.00
#
_symmetry.space_group_name_H-M   'C 1 2 1'
#
loop_
_entity.id
_entity.type
_entity.pdbx_description
1 polymer SSO1398
2 non-polymer DI(HYDROXYETHYL)ETHER
3 water water
#
_entity_poly.entity_id   1
_entity_poly.type   'polypeptide(L)'
_entity_poly.pdbx_seq_one_letter_code
;GA(MSE)EASEPVAETISKRFWTLIK(MSE)LRFYVVLRRFGYIDPLIYSIDPKQIKDVLSEALREFVSYTSSSSSRSIV
IYDDPKNPVTAQAPCLVVAKRDEIPQNFPSIYRYTIYKIDKSSEYCISPLVVNDKYATLITPNESVIKEFFDKLDSNIQY
ARVLASLAVGGE
;
_entity_poly.pdbx_strand_id   A,B,C,D,E,F,G,H,I
#
loop_
_chem_comp.id
_chem_comp.type
_chem_comp.name
_chem_comp.formula
PEG non-polymer DI(HYDROXYETHYL)ETHER 'C4 H10 O3'
#
# COMPACT_ATOMS: atom_id res chain seq x y z
N PRO A 8 22.60 -63.92 9.37
CA PRO A 8 22.71 -63.47 10.77
C PRO A 8 23.70 -64.32 11.58
N VAL A 9 24.96 -64.31 11.15
CA VAL A 9 25.99 -65.18 11.74
C VAL A 9 26.07 -65.02 13.27
N ALA A 10 25.78 -63.85 13.81
CA ALA A 10 25.89 -63.69 15.27
C ALA A 10 24.71 -64.18 16.13
N GLU A 11 23.48 -63.82 15.75
CA GLU A 11 22.29 -64.24 16.49
C GLU A 11 22.11 -65.76 16.46
N THR A 12 22.36 -66.37 15.30
CA THR A 12 22.23 -67.83 15.22
C THR A 12 23.37 -68.52 15.98
N ILE A 13 24.57 -67.98 15.90
CA ILE A 13 25.67 -68.53 16.73
C ILE A 13 25.33 -68.49 18.21
N SER A 14 24.72 -67.39 18.66
CA SER A 14 24.42 -67.25 20.07
C SER A 14 23.30 -68.19 20.50
N LYS A 15 22.43 -68.55 19.57
CA LYS A 15 21.38 -69.54 19.85
C LYS A 15 21.94 -70.98 19.77
N ARG A 16 22.41 -71.37 18.59
CA ARG A 16 22.77 -72.76 18.34
C ARG A 16 24.04 -73.21 19.04
N PHE A 17 25.04 -72.33 19.13
CA PHE A 17 26.36 -72.72 19.65
C PHE A 17 26.65 -72.12 21.02
N TRP A 18 25.59 -71.78 21.72
CA TRP A 18 25.65 -71.23 23.07
C TRP A 18 26.52 -72.00 24.06
N THR A 19 26.51 -73.33 23.96
CA THR A 19 27.30 -74.17 24.87
C THR A 19 28.81 -74.08 24.58
N LEU A 20 29.19 -73.87 23.32
CA LEU A 20 30.59 -73.63 22.96
C LEU A 20 31.06 -72.27 23.46
N ILE A 21 30.21 -71.26 23.32
CA ILE A 21 30.50 -69.90 23.79
C ILE A 21 30.82 -69.97 25.27
N LYS A 22 29.99 -70.70 26.00
CA LYS A 22 30.09 -70.84 27.44
C LYS A 22 31.37 -71.58 27.84
N MSE A 23 31.75 -72.59 27.07
CA MSE A 23 33.01 -73.31 27.29
C MSE A 23 34.21 -72.44 27.06
O MSE A 23 35.13 -72.42 27.88
CB MSE A 23 33.12 -74.53 26.37
CG MSE A 23 34.36 -75.38 26.69
SE MSE A 23 34.73 -76.75 25.31
CE MSE A 23 35.32 -75.59 23.83
N LEU A 24 34.24 -71.73 25.93
CA LEU A 24 35.37 -70.88 25.61
C LEU A 24 35.52 -69.74 26.61
N ARG A 25 34.39 -69.25 27.11
CA ARG A 25 34.41 -68.20 28.14
C ARG A 25 35.04 -68.73 29.43
N PHE A 26 34.73 -69.99 29.76
CA PHE A 26 35.36 -70.66 30.88
C PHE A 26 36.88 -70.62 30.74
N TYR A 27 37.38 -70.94 29.54
CA TYR A 27 38.81 -70.88 29.27
C TYR A 27 39.38 -69.45 29.32
N VAL A 28 38.58 -68.47 28.91
CA VAL A 28 39.00 -67.07 28.99
C VAL A 28 39.22 -66.68 30.45
N VAL A 29 38.29 -67.07 31.31
CA VAL A 29 38.40 -66.81 32.75
C VAL A 29 39.67 -67.42 33.34
N LEU A 30 40.02 -68.62 32.87
CA LEU A 30 41.26 -69.28 33.31
C LEU A 30 42.50 -68.77 32.56
N ARG A 31 42.29 -67.83 31.65
CA ARG A 31 43.34 -67.26 30.82
C ARG A 31 44.12 -68.30 30.01
N ARG A 32 43.42 -69.34 29.56
CA ARG A 32 44.01 -70.34 28.69
C ARG A 32 43.69 -69.94 27.25
N PHE A 33 44.39 -68.89 26.82
CA PHE A 33 44.12 -68.22 25.55
C PHE A 33 44.60 -69.00 24.32
N GLY A 34 45.34 -70.08 24.54
CA GLY A 34 45.69 -70.99 23.47
C GLY A 34 44.46 -71.53 22.76
N TYR A 35 43.34 -71.61 23.48
CA TYR A 35 42.10 -72.11 22.89
C TYR A 35 41.23 -71.00 22.29
N ILE A 36 41.65 -69.75 22.46
CA ILE A 36 40.90 -68.61 21.92
C ILE A 36 41.62 -67.95 20.74
N ASP A 37 42.91 -67.68 20.91
CA ASP A 37 43.68 -66.92 19.93
C ASP A 37 43.58 -67.43 18.48
N PRO A 38 43.70 -68.76 18.27
CA PRO A 38 43.56 -69.25 16.90
C PRO A 38 42.22 -68.93 16.24
N LEU A 39 41.14 -68.89 17.02
CA LEU A 39 39.82 -68.52 16.49
C LEU A 39 39.76 -67.07 16.00
N ILE A 40 40.66 -66.24 16.52
CA ILE A 40 40.72 -64.83 16.15
C ILE A 40 41.75 -64.54 15.05
N TYR A 41 42.91 -65.19 15.12
CA TYR A 41 44.04 -64.83 14.25
C TYR A 41 44.36 -65.82 13.15
N SER A 42 43.98 -67.08 13.29
CA SER A 42 44.33 -68.10 12.29
C SER A 42 43.42 -67.98 11.08
N ILE A 43 44.00 -68.14 9.89
CA ILE A 43 43.22 -68.15 8.66
C ILE A 43 43.01 -69.59 8.15
N ASP A 44 43.35 -70.57 8.97
CA ASP A 44 43.32 -71.99 8.59
C ASP A 44 42.28 -72.77 9.40
N PRO A 45 41.22 -73.25 8.73
CA PRO A 45 40.19 -74.02 9.44
C PRO A 45 40.71 -75.29 10.10
N LYS A 46 41.69 -75.95 9.48
CA LYS A 46 42.30 -77.16 10.04
C LYS A 46 42.94 -76.86 11.40
N GLN A 47 43.67 -75.75 11.47
CA GLN A 47 44.34 -75.34 12.70
C GLN A 47 43.32 -75.00 13.79
N ILE A 48 42.21 -74.37 13.40
CA ILE A 48 41.16 -74.01 14.35
C ILE A 48 40.46 -75.25 14.89
N LYS A 49 40.15 -76.19 14.00
CA LYS A 49 39.55 -77.46 14.41
C LYS A 49 40.47 -78.28 15.33
N ASP A 50 41.77 -78.26 15.06
CA ASP A 50 42.75 -78.87 15.96
C ASP A 50 42.68 -78.30 17.36
N VAL A 51 42.67 -76.98 17.45
CA VAL A 51 42.67 -76.32 18.75
C VAL A 51 41.38 -76.63 19.50
N LEU A 52 40.26 -76.64 18.79
CA LEU A 52 38.97 -76.92 19.42
C LEU A 52 38.91 -78.35 19.92
N SER A 53 39.49 -79.28 19.17
CA SER A 53 39.53 -80.67 19.59
C SER A 53 40.33 -80.80 20.88
N GLU A 54 41.41 -80.04 20.99
CA GLU A 54 42.21 -80.01 22.21
C GLU A 54 41.43 -79.36 23.34
N ALA A 55 40.69 -78.31 23.02
CA ALA A 55 39.86 -77.62 24.00
C ALA A 55 38.78 -78.57 24.56
N LEU A 56 38.13 -79.30 23.67
CA LEU A 56 37.07 -80.24 24.07
C LEU A 56 37.61 -81.38 24.92
N ARG A 57 38.80 -81.85 24.57
CA ARG A 57 39.45 -82.92 25.33
C ARG A 57 39.86 -82.47 26.73
N GLU A 58 40.49 -81.30 26.85
CA GLU A 58 40.86 -80.78 28.16
C GLU A 58 39.62 -80.53 29.01
N PHE A 59 38.52 -80.19 28.35
CA PHE A 59 37.27 -79.91 29.05
C PHE A 59 36.72 -81.16 29.76
N VAL A 60 36.93 -82.33 29.17
CA VAL A 60 36.52 -83.58 29.80
C VAL A 60 37.34 -83.86 31.08
N SER A 61 38.61 -83.46 31.11
CA SER A 61 39.41 -83.56 32.34
C SER A 61 38.76 -82.77 33.45
N TYR A 62 38.26 -81.59 33.13
CA TYR A 62 37.58 -80.76 34.12
C TYR A 62 36.25 -81.38 34.53
N THR A 63 35.42 -81.75 33.56
CA THR A 63 34.08 -82.26 33.87
C THR A 63 34.15 -83.59 34.60
N SER A 64 35.21 -84.35 34.40
CA SER A 64 35.37 -85.65 35.06
C SER A 64 35.94 -85.55 36.48
N SER A 65 36.61 -84.45 36.79
CA SER A 65 37.32 -84.31 38.07
C SER A 65 36.61 -83.37 39.04
N SER A 66 35.48 -82.81 38.61
CA SER A 66 34.82 -81.75 39.36
C SER A 66 34.37 -82.18 40.75
N SER A 67 34.25 -81.18 41.62
CA SER A 67 33.68 -81.32 42.95
C SER A 67 32.44 -80.43 43.02
N SER A 68 31.58 -80.68 43.99
CA SER A 68 30.39 -79.85 44.20
C SER A 68 30.60 -78.87 45.35
N ARG A 69 30.04 -77.68 45.21
CA ARG A 69 30.04 -76.69 46.27
C ARG A 69 28.71 -75.96 46.32
N SER A 70 28.40 -75.39 47.48
CA SER A 70 27.27 -74.49 47.60
C SER A 70 27.73 -73.12 47.17
N ILE A 71 27.15 -72.63 46.07
CA ILE A 71 27.55 -71.35 45.49
C ILE A 71 26.41 -70.35 45.59
N VAL A 72 26.74 -69.07 45.59
CA VAL A 72 25.74 -68.00 45.60
C VAL A 72 25.31 -67.73 44.16
N ILE A 73 24.06 -68.06 43.84
CA ILE A 73 23.55 -67.82 42.49
C ILE A 73 22.78 -66.49 42.40
N TYR A 74 22.41 -65.93 43.55
CA TYR A 74 21.81 -64.59 43.63
C TYR A 74 22.26 -63.90 44.94
N ASP A 75 23.08 -62.87 44.80
CA ASP A 75 23.77 -62.25 45.94
C ASP A 75 22.99 -61.07 46.55
N ASP A 76 22.30 -61.35 47.65
CA ASP A 76 21.50 -60.36 48.37
C ASP A 76 22.20 -60.19 49.70
N PRO A 77 22.29 -58.96 50.22
CA PRO A 77 22.84 -58.88 51.57
C PRO A 77 22.03 -59.67 52.62
N LYS A 78 20.72 -59.83 52.41
CA LYS A 78 19.84 -60.37 53.45
C LYS A 78 19.37 -61.81 53.18
N ASN A 79 18.98 -62.13 51.94
CA ASN A 79 18.55 -63.51 51.59
C ASN A 79 19.27 -64.02 50.39
N PRO A 80 20.57 -64.31 50.53
CA PRO A 80 21.31 -64.83 49.41
C PRO A 80 20.77 -66.19 49.01
N VAL A 81 20.53 -66.38 47.72
CA VAL A 81 20.05 -67.65 47.22
C VAL A 81 21.30 -68.45 46.87
N THR A 82 21.42 -69.60 47.50
CA THR A 82 22.52 -70.51 47.22
C THR A 82 21.99 -71.77 46.54
N ALA A 83 22.88 -72.47 45.84
CA ALA A 83 22.55 -73.67 45.09
C ALA A 83 23.76 -74.59 45.06
N GLN A 84 23.50 -75.90 45.06
CA GLN A 84 24.55 -76.87 44.82
C GLN A 84 24.94 -76.80 43.35
N ALA A 85 26.23 -76.70 43.06
CA ALA A 85 26.72 -76.65 41.69
C ALA A 85 28.03 -77.39 41.55
N PRO A 86 28.27 -78.02 40.38
CA PRO A 86 29.58 -78.62 40.12
C PRO A 86 30.58 -77.55 39.76
N CYS A 87 31.73 -77.58 40.42
CA CYS A 87 32.78 -76.58 40.18
C CYS A 87 33.94 -77.23 39.45
N LEU A 88 34.15 -76.81 38.21
CA LEU A 88 35.21 -77.39 37.39
C LEU A 88 36.57 -76.96 37.92
N VAL A 89 36.68 -75.72 38.38
CA VAL A 89 37.86 -75.22 39.07
C VAL A 89 37.43 -74.46 40.31
N VAL A 90 38.09 -74.74 41.43
CA VAL A 90 37.93 -73.94 42.63
C VAL A 90 39.17 -73.08 42.78
N ALA A 91 39.01 -71.78 42.65
CA ALA A 91 40.15 -70.86 42.65
C ALA A 91 40.16 -70.00 43.91
N LYS A 92 41.36 -69.77 44.43
CA LYS A 92 41.56 -68.79 45.49
C LYS A 92 41.33 -67.40 44.88
N ARG A 93 40.83 -66.49 45.70
CA ARG A 93 40.51 -65.13 45.24
C ARG A 93 41.67 -64.45 44.51
N ASP A 94 42.90 -64.68 44.99
CA ASP A 94 44.09 -64.07 44.39
C ASP A 94 44.66 -64.83 43.18
N GLU A 95 43.96 -65.84 42.69
CA GLU A 95 44.36 -66.56 41.47
C GLU A 95 43.53 -66.13 40.28
N ILE A 96 42.57 -65.23 40.50
CA ILE A 96 41.69 -64.73 39.46
C ILE A 96 41.82 -63.22 39.38
N PRO A 97 41.94 -62.67 38.16
CA PRO A 97 42.02 -61.22 38.00
C PRO A 97 40.88 -60.48 38.71
N GLN A 98 41.20 -59.37 39.36
CA GLN A 98 40.23 -58.64 40.19
C GLN A 98 38.98 -58.21 39.45
N ASN A 99 39.13 -57.82 38.19
CA ASN A 99 38.00 -57.37 37.39
C ASN A 99 37.09 -58.50 36.87
N PHE A 100 37.60 -59.73 36.86
CA PHE A 100 36.90 -60.83 36.18
C PHE A 100 35.57 -61.23 36.83
N PRO A 101 35.50 -61.32 38.16
CA PRO A 101 34.22 -61.72 38.78
C PRO A 101 33.03 -60.85 38.39
N SER A 102 33.24 -59.56 38.20
CA SER A 102 32.15 -58.67 37.80
C SER A 102 31.90 -58.66 36.29
N ILE A 103 32.86 -59.13 35.49
CA ILE A 103 32.70 -59.20 34.04
C ILE A 103 32.03 -60.52 33.66
N TYR A 104 32.60 -61.62 34.12
CA TYR A 104 32.11 -62.94 33.76
C TYR A 104 31.27 -63.52 34.91
N ARG A 105 30.13 -62.88 35.16
CA ARG A 105 29.32 -63.13 36.35
C ARG A 105 28.63 -64.48 36.41
N TYR A 106 28.45 -65.12 35.26
CA TYR A 106 27.81 -66.43 35.22
C TYR A 106 28.82 -67.54 34.92
N THR A 107 30.10 -67.22 35.05
CA THR A 107 31.20 -68.18 34.96
C THR A 107 32.03 -68.21 36.26
N ILE A 108 31.97 -67.13 37.04
CA ILE A 108 32.67 -67.04 38.33
C ILE A 108 31.63 -66.84 39.44
N TYR A 109 31.59 -67.76 40.40
CA TYR A 109 30.59 -67.72 41.47
C TYR A 109 31.23 -67.73 42.86
N LYS A 110 30.68 -66.96 43.78
CA LYS A 110 31.15 -66.99 45.17
C LYS A 110 30.71 -68.30 45.81
N ILE A 111 31.65 -68.98 46.45
CA ILE A 111 31.32 -70.18 47.22
C ILE A 111 30.87 -69.71 48.60
N ASP A 112 29.66 -70.12 49.01
CA ASP A 112 29.05 -69.65 50.25
C ASP A 112 29.94 -69.97 51.45
N LYS A 113 30.05 -69.00 52.36
CA LYS A 113 30.82 -69.15 53.60
C LYS A 113 32.29 -69.42 53.33
N SER A 114 32.80 -68.73 52.33
CA SER A 114 34.17 -68.93 51.86
C SER A 114 34.57 -67.77 50.97
N SER A 115 35.88 -67.55 50.84
CA SER A 115 36.38 -66.49 49.98
C SER A 115 36.73 -67.02 48.58
N GLU A 116 36.78 -68.35 48.45
CA GLU A 116 37.12 -68.98 47.18
C GLU A 116 36.01 -68.83 46.12
N TYR A 117 36.41 -68.96 44.86
CA TYR A 117 35.49 -68.84 43.72
C TYR A 117 35.26 -70.18 43.04
N CYS A 118 34.02 -70.39 42.58
CA CYS A 118 33.67 -71.53 41.74
C CYS A 118 33.76 -71.05 40.30
N ILE A 119 34.67 -71.62 39.52
CA ILE A 119 34.82 -71.24 38.12
C ILE A 119 34.28 -72.39 37.28
N SER A 120 33.20 -72.13 36.56
CA SER A 120 32.43 -73.18 35.97
C SER A 120 31.40 -72.60 35.01
N PRO A 121 31.25 -73.18 33.81
CA PRO A 121 30.25 -72.69 32.87
C PRO A 121 28.84 -73.16 33.26
N LEU A 122 28.22 -72.41 34.17
CA LEU A 122 26.90 -72.76 34.69
C LEU A 122 25.85 -71.83 34.12
N VAL A 123 24.61 -72.32 34.09
CA VAL A 123 23.46 -71.50 33.83
C VAL A 123 22.58 -71.53 35.06
N VAL A 124 22.12 -70.36 35.48
CA VAL A 124 21.23 -70.23 36.64
C VAL A 124 19.78 -70.12 36.19
N ASN A 125 18.91 -70.86 36.85
CA ASN A 125 17.45 -70.74 36.72
C ASN A 125 16.94 -70.62 38.13
N ASP A 126 16.80 -69.36 38.55
CA ASP A 126 17.01 -68.93 39.94
C ASP A 126 16.42 -69.85 40.98
N LYS A 127 17.29 -70.76 41.43
CA LYS A 127 17.02 -71.78 42.45
C LYS A 127 18.12 -72.84 42.20
N TYR A 128 18.26 -73.18 40.93
CA TYR A 128 19.17 -74.22 40.47
C TYR A 128 20.27 -73.72 39.53
N ALA A 129 21.40 -74.44 39.52
CA ALA A 129 22.54 -74.14 38.68
C ALA A 129 22.89 -75.40 37.89
N THR A 130 23.11 -75.27 36.58
CA THR A 130 23.32 -76.41 35.72
C THR A 130 24.59 -76.28 34.92
N LEU A 131 25.40 -77.34 34.94
CA LEU A 131 26.61 -77.39 34.12
C LEU A 131 26.23 -77.54 32.65
N ILE A 132 26.89 -76.75 31.83
CA ILE A 132 26.63 -76.69 30.40
C ILE A 132 27.85 -77.26 29.69
N THR A 133 27.65 -78.29 28.89
CA THR A 133 28.75 -78.88 28.11
C THR A 133 28.31 -79.06 26.66
N PRO A 134 29.23 -78.84 25.71
CA PRO A 134 28.88 -78.97 24.30
C PRO A 134 28.60 -80.40 23.89
N ASN A 135 27.48 -80.62 23.22
CA ASN A 135 27.12 -81.95 22.75
C ASN A 135 27.57 -82.17 21.30
N GLU A 136 27.48 -83.42 20.85
CA GLU A 136 28.00 -83.81 19.55
C GLU A 136 27.41 -82.99 18.41
N SER A 137 26.10 -82.76 18.47
CA SER A 137 25.41 -81.98 17.43
C SER A 137 26.03 -80.61 17.25
N VAL A 138 26.26 -79.93 18.35
CA VAL A 138 26.81 -78.59 18.32
C VAL A 138 28.20 -78.59 17.71
N ILE A 139 29.03 -79.53 18.11
CA ILE A 139 30.41 -79.63 17.64
C ILE A 139 30.42 -79.88 16.13
N LYS A 140 29.64 -80.87 15.71
CA LYS A 140 29.48 -81.21 14.31
C LYS A 140 29.06 -80.01 13.47
N GLU A 141 27.99 -79.35 13.88
CA GLU A 141 27.47 -78.19 13.16
C GLU A 141 28.47 -77.07 13.05
N PHE A 142 29.14 -76.75 14.16
CA PHE A 142 30.09 -75.66 14.16
C PHE A 142 31.26 -75.94 13.22
N PHE A 143 31.80 -77.15 13.29
CA PHE A 143 32.89 -77.56 12.41
C PHE A 143 32.51 -77.39 10.94
N ASP A 144 31.28 -77.75 10.59
CA ASP A 144 30.80 -77.61 9.22
C ASP A 144 30.65 -76.15 8.82
N LYS A 145 30.05 -75.33 9.67
CA LYS A 145 29.91 -73.90 9.40
C LYS A 145 31.29 -73.28 9.23
N LEU A 146 32.21 -73.67 10.10
CA LEU A 146 33.59 -73.15 10.10
C LEU A 146 34.30 -73.42 8.78
N ASP A 147 34.09 -74.60 8.20
CA ASP A 147 34.71 -74.95 6.92
C ASP A 147 34.19 -74.10 5.76
N SER A 148 32.94 -73.66 5.84
CA SER A 148 32.33 -72.85 4.78
C SER A 148 32.62 -71.36 4.95
N ASN A 149 32.92 -70.93 6.18
CA ASN A 149 33.10 -69.51 6.47
C ASN A 149 33.84 -69.28 7.78
N ILE A 150 35.05 -68.75 7.69
CA ILE A 150 35.94 -68.62 8.85
C ILE A 150 35.43 -67.60 9.86
N GLN A 151 34.53 -66.73 9.41
CA GLN A 151 33.88 -65.77 10.30
C GLN A 151 33.21 -66.40 11.52
N TYR A 152 32.76 -67.65 11.41
CA TYR A 152 32.17 -68.34 12.54
C TYR A 152 33.14 -68.46 13.72
N ALA A 153 34.43 -68.64 13.42
CA ALA A 153 35.45 -68.66 14.46
C ALA A 153 35.56 -67.28 15.11
N ARG A 154 35.62 -66.24 14.28
CA ARG A 154 35.81 -64.89 14.76
C ARG A 154 34.67 -64.45 15.68
N VAL A 155 33.44 -64.68 15.24
CA VAL A 155 32.26 -64.31 16.02
C VAL A 155 32.12 -65.17 17.28
N LEU A 156 32.43 -66.45 17.21
CA LEU A 156 32.36 -67.31 18.40
C LEU A 156 33.32 -66.80 19.48
N ALA A 157 34.55 -66.48 19.08
CA ALA A 157 35.53 -65.99 20.03
C ALA A 157 35.12 -64.64 20.58
N SER A 158 34.60 -63.77 19.71
CA SER A 158 34.14 -62.45 20.11
C SER A 158 33.07 -62.52 21.20
N LEU A 159 32.13 -63.44 21.03
CA LEU A 159 31.05 -63.61 21.99
C LEU A 159 31.57 -64.23 23.30
N ALA A 160 32.51 -65.18 23.19
CA ALA A 160 33.04 -65.86 24.37
C ALA A 160 33.78 -64.87 25.28
N VAL A 161 34.57 -64.02 24.65
CA VAL A 161 35.35 -63.00 25.35
C VAL A 161 34.45 -61.96 26.03
N GLY A 162 33.22 -61.81 25.51
CA GLY A 162 32.26 -60.88 26.07
C GLY A 162 31.77 -61.27 27.46
N GLY A 163 31.41 -60.27 28.25
CA GLY A 163 30.91 -60.49 29.60
C GLY A 163 29.49 -61.03 29.66
N GLU A 164 29.04 -61.31 30.89
CA GLU A 164 27.73 -61.90 31.15
C GLU A 164 26.95 -61.04 32.14
N PRO B 8 16.33 -44.02 14.37
CA PRO B 8 17.20 -43.22 15.23
C PRO B 8 18.53 -43.92 15.53
N VAL B 9 19.30 -44.19 14.48
CA VAL B 9 20.53 -44.98 14.61
C VAL B 9 21.47 -44.42 15.69
N ALA B 10 21.48 -43.11 15.91
CA ALA B 10 22.40 -42.57 16.91
C ALA B 10 21.98 -42.65 18.38
N GLU B 11 20.75 -42.25 18.69
CA GLU B 11 20.25 -42.30 20.07
C GLU B 11 20.17 -43.73 20.60
N THR B 12 19.73 -44.68 19.76
CA THR B 12 19.68 -46.07 20.21
C THR B 12 21.09 -46.65 20.34
N ILE B 13 22.01 -46.31 19.43
CA ILE B 13 23.40 -46.75 19.59
C ILE B 13 23.97 -46.25 20.91
N SER B 14 23.67 -45.01 21.27
CA SER B 14 24.24 -44.45 22.49
C SER B 14 23.64 -45.09 23.73
N LYS B 15 22.42 -45.60 23.63
CA LYS B 15 21.80 -46.32 24.74
C LYS B 15 22.28 -47.77 24.79
N ARG B 16 22.00 -48.53 23.74
CA ARG B 16 22.23 -49.97 23.74
C ARG B 16 23.71 -50.37 23.69
N PHE B 17 24.51 -49.64 22.92
CA PHE B 17 25.91 -50.02 22.69
C PHE B 17 26.91 -49.11 23.39
N TRP B 18 26.44 -48.47 24.44
CA TRP B 18 27.23 -47.56 25.27
C TRP B 18 28.55 -48.14 25.74
N THR B 19 28.57 -49.41 26.06
CA THR B 19 29.80 -50.08 26.54
C THR B 19 30.84 -50.27 25.45
N LEU B 20 30.40 -50.47 24.21
CA LEU B 20 31.32 -50.52 23.05
C LEU B 20 31.91 -49.14 22.77
N ILE B 21 31.08 -48.11 22.85
CA ILE B 21 31.51 -46.72 22.64
C ILE B 21 32.63 -46.40 23.62
N LYS B 22 32.41 -46.80 24.86
CA LYS B 22 33.36 -46.56 25.95
C LYS B 22 34.68 -47.31 25.74
N MSE B 23 34.60 -48.54 25.23
CA MSE B 23 35.78 -49.33 24.91
C MSE B 23 36.57 -48.72 23.79
O MSE B 23 37.79 -48.58 23.89
CB MSE B 23 35.41 -50.75 24.50
CG MSE B 23 36.65 -51.63 24.30
SE MSE B 23 36.23 -53.36 23.43
CE MSE B 23 36.21 -52.74 21.56
N LEU B 24 35.90 -48.37 22.70
CA LEU B 24 36.57 -47.78 21.54
C LEU B 24 37.20 -46.42 21.89
N ARG B 25 36.55 -45.67 22.78
CA ARG B 25 37.11 -44.40 23.24
C ARG B 25 38.39 -44.63 24.03
N PHE B 26 38.40 -45.71 24.82
CA PHE B 26 39.61 -46.11 25.54
C PHE B 26 40.75 -46.31 24.55
N TYR B 27 40.48 -46.99 23.44
CA TYR B 27 41.49 -47.19 22.39
C TYR B 27 41.89 -45.90 21.67
N VAL B 28 40.94 -44.97 21.54
CA VAL B 28 41.26 -43.67 20.95
C VAL B 28 42.27 -42.93 21.83
N VAL B 29 42.04 -42.95 23.14
CA VAL B 29 42.94 -42.30 24.09
C VAL B 29 44.34 -42.88 24.02
N LEU B 30 44.44 -44.21 23.82
CA LEU B 30 45.72 -44.88 23.63
C LEU B 30 46.26 -44.76 22.20
N ARG B 31 45.50 -44.08 21.33
CA ARG B 31 45.86 -43.91 19.93
C ARG B 31 46.06 -45.22 19.17
N ARG B 32 45.31 -46.24 19.53
CA ARG B 32 45.34 -47.51 18.82
C ARG B 32 44.24 -47.49 17.79
N PHE B 33 44.49 -46.70 16.75
CA PHE B 33 43.49 -46.37 15.72
C PHE B 33 43.22 -47.51 14.75
N GLY B 34 44.01 -48.58 14.81
CA GLY B 34 43.73 -49.80 14.06
C GLY B 34 42.36 -50.36 14.37
N TYR B 35 41.87 -50.10 15.59
CA TYR B 35 40.55 -50.57 15.99
C TYR B 35 39.44 -49.58 15.69
N ILE B 36 39.79 -48.40 15.20
CA ILE B 36 38.81 -47.36 14.89
C ILE B 36 38.66 -47.15 13.38
N ASP B 37 39.80 -47.00 12.70
CA ASP B 37 39.80 -46.64 11.28
C ASP B 37 38.90 -47.51 10.39
N PRO B 38 38.94 -48.85 10.57
CA PRO B 38 38.08 -49.68 9.73
C PRO B 38 36.57 -49.39 9.91
N LEU B 39 36.15 -49.00 11.10
CA LEU B 39 34.76 -48.63 11.34
C LEU B 39 34.34 -47.36 10.56
N ILE B 40 35.33 -46.55 10.18
CA ILE B 40 35.08 -45.31 9.46
C ILE B 40 35.25 -45.46 7.95
N TYR B 41 36.27 -46.20 7.53
CA TYR B 41 36.66 -46.24 6.12
C TYR B 41 36.33 -47.52 5.38
N SER B 42 36.19 -48.65 6.09
CA SER B 42 35.94 -49.93 5.42
C SER B 42 34.49 -50.04 4.99
N ILE B 43 34.28 -50.59 3.79
CA ILE B 43 32.93 -50.82 3.29
C ILE B 43 32.55 -52.30 3.42
N ASP B 44 33.35 -53.06 4.16
CA ASP B 44 33.19 -54.51 4.32
C ASP B 44 32.87 -54.89 5.76
N PRO B 45 31.64 -55.40 6.01
CA PRO B 45 31.27 -55.81 7.37
C PRO B 45 32.15 -56.92 7.95
N LYS B 46 32.63 -57.84 7.10
CA LYS B 46 33.52 -58.91 7.53
C LYS B 46 34.82 -58.37 8.10
N GLN B 47 35.39 -57.38 7.41
CA GLN B 47 36.62 -56.73 7.86
C GLN B 47 36.40 -55.98 9.18
N ILE B 48 35.26 -55.34 9.33
CA ILE B 48 34.95 -54.60 10.55
C ILE B 48 34.77 -55.56 11.72
N LYS B 49 34.07 -56.66 11.50
CA LYS B 49 33.87 -57.67 12.54
C LYS B 49 35.20 -58.32 12.96
N ASP B 50 36.09 -58.54 12.00
CA ASP B 50 37.45 -59.00 12.32
C ASP B 50 38.18 -58.06 13.26
N VAL B 51 38.14 -56.77 12.93
CA VAL B 51 38.85 -55.78 13.72
C VAL B 51 38.27 -55.71 15.13
N LEU B 52 36.95 -55.77 15.24
CA LEU B 52 36.29 -55.70 16.55
C LEU B 52 36.61 -56.91 17.39
N SER B 53 36.70 -58.08 16.76
CA SER B 53 37.05 -59.30 17.48
C SER B 53 38.47 -59.17 18.04
N GLU B 54 39.36 -58.56 17.28
CA GLU B 54 40.72 -58.29 17.76
C GLU B 54 40.72 -57.26 18.88
N ALA B 55 39.86 -56.25 18.74
CA ALA B 55 39.72 -55.21 19.76
C ALA B 55 39.21 -55.82 21.07
N LEU B 56 38.21 -56.69 20.98
CA LEU B 56 37.64 -57.33 22.17
C LEU B 56 38.65 -58.25 22.86
N ARG B 57 39.46 -58.95 22.06
CA ARG B 57 40.47 -59.84 22.60
C ARG B 57 41.59 -59.06 23.31
N GLU B 58 42.10 -58.00 22.68
CA GLU B 58 43.13 -57.19 23.32
C GLU B 58 42.58 -56.57 24.61
N PHE B 59 41.28 -56.27 24.63
CA PHE B 59 40.66 -55.67 25.79
C PHE B 59 40.71 -56.59 27.01
N VAL B 60 40.63 -57.90 26.79
CA VAL B 60 40.74 -58.87 27.89
C VAL B 60 42.14 -58.86 28.49
N SER B 61 43.16 -58.61 27.66
CA SER B 61 44.52 -58.48 28.18
C SER B 61 44.58 -57.35 29.19
N TYR B 62 43.92 -56.24 28.87
CA TYR B 62 43.89 -55.10 29.76
C TYR B 62 43.09 -55.41 31.01
N THR B 63 41.87 -55.92 30.85
CA THR B 63 40.99 -56.16 32.00
C THR B 63 41.56 -57.22 32.93
N SER B 64 42.36 -58.15 32.39
CA SER B 64 42.95 -59.22 33.18
C SER B 64 44.22 -58.81 33.92
N SER B 65 44.88 -57.74 33.46
CA SER B 65 46.19 -57.33 34.00
C SER B 65 46.10 -56.08 34.86
N SER B 66 44.90 -55.54 35.02
CA SER B 66 44.72 -54.24 35.66
C SER B 66 45.19 -54.21 37.11
N SER B 67 45.54 -53.01 37.56
CA SER B 67 45.86 -52.69 38.94
C SER B 67 44.84 -51.67 39.44
N SER B 68 44.70 -51.53 40.76
CA SER B 68 43.81 -50.53 41.33
C SER B 68 44.57 -49.31 41.80
N ARG B 69 43.95 -48.14 41.66
CA ARG B 69 44.52 -46.89 42.18
C ARG B 69 43.42 -46.03 42.76
N SER B 70 43.81 -45.11 43.65
CA SER B 70 42.90 -44.08 44.13
C SER B 70 42.94 -42.94 43.11
N ILE B 71 41.80 -42.70 42.46
CA ILE B 71 41.73 -41.69 41.40
C ILE B 71 40.78 -40.58 41.81
N VAL B 72 40.97 -39.41 41.22
CA VAL B 72 40.09 -38.26 41.45
C VAL B 72 38.89 -38.37 40.52
N ILE B 73 37.72 -38.65 41.08
CA ILE B 73 36.50 -38.80 40.28
C ILE B 73 35.69 -37.50 40.17
N TYR B 74 35.98 -36.55 41.07
CA TYR B 74 35.40 -35.22 41.00
C TYR B 74 36.44 -34.18 41.46
N ASP B 75 36.90 -33.33 40.56
CA ASP B 75 38.01 -32.42 40.84
C ASP B 75 37.49 -31.01 41.09
N PRO B 80 38.22 -32.24 46.67
CA PRO B 80 38.27 -33.29 45.65
C PRO B 80 37.75 -34.63 46.17
N VAL B 81 36.91 -35.28 45.38
CA VAL B 81 36.40 -36.61 45.73
C VAL B 81 37.24 -37.68 45.04
N THR B 82 37.77 -38.62 45.83
CA THR B 82 38.57 -39.73 45.29
C THR B 82 37.86 -41.07 45.49
N ALA B 83 38.22 -42.06 44.69
CA ALA B 83 37.61 -43.38 44.72
C ALA B 83 38.62 -44.43 44.23
N GLN B 84 38.52 -45.65 44.76
CA GLN B 84 39.31 -46.77 44.24
C GLN B 84 38.71 -47.21 42.93
N ALA B 85 39.57 -47.36 41.93
CA ALA B 85 39.14 -47.78 40.60
C ALA B 85 40.20 -48.66 39.94
N PRO B 86 39.76 -49.61 39.11
CA PRO B 86 40.71 -50.40 38.31
C PRO B 86 41.25 -49.59 37.16
N CYS B 87 42.57 -49.58 37.00
CA CYS B 87 43.22 -48.85 35.93
C CYS B 87 43.78 -49.83 34.91
N LEU B 88 43.21 -49.80 33.71
CA LEU B 88 43.65 -50.70 32.64
C LEU B 88 45.04 -50.32 32.16
N VAL B 89 45.32 -49.02 32.09
CA VAL B 89 46.66 -48.51 31.83
C VAL B 89 46.98 -47.39 32.81
N VAL B 90 48.18 -47.42 33.38
CA VAL B 90 48.70 -46.30 34.15
C VAL B 90 49.75 -45.61 33.28
N ALA B 91 49.46 -44.39 32.88
CA ALA B 91 50.32 -43.67 31.95
C ALA B 91 51.00 -42.50 32.64
N LYS B 92 52.27 -42.28 32.29
CA LYS B 92 52.98 -41.08 32.69
C LYS B 92 52.37 -39.90 31.94
N ARG B 93 52.38 -38.73 32.56
CA ARG B 93 51.78 -37.52 31.99
C ARG B 93 52.27 -37.23 30.56
N ASP B 94 53.54 -37.48 30.31
CA ASP B 94 54.15 -37.23 28.99
C ASP B 94 53.96 -38.37 27.97
N GLU B 95 53.16 -39.38 28.30
CA GLU B 95 52.82 -40.45 27.36
C GLU B 95 51.41 -40.26 26.77
N ILE B 96 50.71 -39.22 27.22
CA ILE B 96 49.36 -38.91 26.76
C ILE B 96 49.34 -37.50 26.18
N PRO B 97 48.69 -37.33 25.00
CA PRO B 97 48.58 -36.00 24.38
C PRO B 97 48.02 -34.97 25.35
N GLN B 98 48.60 -33.77 25.34
CA GLN B 98 48.25 -32.72 26.31
C GLN B 98 46.77 -32.38 26.33
N ASN B 99 46.14 -32.37 25.15
CA ASN B 99 44.73 -32.00 25.04
C ASN B 99 43.77 -33.09 25.49
N PHE B 100 44.24 -34.33 25.56
CA PHE B 100 43.36 -35.47 25.79
C PHE B 100 42.66 -35.50 27.16
N PRO B 101 43.39 -35.22 28.25
CA PRO B 101 42.73 -35.27 29.56
C PRO B 101 41.48 -34.41 29.66
N SER B 102 41.47 -33.25 29.02
CA SER B 102 40.30 -32.36 29.07
C SER B 102 39.23 -32.72 28.04
N ILE B 103 39.58 -33.50 27.02
CA ILE B 103 38.59 -33.98 26.03
C ILE B 103 37.91 -35.25 26.53
N TYR B 104 38.70 -36.25 26.88
CA TYR B 104 38.18 -37.56 27.28
C TYR B 104 38.20 -37.68 28.81
N ARG B 105 37.38 -36.84 29.45
CA ARG B 105 37.43 -36.65 30.91
C ARG B 105 36.99 -37.84 31.75
N TYR B 106 36.21 -38.75 31.16
CA TYR B 106 35.74 -39.92 31.90
C TYR B 106 36.44 -41.19 31.44
N THR B 107 37.54 -41.00 30.70
CA THR B 107 38.45 -42.09 30.31
C THR B 107 39.87 -41.88 30.84
N ILE B 108 40.23 -40.62 31.15
CA ILE B 108 41.52 -40.26 31.70
C ILE B 108 41.31 -39.62 33.08
N TYR B 109 41.88 -40.22 34.12
CA TYR B 109 41.68 -39.77 35.50
C TYR B 109 43.01 -39.48 36.19
N LYS B 110 43.03 -38.41 36.99
CA LYS B 110 44.21 -38.11 37.80
C LYS B 110 44.30 -39.13 38.92
N ILE B 111 45.49 -39.72 39.10
CA ILE B 111 45.74 -40.58 40.25
C ILE B 111 46.14 -39.70 41.43
N ASP B 112 45.42 -39.84 42.55
CA ASP B 112 45.62 -38.98 43.72
C ASP B 112 47.04 -39.09 44.25
N LYS B 113 47.60 -37.93 44.63
CA LYS B 113 48.97 -37.84 45.17
C LYS B 113 50.00 -38.34 44.17
N SER B 114 49.79 -38.01 42.90
CA SER B 114 50.64 -38.47 41.82
C SER B 114 50.39 -37.67 40.55
N SER B 115 51.35 -37.64 39.65
CA SER B 115 51.20 -36.94 38.37
C SER B 115 50.71 -37.88 37.27
N GLU B 116 50.76 -39.19 37.54
CA GLU B 116 50.36 -40.19 36.56
C GLU B 116 48.84 -40.21 36.32
N TYR B 117 48.45 -40.74 35.17
CA TYR B 117 47.04 -40.83 34.79
C TYR B 117 46.54 -42.27 34.81
N CYS B 118 45.29 -42.45 35.23
CA CYS B 118 44.58 -43.71 35.11
C CYS B 118 43.80 -43.66 33.80
N ILE B 119 44.13 -44.54 32.86
CA ILE B 119 43.42 -44.59 31.59
C ILE B 119 42.55 -45.84 31.59
N SER B 120 41.24 -45.64 31.58
CA SER B 120 40.32 -46.73 31.87
C SER B 120 38.89 -46.31 31.55
N PRO B 121 38.11 -47.18 30.88
CA PRO B 121 36.72 -46.84 30.58
C PRO B 121 35.83 -46.99 31.81
N LEU B 122 35.81 -45.95 32.64
CA LEU B 122 35.06 -45.97 33.89
C LEU B 122 33.82 -45.10 33.78
N VAL B 123 32.82 -45.41 34.60
CA VAL B 123 31.66 -44.55 34.78
C VAL B 123 31.64 -44.12 36.24
N VAL B 124 31.42 -42.83 36.48
CA VAL B 124 31.38 -42.27 37.82
C VAL B 124 29.93 -42.08 38.28
N ASN B 125 29.64 -42.56 39.48
CA ASN B 125 28.31 -42.43 40.10
C ASN B 125 28.49 -42.01 41.55
N ASP B 126 28.29 -40.73 41.83
CA ASP B 126 28.45 -40.17 43.18
C ASP B 126 29.84 -40.39 43.79
N LYS B 127 30.02 -41.54 44.44
CA LYS B 127 31.23 -41.85 45.19
C LYS B 127 31.97 -43.08 44.66
N TYR B 128 31.41 -43.78 43.66
CA TYR B 128 32.04 -44.96 43.05
C TYR B 128 32.45 -44.75 41.60
N ALA B 129 33.46 -45.49 41.18
CA ALA B 129 33.87 -45.57 39.80
C ALA B 129 33.80 -47.04 39.39
N THR B 130 33.19 -47.31 38.23
CA THR B 130 32.92 -48.68 37.81
C THR B 130 33.49 -48.96 36.44
N LEU B 131 34.24 -50.05 36.31
CA LEU B 131 34.75 -50.50 35.02
C LEU B 131 33.61 -51.01 34.14
N ILE B 132 33.63 -50.57 32.89
CA ILE B 132 32.60 -50.88 31.92
C ILE B 132 33.21 -51.75 30.86
N THR B 133 32.64 -52.95 30.67
CA THR B 133 33.12 -53.86 29.63
C THR B 133 31.93 -54.36 28.81
N PRO B 134 32.12 -54.52 27.49
CA PRO B 134 31.03 -55.01 26.65
C PRO B 134 30.66 -56.46 26.92
N ASN B 135 29.36 -56.71 27.12
CA ASN B 135 28.89 -58.06 27.36
C ASN B 135 28.42 -58.72 26.07
N GLU B 136 28.16 -60.02 26.15
CA GLU B 136 27.85 -60.83 24.97
C GLU B 136 26.66 -60.28 24.19
N SER B 137 25.61 -59.88 24.91
CA SER B 137 24.41 -59.33 24.28
C SER B 137 24.73 -58.16 23.38
N VAL B 138 25.51 -57.23 23.89
CA VAL B 138 25.85 -56.03 23.16
C VAL B 138 26.63 -56.37 21.89
N ILE B 139 27.59 -57.27 22.02
CA ILE B 139 28.44 -57.67 20.89
C ILE B 139 27.58 -58.31 19.80
N LYS B 140 26.76 -59.28 20.23
CA LYS B 140 25.85 -59.97 19.35
C LYS B 140 24.95 -59.00 18.57
N GLU B 141 24.28 -58.12 19.31
CA GLU B 141 23.37 -57.16 18.71
C GLU B 141 24.06 -56.24 17.73
N PHE B 142 25.21 -55.73 18.10
CA PHE B 142 25.92 -54.80 17.23
C PHE B 142 26.37 -55.48 15.93
N PHE B 143 26.92 -56.67 16.04
CA PHE B 143 27.31 -57.46 14.86
C PHE B 143 26.13 -57.64 13.90
N ASP B 144 24.95 -57.93 14.45
CA ASP B 144 23.75 -58.11 13.63
C ASP B 144 23.32 -56.81 12.96
N LYS B 145 23.27 -55.72 13.72
CA LYS B 145 22.91 -54.41 13.17
C LYS B 145 23.90 -54.03 12.07
N LEU B 146 25.18 -54.28 12.33
CA LEU B 146 26.25 -53.98 11.39
C LEU B 146 26.07 -54.68 10.04
N ASP B 147 25.64 -55.94 10.07
CA ASP B 147 25.43 -56.70 8.83
C ASP B 147 24.27 -56.16 8.00
N SER B 148 23.28 -55.56 8.64
CA SER B 148 22.12 -54.99 7.94
C SER B 148 22.37 -53.57 7.45
N ASN B 149 23.30 -52.86 8.09
CA ASN B 149 23.53 -51.44 7.78
C ASN B 149 24.89 -50.98 8.30
N ILE B 150 25.79 -50.66 7.39
CA ILE B 150 27.17 -50.33 7.73
C ILE B 150 27.28 -49.01 8.51
N GLN B 151 26.24 -48.19 8.40
CA GLN B 151 26.17 -46.95 9.16
C GLN B 151 26.38 -47.12 10.67
N TYR B 152 26.01 -48.28 11.21
CA TYR B 152 26.23 -48.55 12.64
C TYR B 152 27.71 -48.46 13.01
N ALA B 153 28.59 -48.86 12.10
CA ALA B 153 30.03 -48.73 12.32
C ALA B 153 30.42 -47.26 12.35
N ARG B 154 29.93 -46.51 11.37
CA ARG B 154 30.29 -45.10 11.22
C ARG B 154 29.87 -44.29 12.45
N VAL B 155 28.62 -44.48 12.88
CA VAL B 155 28.08 -43.76 14.04
C VAL B 155 28.75 -44.20 15.34
N LEU B 156 29.04 -45.50 15.49
CA LEU B 156 29.72 -45.98 16.69
C LEU B 156 31.11 -45.32 16.81
N ALA B 157 31.86 -45.27 15.72
CA ALA B 157 33.17 -44.66 15.75
C ALA B 157 33.06 -43.17 16.02
N SER B 158 32.07 -42.53 15.40
CA SER B 158 31.86 -41.08 15.55
C SER B 158 31.63 -40.72 17.01
N LEU B 159 30.83 -41.53 17.69
CA LEU B 159 30.52 -41.29 19.10
C LEU B 159 31.74 -41.59 19.99
N ALA B 160 32.48 -42.64 19.66
CA ALA B 160 33.64 -43.04 20.45
C ALA B 160 34.72 -41.94 20.42
N VAL B 161 34.95 -41.40 19.23
CA VAL B 161 35.93 -40.33 19.03
C VAL B 161 35.53 -39.04 19.76
N GLY B 162 34.23 -38.88 20.02
CA GLY B 162 33.71 -37.71 20.70
C GLY B 162 34.13 -37.65 22.16
N GLY B 163 34.24 -36.43 22.68
CA GLY B 163 34.64 -36.21 24.06
C GLY B 163 33.55 -36.52 25.06
N GLU B 164 33.91 -36.38 26.34
CA GLU B 164 33.04 -36.71 27.47
C GLU B 164 32.93 -35.53 28.42
N PRO C 8 13.00 -22.86 15.18
CA PRO C 8 14.17 -21.97 15.09
C PRO C 8 15.45 -22.74 14.81
N VAL C 9 15.49 -23.41 13.68
CA VAL C 9 16.60 -24.31 13.35
C VAL C 9 17.97 -23.60 13.46
N ALA C 10 18.04 -22.29 13.20
CA ALA C 10 19.33 -21.62 13.26
C ALA C 10 19.84 -21.21 14.65
N GLU C 11 19.00 -20.57 15.44
CA GLU C 11 19.38 -20.13 16.79
C GLU C 11 19.71 -21.30 17.70
N THR C 12 18.92 -22.38 17.61
CA THR C 12 19.20 -23.56 18.44
C THR C 12 20.46 -24.27 17.94
N ILE C 13 20.66 -24.35 16.63
CA ILE C 13 21.91 -24.92 16.11
C ILE C 13 23.11 -24.15 16.64
N SER C 14 23.01 -22.83 16.68
CA SER C 14 24.15 -22.02 17.10
C SER C 14 24.41 -22.18 18.58
N LYS C 15 23.38 -22.50 19.35
CA LYS C 15 23.55 -22.76 20.78
C LYS C 15 24.06 -24.18 21.03
N ARG C 16 23.26 -25.18 20.63
CA ARG C 16 23.53 -26.57 20.98
C ARG C 16 24.73 -27.17 20.24
N PHE C 17 24.90 -26.84 18.96
CA PHE C 17 25.92 -27.48 18.13
C PHE C 17 27.09 -26.56 17.80
N TRP C 18 27.28 -25.58 18.65
CA TRP C 18 28.36 -24.59 18.54
C TRP C 18 29.74 -25.18 18.37
N THR C 19 30.02 -26.30 19.03
CA THR C 19 31.33 -26.96 18.91
C THR C 19 31.56 -27.62 17.54
N LEU C 20 30.49 -28.11 16.91
CA LEU C 20 30.57 -28.64 15.55
C LEU C 20 30.79 -27.51 14.53
N ILE C 21 30.10 -26.40 14.72
CA ILE C 21 30.27 -25.22 13.86
C ILE C 21 31.74 -24.80 13.87
N LYS C 22 32.31 -24.76 15.08
CA LYS C 22 33.66 -24.33 15.28
C LYS C 22 34.68 -25.30 14.63
N MSE C 23 34.38 -26.60 14.70
CA MSE C 23 35.21 -27.62 14.05
C MSE C 23 35.18 -27.49 12.55
O MSE C 23 36.22 -27.52 11.90
CB MSE C 23 34.75 -29.04 14.41
CG MSE C 23 35.70 -30.10 13.85
SE MSE C 23 34.96 -31.93 14.00
CE MSE C 23 33.47 -31.82 12.72
N LEU C 24 33.98 -27.39 11.98
CA LEU C 24 33.84 -27.28 10.54
C LEU C 24 34.48 -26.00 10.01
N ARG C 25 34.42 -24.92 10.79
CA ARG C 25 35.06 -23.67 10.41
C ARG C 25 36.58 -23.85 10.37
N PHE C 26 37.11 -24.62 11.31
CA PHE C 26 38.53 -24.97 11.33
C PHE C 26 38.90 -25.62 10.00
N TYR C 27 38.08 -26.56 9.53
CA TYR C 27 38.31 -27.19 8.24
C TYR C 27 38.15 -26.24 7.05
N VAL C 28 37.26 -25.27 7.16
CA VAL C 28 37.10 -24.27 6.11
C VAL C 28 38.39 -23.46 5.97
N VAL C 29 38.96 -23.04 7.10
CA VAL C 29 40.20 -22.29 7.12
C VAL C 29 41.33 -23.08 6.44
N LEU C 30 41.36 -24.40 6.67
CA LEU C 30 42.35 -25.27 6.05
C LEU C 30 41.96 -25.66 4.61
N ARG C 31 40.81 -25.16 4.15
CA ARG C 31 40.28 -25.47 2.83
C ARG C 31 40.09 -26.96 2.57
N ARG C 32 39.74 -27.70 3.61
CA ARG C 32 39.40 -29.12 3.46
C ARG C 32 37.89 -29.24 3.28
N PHE C 33 37.45 -28.83 2.09
CA PHE C 33 36.03 -28.68 1.78
C PHE C 33 35.30 -30.00 1.57
N GLY C 34 36.04 -31.11 1.53
CA GLY C 34 35.44 -32.42 1.49
C GLY C 34 34.53 -32.65 2.68
N TYR C 35 34.82 -31.98 3.79
CA TYR C 35 34.01 -32.12 5.00
C TYR C 35 32.86 -31.11 5.07
N ILE C 36 32.81 -30.18 4.12
CA ILE C 36 31.78 -29.16 4.09
C ILE C 36 30.78 -29.39 2.96
N ASP C 37 31.29 -29.63 1.75
CA ASP C 37 30.46 -29.69 0.56
C ASP C 37 29.26 -30.63 0.66
N PRO C 38 29.46 -31.84 1.20
CA PRO C 38 28.31 -32.74 1.32
C PRO C 38 27.18 -32.19 2.19
N LEU C 39 27.51 -31.41 3.21
CA LEU C 39 26.48 -30.80 4.06
C LEU C 39 25.64 -29.77 3.30
N ILE C 40 26.18 -29.24 2.21
CA ILE C 40 25.49 -28.25 1.39
C ILE C 40 24.77 -28.86 0.19
N TYR C 41 25.40 -29.83 -0.47
CA TYR C 41 24.90 -30.35 -1.76
C TYR C 41 24.28 -31.74 -1.71
N SER C 42 24.63 -32.57 -0.74
CA SER C 42 24.11 -33.94 -0.69
C SER C 42 22.68 -33.96 -0.17
N ILE C 43 21.86 -34.80 -0.78
CA ILE C 43 20.47 -34.97 -0.34
C ILE C 43 20.32 -36.26 0.45
N ASP C 44 21.45 -36.88 0.81
CA ASP C 44 21.47 -38.17 1.51
C ASP C 44 22.07 -38.05 2.91
N PRO C 45 21.24 -38.27 3.95
CA PRO C 45 21.74 -38.22 5.33
C PRO C 45 22.86 -39.23 5.64
N LYS C 46 22.81 -40.41 5.02
CA LYS C 46 23.83 -41.44 5.21
C LYS C 46 25.19 -40.92 4.74
N GLN C 47 25.20 -40.28 3.58
CA GLN C 47 26.43 -39.72 3.01
C GLN C 47 26.99 -38.59 3.88
N ILE C 48 26.09 -37.78 4.45
CA ILE C 48 26.51 -36.68 5.32
C ILE C 48 27.09 -37.19 6.62
N LYS C 49 26.44 -38.20 7.20
CA LYS C 49 26.96 -38.83 8.42
C LYS C 49 28.31 -39.50 8.20
N ASP C 50 28.51 -40.12 7.03
CA ASP C 50 29.82 -40.68 6.64
C ASP C 50 30.89 -39.61 6.66
N VAL C 51 30.62 -38.49 6.03
CA VAL C 51 31.59 -37.42 5.92
C VAL C 51 31.93 -36.85 7.29
N LEU C 52 30.92 -36.68 8.14
CA LEU C 52 31.14 -36.15 9.47
C LEU C 52 31.94 -37.10 10.34
N SER C 53 31.71 -38.40 10.18
CA SER C 53 32.49 -39.39 10.92
C SER C 53 33.97 -39.32 10.51
N GLU C 54 34.22 -39.09 9.23
CA GLU C 54 35.59 -38.90 8.75
C GLU C 54 36.18 -37.59 9.27
N ALA C 55 35.35 -36.55 9.31
CA ALA C 55 35.77 -35.26 9.84
C ALA C 55 36.15 -35.38 11.32
N LEU C 56 35.33 -36.08 12.10
CA LEU C 56 35.58 -36.24 13.53
C LEU C 56 36.85 -37.05 13.78
N ARG C 57 37.08 -38.06 12.96
CA ARG C 57 38.27 -38.89 13.07
C ARG C 57 39.55 -38.12 12.74
N GLU C 58 39.54 -37.37 11.64
CA GLU C 58 40.71 -36.57 11.29
C GLU C 58 40.98 -35.53 12.36
N PHE C 59 39.92 -35.06 13.02
CA PHE C 59 40.06 -34.05 14.05
C PHE C 59 40.85 -34.56 15.25
N VAL C 60 40.72 -35.85 15.56
CA VAL C 60 41.50 -36.46 16.65
C VAL C 60 42.99 -36.49 16.30
N SER C 61 43.33 -36.65 15.03
CA SER C 61 44.73 -36.56 14.61
C SER C 61 45.30 -35.20 14.99
N TYR C 62 44.52 -34.16 14.76
CA TYR C 62 44.94 -32.81 15.09
C TYR C 62 45.03 -32.62 16.60
N THR C 63 43.97 -32.99 17.32
CA THR C 63 43.93 -32.74 18.76
C THR C 63 44.98 -33.55 19.50
N SER C 64 45.37 -34.69 18.93
CA SER C 64 46.38 -35.55 19.55
C SER C 64 47.82 -35.13 19.27
N SER C 65 48.03 -34.34 18.21
CA SER C 65 49.38 -33.98 17.76
C SER C 65 49.74 -32.54 18.08
N SER C 66 48.81 -31.82 18.70
CA SER C 66 48.96 -30.38 18.86
C SER C 66 50.18 -29.98 19.71
N SER C 67 50.64 -28.75 19.46
CA SER C 67 51.68 -28.08 20.24
C SER C 67 51.07 -26.82 20.84
N SER C 68 51.71 -26.27 21.87
CA SER C 68 51.25 -25.02 22.49
C SER C 68 52.09 -23.84 22.02
N ARG C 69 51.43 -22.69 21.87
CA ARG C 69 52.12 -21.44 21.55
C ARG C 69 51.49 -20.29 22.31
N SER C 70 52.27 -19.21 22.48
CA SER C 70 51.74 -17.96 23.00
C SER C 70 51.12 -17.21 21.84
N ILE C 71 49.80 -17.01 21.88
CA ILE C 71 49.08 -16.37 20.80
C ILE C 71 48.46 -15.06 21.27
N VAL C 72 48.22 -14.16 20.33
CA VAL C 72 47.57 -12.89 20.61
C VAL C 72 46.05 -13.09 20.60
N ILE C 73 45.43 -13.02 21.77
CA ILE C 73 43.98 -13.26 21.89
C ILE C 73 43.17 -11.98 21.82
N TYR C 74 43.83 -10.85 22.02
CA TYR C 74 43.20 -9.54 21.83
C TYR C 74 44.24 -8.60 21.23
N ASP C 75 44.08 -8.27 19.94
CA ASP C 75 45.10 -7.57 19.17
C ASP C 75 44.93 -6.05 19.16
N ASP C 76 45.72 -5.37 20.00
CA ASP C 76 45.70 -3.92 20.15
C ASP C 76 46.98 -3.24 19.58
N PRO C 80 48.44 -5.26 23.50
CA PRO C 80 48.03 -6.60 23.08
C PRO C 80 48.02 -7.62 24.23
N VAL C 81 46.95 -8.39 24.33
CA VAL C 81 46.85 -9.47 25.31
C VAL C 81 47.22 -10.81 24.69
N THR C 82 48.17 -11.53 25.31
CA THR C 82 48.59 -12.86 24.86
C THR C 82 48.22 -13.95 25.87
N ALA C 83 48.13 -15.18 25.38
CA ALA C 83 47.81 -16.33 26.22
C ALA C 83 48.35 -17.63 25.61
N GLN C 84 48.61 -18.61 26.45
CA GLN C 84 49.01 -19.95 25.98
C GLN C 84 47.80 -20.69 25.45
N ALA C 85 47.95 -21.26 24.27
CA ALA C 85 46.86 -22.01 23.65
C ALA C 85 47.42 -23.18 22.85
N PRO C 86 46.64 -24.27 22.76
CA PRO C 86 46.99 -25.37 21.88
C PRO C 86 46.72 -25.02 20.42
N CYS C 87 47.71 -25.26 19.56
CA CYS C 87 47.57 -24.98 18.13
C CYS C 87 47.50 -26.28 17.37
N LEU C 88 46.35 -26.54 16.75
CA LEU C 88 46.15 -27.76 16.00
C LEU C 88 46.99 -27.75 14.73
N VAL C 89 47.10 -26.58 14.10
CA VAL C 89 48.01 -26.38 12.98
C VAL C 89 48.77 -25.07 13.17
N VAL C 90 50.08 -25.12 12.95
CA VAL C 90 50.90 -23.91 12.90
C VAL C 90 51.25 -23.65 11.44
N ALA C 91 50.71 -22.56 10.87
CA ALA C 91 50.85 -22.29 9.45
C ALA C 91 51.72 -21.08 9.21
N LYS C 92 52.54 -21.16 8.17
CA LYS C 92 53.27 -20.01 7.69
C LYS C 92 52.28 -19.04 7.06
N ARG C 93 52.58 -17.75 7.16
CA ARG C 93 51.69 -16.71 6.67
C ARG C 93 51.25 -16.94 5.21
N ASP C 94 52.17 -17.42 4.38
CA ASP C 94 51.89 -17.67 2.96
C ASP C 94 51.22 -19.02 2.64
N GLU C 95 50.82 -19.76 3.68
CA GLU C 95 50.06 -21.00 3.51
C GLU C 95 48.56 -20.80 3.78
N ILE C 96 48.19 -19.58 4.16
CA ILE C 96 46.81 -19.24 4.47
C ILE C 96 46.38 -18.09 3.55
N PRO C 97 45.18 -18.19 2.95
CA PRO C 97 44.65 -17.10 2.11
C PRO C 97 44.68 -15.74 2.81
N GLN C 98 45.08 -14.70 2.09
CA GLN C 98 45.29 -13.38 2.68
C GLN C 98 44.07 -12.81 3.40
N ASN C 99 42.89 -13.07 2.86
CA ASN C 99 41.66 -12.55 3.45
C ASN C 99 41.18 -13.31 4.68
N PHE C 100 41.68 -14.53 4.88
CA PHE C 100 41.15 -15.40 5.92
C PHE C 100 41.36 -14.92 7.36
N PRO C 101 42.56 -14.43 7.70
CA PRO C 101 42.79 -13.98 9.08
C PRO C 101 41.77 -12.96 9.57
N SER C 102 41.34 -12.06 8.70
CA SER C 102 40.36 -11.03 9.11
C SER C 102 38.91 -11.54 9.06
N ILE C 103 38.67 -12.64 8.35
CA ILE C 103 37.32 -13.23 8.29
C ILE C 103 37.11 -14.17 9.46
N TYR C 104 38.02 -15.13 9.61
CA TYR C 104 37.89 -16.16 10.63
C TYR C 104 38.79 -15.82 11.83
N ARG C 105 38.44 -14.74 12.52
CA ARG C 105 39.31 -14.11 13.53
C ARG C 105 39.49 -14.92 14.80
N TYR C 106 38.57 -15.83 15.08
CA TYR C 106 38.67 -16.66 16.28
C TYR C 106 39.04 -18.09 15.96
N THR C 107 39.52 -18.29 14.73
CA THR C 107 40.08 -19.57 14.28
C THR C 107 41.55 -19.41 13.83
N ILE C 108 41.94 -18.19 13.47
CA ILE C 108 43.31 -17.89 13.04
C ILE C 108 43.89 -16.84 13.99
N TYR C 109 44.98 -17.19 14.67
CA TYR C 109 45.57 -16.31 15.67
C TYR C 109 47.03 -16.02 15.38
N LYS C 110 47.45 -14.78 15.62
CA LYS C 110 48.85 -14.42 15.49
C LYS C 110 49.63 -15.05 16.64
N ILE C 111 50.74 -15.72 16.32
CA ILE C 111 51.64 -16.22 17.33
C ILE C 111 52.59 -15.10 17.72
N ASP C 112 52.65 -14.80 19.01
CA ASP C 112 53.42 -13.67 19.52
C ASP C 112 54.90 -13.80 19.17
N LYS C 113 55.52 -12.68 18.77
CA LYS C 113 56.94 -12.61 18.39
C LYS C 113 57.25 -13.54 17.21
N SER C 114 56.33 -13.58 16.25
CA SER C 114 56.43 -14.48 15.11
C SER C 114 55.45 -14.05 14.03
N SER C 115 55.73 -14.44 12.78
CA SER C 115 54.83 -14.14 11.67
C SER C 115 53.86 -15.29 11.41
N GLU C 116 54.12 -16.45 12.01
CA GLU C 116 53.30 -17.64 11.81
C GLU C 116 51.92 -17.51 12.48
N TYR C 117 50.97 -18.29 12.00
CA TYR C 117 49.61 -18.30 12.51
C TYR C 117 49.29 -19.58 13.29
N CYS C 118 48.51 -19.44 14.35
CA CYS C 118 47.93 -20.57 15.08
C CYS C 118 46.55 -20.79 14.49
N ILE C 119 46.34 -21.95 13.88
CA ILE C 119 45.01 -22.28 13.33
C ILE C 119 44.38 -23.35 14.21
N SER C 120 43.29 -22.96 14.87
CA SER C 120 42.77 -23.77 15.96
C SER C 120 41.39 -23.25 16.36
N PRO C 121 40.41 -24.16 16.57
CA PRO C 121 39.10 -23.73 17.01
C PRO C 121 39.09 -23.37 18.50
N LEU C 122 39.50 -22.14 18.81
CA LEU C 122 39.59 -21.67 20.19
C LEU C 122 38.47 -20.69 20.51
N VAL C 123 38.14 -20.60 21.79
CA VAL C 123 37.24 -19.58 22.28
C VAL C 123 38.02 -18.73 23.27
N VAL C 124 37.89 -17.41 23.13
CA VAL C 124 38.57 -16.47 24.00
C VAL C 124 37.62 -16.00 25.08
N ASN C 125 38.07 -16.06 26.34
CA ASN C 125 37.30 -15.60 27.50
C ASN C 125 38.21 -14.78 28.38
N ASP C 126 38.07 -13.46 28.32
CA ASP C 126 38.91 -12.52 29.08
C ASP C 126 40.42 -12.70 28.82
N LYS C 127 41.04 -13.60 29.57
CA LYS C 127 42.50 -13.78 29.57
C LYS C 127 42.92 -15.19 29.13
N TYR C 128 41.96 -16.11 28.93
CA TYR C 128 42.26 -17.49 28.52
C TYR C 128 41.77 -17.79 27.10
N ALA C 129 42.42 -18.76 26.46
CA ALA C 129 41.97 -19.33 25.20
C ALA C 129 41.78 -20.82 25.43
N THR C 130 40.64 -21.34 24.98
CA THR C 130 40.26 -22.73 25.25
C THR C 130 39.94 -23.49 23.98
N LEU C 131 40.54 -24.67 23.84
CA LEU C 131 40.25 -25.56 22.71
C LEU C 131 38.85 -26.14 22.84
N ILE C 132 38.13 -26.11 21.73
CA ILE C 132 36.75 -26.54 21.68
C ILE C 132 36.69 -27.78 20.82
N THR C 133 36.21 -28.89 21.38
CA THR C 133 36.05 -30.12 20.62
C THR C 133 34.64 -30.68 20.82
N PRO C 134 34.04 -31.25 19.78
CA PRO C 134 32.68 -31.77 19.90
C PRO C 134 32.61 -33.01 20.78
N ASN C 135 31.68 -33.00 21.74
CA ASN C 135 31.51 -34.13 22.64
C ASN C 135 30.43 -35.08 22.13
N GLU C 136 30.34 -36.25 22.75
CA GLU C 136 29.43 -37.29 22.30
C GLU C 136 27.98 -36.83 22.20
N SER C 137 27.51 -36.09 23.20
CA SER C 137 26.15 -35.58 23.23
C SER C 137 25.82 -34.78 21.99
N VAL C 138 26.71 -33.87 21.64
CA VAL C 138 26.48 -32.99 20.50
C VAL C 138 26.41 -33.81 19.20
N ILE C 139 27.32 -34.77 19.05
CA ILE C 139 27.37 -35.60 17.84
C ILE C 139 26.09 -36.40 17.71
N LYS C 140 25.72 -37.07 18.80
CA LYS C 140 24.50 -37.86 18.86
C LYS C 140 23.27 -37.03 18.47
N GLU C 141 23.10 -35.88 19.12
CA GLU C 141 21.96 -35.00 18.86
C GLU C 141 21.90 -34.53 17.44
N PHE C 142 23.03 -34.10 16.90
CA PHE C 142 23.05 -33.60 15.54
C PHE C 142 22.69 -34.68 14.53
N PHE C 143 23.27 -35.86 14.69
CA PHE C 143 22.95 -37.00 13.82
C PHE C 143 21.45 -37.30 13.81
N ASP C 144 20.81 -37.24 14.98
CA ASP C 144 19.38 -37.47 15.09
C ASP C 144 18.55 -36.38 14.41
N LYS C 145 18.89 -35.12 14.66
CA LYS C 145 18.21 -33.99 14.01
C LYS C 145 18.36 -34.10 12.49
N LEU C 146 19.58 -34.44 12.06
CA LEU C 146 19.89 -34.59 10.64
C LEU C 146 19.00 -35.62 9.95
N ASP C 147 18.73 -36.73 10.62
CA ASP C 147 17.89 -37.79 10.04
C ASP C 147 16.43 -37.36 9.87
N SER C 148 15.96 -36.46 10.73
CA SER C 148 14.59 -35.97 10.66
C SER C 148 14.43 -34.81 9.68
N ASN C 149 15.52 -34.08 9.42
CA ASN C 149 15.45 -32.87 8.60
C ASN C 149 16.83 -32.47 8.08
N ILE C 150 17.02 -32.57 6.77
CA ILE C 150 18.32 -32.38 6.15
C ILE C 150 18.78 -30.91 6.23
N GLN C 151 17.83 -30.01 6.47
CA GLN C 151 18.14 -28.59 6.69
C GLN C 151 19.20 -28.35 7.79
N TYR C 152 19.27 -29.23 8.78
CA TYR C 152 20.30 -29.11 9.83
C TYR C 152 21.71 -29.13 9.25
N ALA C 153 21.92 -29.92 8.20
CA ALA C 153 23.21 -29.93 7.52
C ALA C 153 23.46 -28.60 6.83
N ARG C 154 22.46 -28.11 6.12
CA ARG C 154 22.58 -26.87 5.35
C ARG C 154 22.92 -25.69 6.26
N VAL C 155 22.18 -25.56 7.35
CA VAL C 155 22.37 -24.45 8.28
C VAL C 155 23.70 -24.58 9.03
N LEU C 156 24.08 -25.80 9.42
CA LEU C 156 25.35 -26.00 10.10
C LEU C 156 26.52 -25.56 9.22
N ALA C 157 26.49 -25.95 7.95
CA ALA C 157 27.55 -25.57 7.03
C ALA C 157 27.53 -24.07 6.80
N SER C 158 26.34 -23.50 6.66
CA SER C 158 26.18 -22.06 6.42
C SER C 158 26.82 -21.25 7.54
N LEU C 159 26.60 -21.68 8.78
CA LEU C 159 27.14 -20.99 9.93
C LEU C 159 28.65 -21.20 10.03
N ALA C 160 29.13 -22.39 9.71
CA ALA C 160 30.57 -22.69 9.79
C ALA C 160 31.36 -21.83 8.80
N VAL C 161 30.84 -21.71 7.58
CA VAL C 161 31.46 -20.92 6.53
C VAL C 161 31.47 -19.43 6.87
N GLY C 162 30.56 -19.01 7.74
CA GLY C 162 30.47 -17.62 8.18
C GLY C 162 31.65 -17.18 9.01
N GLY C 163 31.96 -15.88 8.95
CA GLY C 163 33.07 -15.32 9.70
C GLY C 163 32.77 -15.13 11.17
N GLU C 164 33.79 -14.68 11.90
CA GLU C 164 33.75 -14.54 13.35
C GLU C 164 34.13 -13.12 13.74
N PRO D 8 9.56 -2.15 10.28
CA PRO D 8 10.41 -1.53 9.26
C PRO D 8 11.32 -2.55 8.59
N VAL D 9 10.72 -3.54 7.94
CA VAL D 9 11.48 -4.66 7.38
C VAL D 9 12.63 -4.18 6.46
N ALA D 10 12.47 -3.04 5.77
CA ALA D 10 13.53 -2.60 4.85
C ALA D 10 14.72 -1.86 5.46
N GLU D 11 14.46 -0.88 6.31
CA GLU D 11 15.53 -0.10 6.97
C GLU D 11 16.38 -0.99 7.88
N THR D 12 15.75 -1.90 8.61
CA THR D 12 16.48 -2.80 9.48
C THR D 12 17.28 -3.81 8.67
N ILE D 13 16.69 -4.33 7.59
CA ILE D 13 17.46 -5.23 6.72
C ILE D 13 18.69 -4.53 6.18
N SER D 14 18.56 -3.26 5.80
CA SER D 14 19.70 -2.56 5.22
C SER D 14 20.77 -2.28 6.26
N LYS D 15 20.39 -2.17 7.52
CA LYS D 15 21.37 -2.00 8.60
C LYS D 15 22.00 -3.34 9.00
N ARG D 16 21.17 -4.27 9.49
CA ARG D 16 21.66 -5.50 10.09
C ARG D 16 22.25 -6.49 9.09
N PHE D 17 21.64 -6.60 7.90
CA PHE D 17 22.02 -7.63 6.92
C PHE D 17 22.75 -7.04 5.71
N TRP D 18 23.34 -5.88 5.91
CA TRP D 18 24.11 -5.18 4.90
C TRP D 18 25.17 -6.01 4.20
N THR D 19 25.84 -6.89 4.93
CA THR D 19 26.88 -7.75 4.36
C THR D 19 26.32 -8.82 3.42
N LEU D 20 25.11 -9.31 3.71
CA LEU D 20 24.43 -10.25 2.80
C LEU D 20 23.97 -9.55 1.53
N ILE D 21 23.44 -8.34 1.66
CA ILE D 21 23.05 -7.52 0.51
C ILE D 21 24.23 -7.36 -0.44
N LYS D 22 25.38 -7.03 0.15
CA LYS D 22 26.60 -6.78 -0.59
C LYS D 22 27.10 -8.06 -1.29
N MSE D 23 26.97 -9.21 -0.64
CA MSE D 23 27.32 -10.50 -1.24
C MSE D 23 26.42 -10.85 -2.40
O MSE D 23 26.90 -11.23 -3.46
CB MSE D 23 27.22 -11.64 -0.21
CG MSE D 23 27.72 -12.95 -0.79
SE MSE D 23 27.30 -14.51 0.36
CE MSE D 23 25.33 -14.46 0.17
N LEU D 24 25.11 -10.73 -2.20
CA LEU D 24 24.16 -11.06 -3.25
C LEU D 24 24.32 -10.12 -4.46
N ARG D 25 24.68 -8.86 -4.19
CA ARG D 25 24.92 -7.90 -5.27
C ARG D 25 26.13 -8.32 -6.09
N PHE D 26 27.15 -8.85 -5.40
CA PHE D 26 28.33 -9.40 -6.06
C PHE D 26 27.92 -10.48 -7.03
N TYR D 27 27.03 -11.36 -6.61
CA TYR D 27 26.49 -12.39 -7.51
C TYR D 27 25.63 -11.84 -8.65
N VAL D 28 24.91 -10.74 -8.42
CA VAL D 28 24.13 -10.12 -9.47
C VAL D 28 25.06 -9.62 -10.56
N VAL D 29 26.15 -8.98 -10.15
CA VAL D 29 27.13 -8.47 -11.12
C VAL D 29 27.69 -9.60 -11.97
N LEU D 30 27.93 -10.75 -11.35
CA LEU D 30 28.42 -11.93 -12.08
C LEU D 30 27.29 -12.66 -12.80
N ARG D 31 26.07 -12.15 -12.69
CA ARG D 31 24.88 -12.77 -13.29
C ARG D 31 24.65 -14.22 -12.86
N ARG D 32 25.00 -14.53 -11.62
CA ARG D 32 24.73 -15.85 -11.07
C ARG D 32 23.40 -15.78 -10.33
N PHE D 33 22.34 -15.70 -11.13
CA PHE D 33 20.99 -15.43 -10.65
C PHE D 33 20.33 -16.62 -9.96
N GLY D 34 20.96 -17.78 -10.03
CA GLY D 34 20.52 -18.93 -9.24
C GLY D 34 20.49 -18.63 -7.76
N TYR D 35 21.32 -17.70 -7.31
CA TYR D 35 21.36 -17.33 -5.90
C TYR D 35 20.42 -16.18 -5.57
N ILE D 36 19.78 -15.60 -6.58
CA ILE D 36 18.86 -14.48 -6.38
C ILE D 36 17.41 -14.90 -6.60
N ASP D 37 17.16 -15.56 -7.72
CA ASP D 37 15.78 -15.85 -8.15
C ASP D 37 14.92 -16.51 -7.07
N PRO D 38 15.45 -17.51 -6.36
CA PRO D 38 14.62 -18.14 -5.34
C PRO D 38 14.16 -17.17 -4.24
N LEU D 39 14.99 -16.16 -3.91
CA LEU D 39 14.61 -15.17 -2.91
C LEU D 39 13.42 -14.30 -3.38
N ILE D 40 13.21 -14.23 -4.69
CA ILE D 40 12.12 -13.45 -5.27
C ILE D 40 10.88 -14.28 -5.57
N TYR D 41 11.07 -15.50 -6.08
CA TYR D 41 9.95 -16.30 -6.59
C TYR D 41 9.53 -17.50 -5.74
N SER D 42 10.42 -18.03 -4.90
CA SER D 42 10.10 -19.21 -4.10
C SER D 42 9.23 -18.85 -2.91
N ILE D 43 8.25 -19.69 -2.62
CA ILE D 43 7.39 -19.50 -1.45
C ILE D 43 7.80 -20.44 -0.32
N ASP D 44 8.97 -21.09 -0.46
CA ASP D 44 9.44 -22.10 0.48
C ASP D 44 10.73 -21.65 1.18
N PRO D 45 10.67 -21.42 2.51
CA PRO D 45 11.85 -21.02 3.25
C PRO D 45 13.00 -22.03 3.20
N LYS D 46 12.66 -23.32 3.16
CA LYS D 46 13.67 -24.37 3.08
C LYS D 46 14.48 -24.24 1.79
N GLN D 47 13.79 -24.00 0.68
CA GLN D 47 14.43 -23.85 -0.62
C GLN D 47 15.32 -22.61 -0.65
N ILE D 48 14.86 -21.54 -0.01
CA ILE D 48 15.65 -20.30 0.05
C ILE D 48 16.91 -20.47 0.90
N LYS D 49 16.77 -21.13 2.04
CA LYS D 49 17.91 -21.42 2.90
C LYS D 49 18.93 -22.33 2.21
N ASP D 50 18.45 -23.31 1.44
CA ASP D 50 19.33 -24.14 0.62
C ASP D 50 20.16 -23.30 -0.34
N VAL D 51 19.52 -22.40 -1.04
CA VAL D 51 20.19 -21.61 -2.04
C VAL D 51 21.23 -20.70 -1.38
N LEU D 52 20.88 -20.12 -0.23
CA LEU D 52 21.80 -19.24 0.47
C LEU D 52 23.00 -20.00 1.01
N SER D 53 22.77 -21.24 1.46
CA SER D 53 23.89 -22.06 1.93
C SER D 53 24.85 -22.33 0.78
N GLU D 54 24.31 -22.56 -0.42
CA GLU D 54 25.14 -22.76 -1.59
C GLU D 54 25.85 -21.47 -1.97
N ALA D 55 25.16 -20.34 -1.83
CA ALA D 55 25.75 -19.02 -2.11
C ALA D 55 26.91 -18.74 -1.15
N LEU D 56 26.71 -19.02 0.13
CA LEU D 56 27.75 -18.80 1.14
C LEU D 56 28.97 -19.69 0.91
N ARG D 57 28.73 -20.93 0.50
CA ARG D 57 29.81 -21.86 0.21
C ARG D 57 30.62 -21.45 -1.02
N GLU D 58 29.95 -21.07 -2.11
CA GLU D 58 30.66 -20.63 -3.29
C GLU D 58 31.44 -19.35 -2.98
N PHE D 59 30.92 -18.55 -2.07
CA PHE D 59 31.60 -17.31 -1.69
C PHE D 59 32.96 -17.57 -1.04
N VAL D 60 33.09 -18.66 -0.30
CA VAL D 60 34.38 -19.02 0.31
C VAL D 60 35.41 -19.38 -0.77
N SER D 61 34.96 -19.98 -1.87
CA SER D 61 35.86 -20.24 -2.99
C SER D 61 36.47 -18.95 -3.50
N TYR D 62 35.65 -17.92 -3.57
CA TYR D 62 36.11 -16.61 -4.04
C TYR D 62 37.04 -15.98 -3.00
N THR D 63 36.62 -15.93 -1.75
CA THR D 63 37.41 -15.27 -0.71
C THR D 63 38.73 -15.98 -0.45
N SER D 64 38.79 -17.28 -0.70
CA SER D 64 40.00 -18.06 -0.50
C SER D 64 40.99 -17.98 -1.65
N SER D 65 40.52 -17.60 -2.84
CA SER D 65 41.34 -17.62 -4.06
C SER D 65 41.75 -16.23 -4.50
N SER D 66 41.32 -15.22 -3.77
CA SER D 66 41.46 -13.85 -4.23
C SER D 66 42.92 -13.41 -4.40
N SER D 67 43.09 -12.42 -5.27
CA SER D 67 44.35 -11.72 -5.51
C SER D 67 44.14 -10.25 -5.15
N SER D 68 45.23 -9.52 -4.93
CA SER D 68 45.15 -8.09 -4.66
C SER D 68 45.48 -7.29 -5.90
N ARG D 69 44.81 -6.16 -6.07
CA ARG D 69 45.14 -5.20 -7.12
C ARG D 69 45.01 -3.77 -6.61
N SER D 70 45.70 -2.86 -7.30
CA SER D 70 45.50 -1.44 -7.05
C SER D 70 44.27 -1.00 -7.85
N ILE D 71 43.23 -0.59 -7.14
CA ILE D 71 41.97 -0.21 -7.77
C ILE D 71 41.67 1.27 -7.54
N VAL D 72 40.87 1.85 -8.43
CA VAL D 72 40.44 3.22 -8.30
C VAL D 72 39.23 3.27 -7.37
N ILE D 73 39.41 3.82 -6.17
CA ILE D 73 38.33 3.88 -5.18
C ILE D 73 37.55 5.20 -5.22
N TYR D 74 38.14 6.21 -5.87
CA TYR D 74 37.44 7.46 -6.12
C TYR D 74 37.83 7.91 -7.52
N ASP D 75 36.89 7.80 -8.45
CA ASP D 75 37.18 7.94 -9.87
C ASP D 75 36.97 9.36 -10.38
N ASP D 76 38.07 10.09 -10.51
CA ASP D 76 38.05 11.45 -10.98
C ASP D 76 38.76 11.39 -12.30
N PRO D 77 38.28 12.12 -13.31
CA PRO D 77 39.10 12.12 -14.53
C PRO D 77 40.54 12.63 -14.31
N LYS D 78 40.75 13.51 -13.34
CA LYS D 78 42.00 14.23 -13.22
C LYS D 78 42.84 13.78 -12.01
N ASN D 79 42.22 13.56 -10.86
CA ASN D 79 42.93 13.14 -9.65
C ASN D 79 42.32 11.90 -9.02
N PRO D 80 42.40 10.77 -9.72
CA PRO D 80 41.85 9.52 -9.20
C PRO D 80 42.59 9.05 -7.95
N VAL D 81 41.84 8.65 -6.93
CA VAL D 81 42.44 8.06 -5.72
C VAL D 81 42.44 6.53 -5.86
N THR D 82 43.61 5.90 -5.64
CA THR D 82 43.75 4.45 -5.72
C THR D 82 44.09 3.81 -4.38
N ALA D 83 43.79 2.52 -4.25
CA ALA D 83 44.04 1.75 -3.03
C ALA D 83 44.22 0.27 -3.33
N GLN D 84 44.98 -0.43 -2.50
CA GLN D 84 45.11 -1.89 -2.60
C GLN D 84 43.85 -2.53 -2.05
N ALA D 85 43.31 -3.45 -2.83
CA ALA D 85 42.08 -4.15 -2.45
C ALA D 85 42.11 -5.59 -2.93
N PRO D 86 41.49 -6.52 -2.17
CA PRO D 86 41.33 -7.88 -2.63
C PRO D 86 40.24 -7.98 -3.70
N CYS D 87 40.57 -8.64 -4.80
CA CYS D 87 39.64 -8.80 -5.90
C CYS D 87 39.20 -10.25 -5.98
N LEU D 88 37.92 -10.49 -5.71
CA LEU D 88 37.38 -11.84 -5.74
C LEU D 88 37.34 -12.36 -7.17
N VAL D 89 37.01 -11.48 -8.11
CA VAL D 89 37.09 -11.81 -9.54
C VAL D 89 37.76 -10.66 -10.26
N VAL D 90 38.70 -10.98 -11.15
CA VAL D 90 39.27 -10.01 -12.09
C VAL D 90 38.65 -10.30 -13.46
N ALA D 91 37.85 -9.38 -13.95
CA ALA D 91 37.11 -9.59 -15.20
C ALA D 91 37.63 -8.68 -16.30
N LYS D 92 37.69 -9.23 -17.51
CA LYS D 92 37.96 -8.43 -18.69
C LYS D 92 36.75 -7.55 -18.95
N ARG D 93 36.99 -6.37 -19.51
CA ARG D 93 35.95 -5.39 -19.77
C ARG D 93 34.76 -5.98 -20.53
N ASP D 94 35.04 -6.86 -21.49
CA ASP D 94 34.00 -7.48 -22.33
C ASP D 94 33.32 -8.72 -21.70
N GLU D 95 33.62 -9.01 -20.43
CA GLU D 95 32.96 -10.09 -19.70
C GLU D 95 31.90 -9.55 -18.73
N ILE D 96 31.76 -8.23 -18.68
CA ILE D 96 30.80 -7.57 -17.81
C ILE D 96 29.89 -6.68 -18.65
N PRO D 97 28.57 -6.73 -18.41
CA PRO D 97 27.62 -5.89 -19.15
C PRO D 97 28.00 -4.42 -19.11
N GLN D 98 27.88 -3.73 -20.24
CA GLN D 98 28.32 -2.35 -20.37
C GLN D 98 27.72 -1.41 -19.34
N ASN D 99 26.46 -1.60 -19.00
CA ASN D 99 25.76 -0.73 -18.07
C ASN D 99 26.11 -0.98 -16.60
N PHE D 100 26.68 -2.15 -16.31
CA PHE D 100 26.87 -2.56 -14.92
C PHE D 100 27.87 -1.71 -14.11
N PRO D 101 29.03 -1.35 -14.69
CA PRO D 101 29.98 -0.54 -13.93
C PRO D 101 29.41 0.75 -13.35
N SER D 102 28.51 1.40 -14.07
CA SER D 102 27.90 2.64 -13.59
C SER D 102 26.70 2.39 -12.66
N ILE D 103 26.12 1.19 -12.68
CA ILE D 103 25.02 0.85 -11.79
C ILE D 103 25.57 0.36 -10.44
N TYR D 104 26.44 -0.65 -10.50
CA TYR D 104 26.97 -1.27 -9.30
C TYR D 104 28.38 -0.73 -9.00
N ARG D 105 28.44 0.57 -8.68
CA ARG D 105 29.71 1.30 -8.60
C ARG D 105 30.64 0.92 -7.46
N TYR D 106 30.09 0.29 -6.41
CA TYR D 106 30.90 -0.11 -5.27
C TYR D 106 31.07 -1.63 -5.22
N THR D 107 30.76 -2.28 -6.35
CA THR D 107 31.03 -3.69 -6.55
C THR D 107 31.97 -3.93 -7.75
N ILE D 108 32.03 -2.98 -8.68
CA ILE D 108 32.87 -3.06 -9.87
C ILE D 108 33.83 -1.89 -9.83
N TYR D 109 35.13 -2.19 -9.83
CA TYR D 109 36.15 -1.15 -9.70
C TYR D 109 37.14 -1.23 -10.84
N LYS D 110 37.56 -0.07 -11.33
CA LYS D 110 38.61 -0.01 -12.34
C LYS D 110 39.94 -0.38 -11.69
N ILE D 111 40.69 -1.28 -12.31
CA ILE D 111 42.04 -1.59 -11.86
C ILE D 111 42.97 -0.59 -12.50
N ASP D 112 43.76 0.10 -11.67
CA ASP D 112 44.62 1.19 -12.13
C ASP D 112 45.62 0.72 -13.16
N LYS D 113 45.82 1.54 -14.20
CA LYS D 113 46.76 1.25 -15.29
C LYS D 113 46.39 -0.05 -16.02
N SER D 114 45.09 -0.24 -16.23
CA SER D 114 44.56 -1.45 -16.82
C SER D 114 43.12 -1.24 -17.25
N SER D 115 42.66 -2.04 -18.19
CA SER D 115 41.27 -1.97 -18.66
C SER D 115 40.38 -2.96 -17.90
N GLU D 116 40.99 -3.90 -17.18
CA GLU D 116 40.26 -4.92 -16.44
C GLU D 116 39.52 -4.35 -15.22
N TYR D 117 38.50 -5.08 -14.78
CA TYR D 117 37.69 -4.70 -13.63
C TYR D 117 37.94 -5.60 -12.42
N CYS D 118 37.91 -5.00 -11.23
CA CYS D 118 37.93 -5.73 -9.95
C CYS D 118 36.49 -5.88 -9.54
N ILE D 119 36.01 -7.12 -9.47
CA ILE D 119 34.63 -7.37 -9.06
C ILE D 119 34.68 -7.97 -7.66
N SER D 120 34.15 -7.22 -6.69
CA SER D 120 34.40 -7.54 -5.31
C SER D 120 33.50 -6.71 -4.40
N PRO D 121 32.88 -7.32 -3.37
CA PRO D 121 32.01 -6.56 -2.48
C PRO D 121 32.83 -5.77 -1.48
N LEU D 122 33.27 -4.59 -1.91
CA LEU D 122 34.12 -3.75 -1.09
C LEU D 122 33.34 -2.56 -0.56
N VAL D 123 33.80 -2.02 0.55
CA VAL D 123 33.32 -0.75 1.06
C VAL D 123 34.49 0.21 1.06
N VAL D 124 34.25 1.41 0.55
CA VAL D 124 35.26 2.45 0.47
C VAL D 124 35.10 3.40 1.65
N ASN D 125 36.20 3.69 2.33
CA ASN D 125 36.24 4.62 3.47
C ASN D 125 37.44 5.53 3.31
N ASP D 126 37.19 6.74 2.81
CA ASP D 126 38.24 7.73 2.45
C ASP D 126 39.32 7.15 1.50
N LYS D 127 40.31 6.48 2.08
CA LYS D 127 41.48 6.05 1.39
C LYS D 127 41.64 4.54 1.30
N TYR D 128 40.84 3.80 2.05
CA TYR D 128 40.94 2.34 2.10
C TYR D 128 39.73 1.68 1.46
N ALA D 129 39.93 0.45 0.99
CA ALA D 129 38.85 -0.42 0.53
C ALA D 129 38.89 -1.68 1.36
N THR D 130 37.72 -2.12 1.84
CA THR D 130 37.64 -3.25 2.74
C THR D 130 36.69 -4.32 2.21
N LEU D 131 37.16 -5.57 2.19
CA LEU D 131 36.31 -6.69 1.81
C LEU D 131 35.27 -6.96 2.90
N ILE D 132 34.04 -7.14 2.44
CA ILE D 132 32.89 -7.34 3.32
C ILE D 132 32.41 -8.78 3.13
N THR D 133 32.40 -9.55 4.21
CA THR D 133 31.88 -10.92 4.17
C THR D 133 30.88 -11.16 5.29
N PRO D 134 29.82 -11.93 5.01
CA PRO D 134 28.81 -12.17 6.04
C PRO D 134 29.31 -13.03 7.17
N ASN D 135 29.10 -12.58 8.40
CA ASN D 135 29.54 -13.34 9.58
C ASN D 135 28.40 -14.20 10.13
N GLU D 136 28.74 -15.08 11.05
CA GLU D 136 27.81 -16.08 11.56
C GLU D 136 26.55 -15.45 12.14
N SER D 137 26.70 -14.37 12.90
CA SER D 137 25.57 -13.66 13.49
C SER D 137 24.55 -13.26 12.45
N VAL D 138 25.02 -12.66 11.38
CA VAL D 138 24.14 -12.15 10.35
C VAL D 138 23.38 -13.30 9.68
N ILE D 139 24.08 -14.39 9.39
CA ILE D 139 23.49 -15.56 8.73
C ILE D 139 22.41 -16.16 9.61
N LYS D 140 22.75 -16.38 10.88
CA LYS D 140 21.84 -16.89 11.88
C LYS D 140 20.57 -16.05 11.96
N GLU D 141 20.74 -14.75 12.16
CA GLU D 141 19.61 -13.83 12.29
C GLU D 141 18.72 -13.82 11.07
N PHE D 142 19.32 -13.76 9.89
CA PHE D 142 18.53 -13.73 8.67
C PHE D 142 17.71 -14.99 8.48
N PHE D 143 18.33 -16.14 8.69
CA PHE D 143 17.65 -17.42 8.61
C PHE D 143 16.43 -17.46 9.53
N ASP D 144 16.57 -16.94 10.74
CA ASP D 144 15.47 -16.90 11.70
C ASP D 144 14.36 -15.96 11.25
N LYS D 145 14.71 -14.76 10.83
CA LYS D 145 13.72 -13.81 10.34
C LYS D 145 12.98 -14.41 9.14
N LEU D 146 13.74 -15.05 8.25
CA LEU D 146 13.19 -15.68 7.06
C LEU D 146 12.12 -16.72 7.37
N ASP D 147 12.34 -17.51 8.41
CA ASP D 147 11.38 -18.55 8.80
C ASP D 147 10.07 -17.96 9.34
N SER D 148 10.13 -16.78 9.93
CA SER D 148 8.94 -16.13 10.47
C SER D 148 8.19 -15.32 9.42
N ASN D 149 8.89 -14.89 8.37
CA ASN D 149 8.30 -14.00 7.37
C ASN D 149 9.12 -14.01 6.07
N ILE D 150 8.52 -14.55 5.01
CA ILE D 150 9.22 -14.74 3.74
C ILE D 150 9.56 -13.41 3.04
N GLN D 151 8.88 -12.34 3.44
CA GLN D 151 9.18 -11.00 2.95
C GLN D 151 10.65 -10.59 3.12
N TYR D 152 11.33 -11.13 4.13
CA TYR D 152 12.76 -10.85 4.32
C TYR D 152 13.59 -11.26 3.11
N ALA D 153 13.20 -12.36 2.46
CA ALA D 153 13.86 -12.79 1.23
C ALA D 153 13.61 -11.77 0.13
N ARG D 154 12.36 -11.37 -0.03
CA ARG D 154 11.95 -10.48 -1.12
C ARG D 154 12.69 -9.15 -1.03
N VAL D 155 12.70 -8.56 0.17
CA VAL D 155 13.34 -7.27 0.40
C VAL D 155 14.86 -7.36 0.30
N LEU D 156 15.45 -8.45 0.79
CA LEU D 156 16.90 -8.64 0.67
C LEU D 156 17.31 -8.68 -0.82
N ALA D 157 16.59 -9.43 -1.63
CA ALA D 157 16.90 -9.53 -3.04
C ALA D 157 16.66 -8.20 -3.75
N SER D 158 15.58 -7.51 -3.39
CA SER D 158 15.27 -6.22 -3.97
C SER D 158 16.39 -5.23 -3.74
N LEU D 159 16.94 -5.21 -2.52
CA LEU D 159 18.01 -4.28 -2.18
C LEU D 159 19.30 -4.68 -2.90
N ALA D 160 19.57 -5.98 -3.01
CA ALA D 160 20.80 -6.48 -3.63
C ALA D 160 20.86 -6.09 -5.11
N VAL D 161 19.73 -6.25 -5.77
CA VAL D 161 19.58 -5.93 -7.18
C VAL D 161 19.72 -4.43 -7.44
N GLY D 162 19.46 -3.62 -6.42
CA GLY D 162 19.57 -2.18 -6.52
C GLY D 162 20.99 -1.70 -6.70
N GLY D 163 21.14 -0.55 -7.35
CA GLY D 163 22.47 0.02 -7.60
C GLY D 163 23.07 0.71 -6.40
N GLU D 164 24.29 1.19 -6.57
CA GLU D 164 25.10 1.78 -5.51
C GLU D 164 25.58 3.17 -5.92
N GLU E 7 -0.74 13.10 3.09
CA GLU E 7 0.63 12.91 3.68
C GLU E 7 1.71 12.48 2.65
N PRO E 8 1.30 11.88 1.51
CA PRO E 8 2.17 11.43 0.40
C PRO E 8 2.26 12.45 -0.75
N VAL E 9 2.82 13.63 -0.47
CA VAL E 9 2.89 14.72 -1.45
C VAL E 9 3.56 14.28 -2.76
N ALA E 10 2.76 14.22 -3.83
CA ALA E 10 3.15 13.76 -5.20
C ALA E 10 4.44 14.43 -5.69
N GLU E 11 4.65 15.67 -5.25
CA GLU E 11 5.87 16.40 -5.56
C GLU E 11 7.13 15.74 -4.95
N THR E 12 7.04 15.24 -3.72
CA THR E 12 8.19 14.55 -3.13
C THR E 12 8.42 13.20 -3.80
N ILE E 13 7.36 12.46 -4.12
CA ILE E 13 7.53 11.21 -4.86
C ILE E 13 8.23 11.47 -6.19
N SER E 14 7.88 12.56 -6.88
CA SER E 14 8.49 12.84 -8.18
C SER E 14 9.95 13.24 -8.03
N LYS E 15 10.33 13.81 -6.89
CA LYS E 15 11.72 14.17 -6.63
C LYS E 15 12.50 12.93 -6.17
N ARG E 16 12.10 12.34 -5.05
CA ARG E 16 12.90 11.30 -4.40
C ARG E 16 12.88 9.97 -5.13
N PHE E 17 11.74 9.60 -5.70
CA PHE E 17 11.59 8.28 -6.32
C PHE E 17 11.51 8.33 -7.83
N TRP E 18 12.07 9.40 -8.38
CA TRP E 18 12.13 9.62 -9.81
C TRP E 18 12.66 8.47 -10.63
N THR E 19 13.65 7.75 -10.12
CA THR E 19 14.24 6.62 -10.83
C THR E 19 13.31 5.41 -10.90
N LEU E 20 12.48 5.22 -9.88
CA LEU E 20 11.43 4.19 -9.90
C LEU E 20 10.31 4.53 -10.89
N ILE E 21 9.91 5.81 -10.92
CA ILE E 21 8.91 6.30 -11.87
C ILE E 21 9.37 5.99 -13.30
N LYS E 22 10.63 6.28 -13.55
CA LYS E 22 11.24 6.11 -14.86
C LYS E 22 11.31 4.62 -15.25
N MSE E 23 11.61 3.75 -14.28
CA MSE E 23 11.62 2.31 -14.51
C MSE E 23 10.24 1.78 -14.81
O MSE E 23 10.06 1.03 -15.78
CB MSE E 23 12.12 1.55 -13.28
CG MSE E 23 12.25 0.05 -13.56
SE MSE E 23 12.58 -0.99 -11.89
CE MSE E 23 10.90 -0.76 -10.88
N LEU E 24 9.26 2.14 -14.00
CA LEU E 24 7.88 1.69 -14.21
C LEU E 24 7.32 2.19 -15.54
N ARG E 25 7.71 3.40 -15.95
CA ARG E 25 7.28 3.93 -17.24
C ARG E 25 7.87 3.10 -18.37
N PHE E 26 9.12 2.67 -18.21
CA PHE E 26 9.77 1.78 -19.16
C PHE E 26 8.91 0.52 -19.35
N TYR E 27 8.44 -0.04 -18.24
CA TYR E 27 7.53 -1.21 -18.32
C TYR E 27 6.16 -0.89 -18.94
N VAL E 28 5.66 0.33 -18.75
CA VAL E 28 4.40 0.74 -19.36
C VAL E 28 4.56 0.74 -20.87
N VAL E 29 5.68 1.30 -21.35
CA VAL E 29 5.97 1.32 -22.79
C VAL E 29 6.03 -0.08 -23.38
N LEU E 30 6.59 -1.03 -22.62
CA LEU E 30 6.63 -2.43 -23.06
C LEU E 30 5.31 -3.17 -22.79
N ARG E 31 4.33 -2.46 -22.23
CA ARG E 31 3.03 -3.04 -21.86
C ARG E 31 3.12 -4.22 -20.91
N ARG E 32 4.09 -4.20 -20.01
CA ARG E 32 4.20 -5.23 -19.00
C ARG E 32 3.49 -4.73 -17.73
N PHE E 33 2.16 -4.73 -17.82
CA PHE E 33 1.30 -4.12 -16.82
C PHE E 33 1.16 -4.91 -15.54
N GLY E 34 1.68 -6.14 -15.53
CA GLY E 34 1.79 -6.91 -14.30
C GLY E 34 2.58 -6.19 -13.23
N TYR E 35 3.50 -5.32 -13.63
CA TYR E 35 4.29 -4.54 -12.68
C TYR E 35 3.65 -3.19 -12.33
N ILE E 36 2.55 -2.85 -12.97
CA ILE E 36 1.85 -1.60 -12.70
C ILE E 36 0.53 -1.82 -11.97
N ASP E 37 -0.28 -2.74 -12.48
CA ASP E 37 -1.65 -2.94 -11.98
C ASP E 37 -1.76 -3.10 -10.46
N PRO E 38 -0.89 -3.93 -9.84
CA PRO E 38 -1.00 -4.07 -8.40
C PRO E 38 -0.79 -2.77 -7.62
N LEU E 39 0.03 -1.86 -8.14
CA LEU E 39 0.24 -0.57 -7.49
C LEU E 39 -1.02 0.30 -7.51
N ILE E 40 -1.92 0.01 -8.45
CA ILE E 40 -3.17 0.75 -8.58
C ILE E 40 -4.35 0.08 -7.87
N TYR E 41 -4.44 -1.24 -7.95
CA TYR E 41 -5.63 -1.97 -7.51
C TYR E 41 -5.45 -2.77 -6.22
N SER E 42 -4.24 -3.17 -5.87
CA SER E 42 -4.04 -4.00 -4.67
C SER E 42 -4.11 -3.16 -3.41
N ILE E 43 -4.74 -3.71 -2.38
CA ILE E 43 -4.81 -3.05 -1.07
C ILE E 43 -3.81 -3.66 -0.09
N ASP E 44 -2.91 -4.50 -0.59
CA ASP E 44 -1.97 -5.25 0.23
C ASP E 44 -0.53 -4.82 -0.06
N PRO E 45 0.14 -4.18 0.92
CA PRO E 45 1.55 -3.78 0.73
C PRO E 45 2.50 -4.95 0.44
N LYS E 46 2.25 -6.11 1.03
CA LYS E 46 3.08 -7.30 0.78
C LYS E 46 3.03 -7.70 -0.68
N GLN E 47 1.83 -7.70 -1.25
CA GLN E 47 1.64 -8.03 -2.67
C GLN E 47 2.33 -7.00 -3.58
N ILE E 48 2.27 -5.73 -3.21
CA ILE E 48 2.91 -4.67 -3.99
C ILE E 48 4.44 -4.79 -3.93
N LYS E 49 4.98 -5.04 -2.75
CA LYS E 49 6.42 -5.25 -2.58
C LYS E 49 6.91 -6.48 -3.35
N ASP E 50 6.13 -7.55 -3.36
CA ASP E 50 6.42 -8.71 -4.21
C ASP E 50 6.55 -8.36 -5.68
N VAL E 51 5.59 -7.61 -6.19
CA VAL E 51 5.58 -7.26 -7.59
C VAL E 51 6.77 -6.36 -7.94
N LEU E 52 7.09 -5.44 -7.04
CA LEU E 52 8.22 -4.54 -7.27
C LEU E 52 9.55 -5.29 -7.24
N SER E 53 9.67 -6.28 -6.36
CA SER E 53 10.88 -7.10 -6.31
C SER E 53 11.06 -7.85 -7.63
N GLU E 54 9.95 -8.32 -8.20
CA GLU E 54 9.99 -8.98 -9.50
C GLU E 54 10.34 -7.99 -10.61
N ALA E 55 9.80 -6.79 -10.50
CA ALA E 55 10.08 -5.72 -11.45
C ALA E 55 11.57 -5.36 -11.45
N LEU E 56 12.13 -5.22 -10.24
CA LEU E 56 13.54 -4.87 -10.08
C LEU E 56 14.47 -5.97 -10.62
N ARG E 57 14.08 -7.21 -10.40
CA ARG E 57 14.86 -8.34 -10.90
C ARG E 57 14.84 -8.43 -12.43
N GLU E 58 13.66 -8.30 -13.03
CA GLU E 58 13.57 -8.35 -14.50
C GLU E 58 14.35 -7.17 -15.10
N PHE E 59 14.39 -6.06 -14.38
CA PHE E 59 15.11 -4.88 -14.85
C PHE E 59 16.61 -5.13 -15.00
N VAL E 60 17.17 -5.97 -14.13
CA VAL E 60 18.59 -6.33 -14.25
C VAL E 60 18.86 -7.13 -15.51
N SER E 61 17.90 -7.95 -15.93
CA SER E 61 18.03 -8.67 -17.20
C SER E 61 18.20 -7.70 -18.36
N TYR E 62 17.43 -6.62 -18.33
CA TYR E 62 17.53 -5.58 -19.36
C TYR E 62 18.85 -4.80 -19.26
N THR E 63 19.18 -4.32 -18.07
CA THR E 63 20.39 -3.53 -17.91
C THR E 63 21.65 -4.34 -18.20
N SER E 64 21.60 -5.65 -17.99
CA SER E 64 22.76 -6.51 -18.23
C SER E 64 22.95 -6.89 -19.68
N SER E 65 21.88 -6.81 -20.46
CA SER E 65 21.90 -7.32 -21.84
C SER E 65 21.97 -6.21 -22.87
N SER E 66 21.99 -4.97 -22.40
CA SER E 66 21.84 -3.83 -23.29
C SER E 66 22.94 -3.71 -24.35
N SER E 67 22.58 -3.04 -25.46
CA SER E 67 23.47 -2.64 -26.54
C SER E 67 23.44 -1.11 -26.64
N SER E 68 24.44 -0.51 -27.30
CA SER E 68 24.48 0.92 -27.51
C SER E 68 24.04 1.29 -28.92
N ARG E 69 23.35 2.41 -29.06
CA ARG E 69 22.99 2.97 -30.36
C ARG E 69 23.10 4.50 -30.38
N SER E 70 23.24 5.06 -31.58
CA SER E 70 23.18 6.51 -31.76
C SER E 70 21.71 6.90 -31.90
N ILE E 71 21.22 7.67 -30.92
CA ILE E 71 19.83 8.03 -30.87
C ILE E 71 19.66 9.53 -31.00
N VAL E 72 18.48 9.96 -31.44
CA VAL E 72 18.14 11.38 -31.54
C VAL E 72 17.64 11.87 -30.19
N ILE E 73 18.44 12.70 -29.52
CA ILE E 73 18.14 13.17 -28.16
C ILE E 73 17.45 14.55 -28.16
N TYR E 74 17.55 15.25 -29.28
CA TYR E 74 16.82 16.49 -29.47
CA TYR E 74 16.84 16.52 -29.49
C TYR E 74 16.34 16.54 -30.92
N ASP E 75 15.03 16.36 -31.09
CA ASP E 75 14.45 16.19 -32.43
C ASP E 75 13.97 17.54 -32.99
N ASP E 76 14.79 18.13 -33.83
CA ASP E 76 14.50 19.42 -34.45
C ASP E 76 14.30 19.12 -35.91
N PRO E 77 13.33 19.76 -36.56
CA PRO E 77 13.28 19.52 -38.01
C PRO E 77 14.58 19.90 -38.74
N LYS E 78 15.33 20.87 -38.23
CA LYS E 78 16.42 21.46 -38.98
C LYS E 78 17.80 21.08 -38.44
N ASN E 79 17.98 21.08 -37.13
CA ASN E 79 19.28 20.73 -36.52
C ASN E 79 19.13 19.65 -35.45
N PRO E 80 18.75 18.43 -35.86
CA PRO E 80 18.61 17.34 -34.90
C PRO E 80 19.95 16.96 -34.24
N VAL E 81 19.94 16.80 -32.92
CA VAL E 81 21.15 16.37 -32.18
C VAL E 81 21.09 14.88 -31.78
N THR E 82 22.17 14.15 -32.05
CA THR E 82 22.29 12.73 -31.72
C THR E 82 23.36 12.45 -30.66
N ALA E 83 23.24 11.30 -30.00
CA ALA E 83 24.19 10.89 -28.98
C ALA E 83 24.17 9.37 -28.80
N GLN E 84 25.29 8.83 -28.32
CA GLN E 84 25.36 7.42 -27.96
C GLN E 84 24.66 7.17 -26.64
N ALA E 85 23.81 6.14 -26.63
CA ALA E 85 23.05 5.78 -25.43
C ALA E 85 22.86 4.26 -25.35
N PRO E 86 22.77 3.71 -24.12
CA PRO E 86 22.44 2.31 -23.95
C PRO E 86 20.96 2.06 -24.19
N CYS E 87 20.64 1.07 -25.01
CA CYS E 87 19.26 0.73 -25.28
C CYS E 87 18.91 -0.60 -24.63
N LEU E 88 17.99 -0.56 -23.67
CA LEU E 88 17.57 -1.76 -22.97
C LEU E 88 16.79 -2.67 -23.89
N VAL E 89 15.98 -2.06 -24.76
CA VAL E 89 15.31 -2.78 -25.81
C VAL E 89 15.42 -1.99 -27.10
N VAL E 90 15.76 -2.69 -28.18
CA VAL E 90 15.68 -2.12 -29.53
C VAL E 90 14.44 -2.73 -30.19
N ALA E 91 13.44 -1.89 -30.45
CA ALA E 91 12.17 -2.35 -30.96
C ALA E 91 11.95 -1.88 -32.37
N LYS E 92 11.36 -2.75 -33.16
CA LYS E 92 10.89 -2.37 -34.48
C LYS E 92 9.69 -1.48 -34.35
N ARG E 93 9.54 -0.57 -35.30
CA ARG E 93 8.47 0.41 -35.27
C ARG E 93 7.09 -0.22 -35.04
N ASP E 94 6.85 -1.38 -35.65
CA ASP E 94 5.57 -2.09 -35.54
C ASP E 94 5.42 -2.98 -34.29
N GLU E 95 6.38 -2.92 -33.38
CA GLU E 95 6.29 -3.62 -32.08
C GLU E 95 5.90 -2.66 -30.93
N ILE E 96 5.74 -1.38 -31.25
CA ILE E 96 5.37 -0.37 -30.28
C ILE E 96 4.09 0.32 -30.76
N PRO E 97 3.14 0.54 -29.85
CA PRO E 97 1.92 1.27 -30.19
C PRO E 97 2.22 2.61 -30.86
N GLN E 98 1.46 2.93 -31.90
CA GLN E 98 1.70 4.14 -32.70
C GLN E 98 1.72 5.43 -31.87
N ASN E 99 0.85 5.53 -30.87
CA ASN E 99 0.76 6.74 -30.07
C ASN E 99 1.87 6.89 -29.04
N PHE E 100 2.56 5.80 -28.73
CA PHE E 100 3.48 5.80 -27.60
C PHE E 100 4.71 6.70 -27.76
N PRO E 101 5.36 6.68 -28.94
CA PRO E 101 6.52 7.55 -29.12
C PRO E 101 6.28 9.02 -28.78
N SER E 102 5.10 9.55 -29.09
CA SER E 102 4.81 10.95 -28.80
C SER E 102 4.32 11.17 -27.35
N ILE E 103 3.90 10.11 -26.68
CA ILE E 103 3.48 10.21 -25.28
C ILE E 103 4.70 10.07 -24.36
N TYR E 104 5.44 8.99 -24.53
CA TYR E 104 6.57 8.67 -23.66
C TYR E 104 7.88 9.07 -24.34
N ARG E 105 8.06 10.37 -24.55
CA ARG E 105 9.12 10.91 -25.41
C ARG E 105 10.52 10.75 -24.88
N TYR E 106 10.68 10.56 -23.58
CA TYR E 106 11.99 10.40 -22.98
C TYR E 106 12.24 8.97 -22.54
N THR E 107 11.38 8.06 -23.03
CA THR E 107 11.56 6.62 -22.86
C THR E 107 11.67 5.89 -24.23
N ILE E 108 11.17 6.52 -25.29
CA ILE E 108 11.24 5.98 -26.65
C ILE E 108 12.01 6.96 -27.51
N TYR E 109 13.12 6.52 -28.09
CA TYR E 109 13.98 7.40 -28.87
C TYR E 109 14.18 6.85 -30.28
N LYS E 110 14.20 7.75 -31.26
CA LYS E 110 14.50 7.37 -32.64
C LYS E 110 15.98 7.03 -32.74
N ILE E 111 16.29 5.88 -33.33
CA ILE E 111 17.67 5.52 -33.62
C ILE E 111 18.03 6.16 -34.95
N ASP E 112 19.11 6.95 -34.94
CA ASP E 112 19.54 7.70 -36.12
C ASP E 112 19.81 6.77 -37.30
N LYS E 113 19.39 7.21 -38.49
CA LYS E 113 19.60 6.47 -39.76
C LYS E 113 18.93 5.10 -39.70
N SER E 114 17.75 5.05 -39.10
CA SER E 114 17.04 3.79 -38.89
C SER E 114 15.59 4.08 -38.52
N SER E 115 14.72 3.10 -38.73
CA SER E 115 13.31 3.24 -38.36
C SER E 115 13.05 2.67 -36.97
N GLU E 116 14.00 1.90 -36.44
CA GLU E 116 13.85 1.27 -35.13
C GLU E 116 13.89 2.26 -33.97
N TYR E 117 13.33 1.85 -32.83
CA TYR E 117 13.26 2.67 -31.63
C TYR E 117 14.18 2.13 -30.52
N CYS E 118 14.78 3.06 -29.78
CA CYS E 118 15.52 2.73 -28.56
C CYS E 118 14.55 2.90 -27.42
N ILE E 119 14.24 1.82 -26.71
CA ILE E 119 13.33 1.90 -25.56
C ILE E 119 14.17 1.73 -24.30
N SER E 120 14.22 2.80 -23.51
CA SER E 120 15.20 2.86 -22.43
C SER E 120 14.90 4.06 -21.52
N PRO E 121 14.95 3.85 -20.19
CA PRO E 121 14.71 4.96 -19.28
C PRO E 121 15.93 5.89 -19.18
N LEU E 122 16.01 6.83 -20.12
CA LEU E 122 17.14 7.74 -20.22
C LEU E 122 16.73 9.13 -19.79
N VAL E 123 17.71 9.90 -19.35
CA VAL E 123 17.56 11.32 -19.10
C VAL E 123 18.50 12.07 -20.03
N VAL E 124 17.98 13.12 -20.68
CA VAL E 124 18.76 13.93 -21.63
C VAL E 124 19.23 15.22 -20.97
N ASN E 125 20.53 15.48 -21.07
CA ASN E 125 21.17 16.66 -20.48
C ASN E 125 22.14 17.25 -21.45
N ASP E 126 21.74 18.34 -22.10
CA ASP E 126 22.57 19.04 -23.10
C ASP E 126 23.01 18.14 -24.27
N LYS E 127 24.12 17.43 -24.08
CA LYS E 127 24.82 16.70 -25.11
C LYS E 127 24.82 15.16 -24.81
N TYR E 128 24.41 14.76 -23.59
CA TYR E 128 24.46 13.35 -23.17
C TYR E 128 23.08 12.75 -22.91
N ALA E 129 23.00 11.42 -23.03
CA ALA E 129 21.85 10.66 -22.60
C ALA E 129 22.35 9.65 -21.55
N THR E 130 21.65 9.55 -20.42
CA THR E 130 22.15 8.74 -19.30
C THR E 130 21.10 7.75 -18.86
N LEU E 131 21.53 6.50 -18.71
CA LEU E 131 20.67 5.45 -18.18
C LEU E 131 20.40 5.68 -16.69
N ILE E 132 19.14 5.55 -16.31
CA ILE E 132 18.67 5.79 -14.95
C ILE E 132 18.22 4.45 -14.39
N THR E 133 18.82 4.04 -13.27
CA THR E 133 18.40 2.81 -12.60
C THR E 133 18.18 3.11 -11.12
N PRO E 134 17.16 2.48 -10.51
CA PRO E 134 16.92 2.67 -9.09
C PRO E 134 18.02 2.11 -8.19
N ASN E 135 18.51 2.93 -7.27
CA ASN E 135 19.54 2.49 -6.33
C ASN E 135 18.92 2.01 -5.02
N GLU E 136 19.76 1.39 -4.19
CA GLU E 136 19.30 0.75 -2.96
C GLU E 136 18.55 1.71 -2.04
N SER E 137 19.07 2.93 -1.90
CA SER E 137 18.43 3.95 -1.07
C SER E 137 16.99 4.19 -1.46
N VAL E 138 16.76 4.38 -2.75
CA VAL E 138 15.44 4.68 -3.24
C VAL E 138 14.47 3.53 -2.97
N ILE E 139 14.93 2.30 -3.21
CA ILE E 139 14.11 1.11 -3.02
C ILE E 139 13.71 0.99 -1.55
N LYS E 140 14.72 1.08 -0.68
CA LYS E 140 14.52 1.04 0.76
C LYS E 140 13.50 2.06 1.23
N GLU E 141 13.72 3.32 0.86
CA GLU E 141 12.85 4.40 1.26
C GLU E 141 11.42 4.22 0.76
N PHE E 142 11.24 3.81 -0.49
CA PHE E 142 9.91 3.62 -1.03
C PHE E 142 9.16 2.49 -0.30
N PHE E 143 9.84 1.37 -0.09
CA PHE E 143 9.25 0.24 0.63
C PHE E 143 8.76 0.67 2.02
N ASP E 144 9.54 1.49 2.71
CA ASP E 144 9.14 1.99 4.02
C ASP E 144 7.95 2.93 3.96
N LYS E 145 7.97 3.89 3.03
CA LYS E 145 6.83 4.78 2.84
C LYS E 145 5.57 3.98 2.52
N LEU E 146 5.73 2.98 1.66
CA LEU E 146 4.63 2.14 1.22
C LEU E 146 3.95 1.41 2.36
N ASP E 147 4.73 0.94 3.32
CA ASP E 147 4.18 0.25 4.49
C ASP E 147 3.37 1.17 5.41
N SER E 148 3.71 2.45 5.43
CA SER E 148 3.00 3.41 6.27
C SER E 148 1.77 3.98 5.58
N ASN E 149 1.74 3.95 4.25
CA ASN E 149 0.67 4.59 3.48
C ASN E 149 0.63 4.07 2.04
N ILE E 150 -0.44 3.35 1.71
CA ILE E 150 -0.55 2.67 0.42
C ILE E 150 -0.69 3.66 -0.76
N GLN E 151 -1.07 4.89 -0.44
CA GLN E 151 -1.14 5.96 -1.44
C GLN E 151 0.16 6.15 -2.22
N TYR E 152 1.31 5.85 -1.60
CA TYR E 152 2.58 5.93 -2.31
C TYR E 152 2.62 5.04 -3.56
N ALA E 153 1.99 3.87 -3.49
CA ALA E 153 1.87 3.00 -4.66
C ALA E 153 1.01 3.67 -5.73
N ARG E 154 -0.14 4.21 -5.31
CA ARG E 154 -1.11 4.80 -6.24
C ARG E 154 -0.49 5.96 -6.99
N VAL E 155 0.16 6.86 -6.27
CA VAL E 155 0.78 8.04 -6.87
C VAL E 155 1.99 7.67 -7.74
N LEU E 156 2.80 6.70 -7.31
CA LEU E 156 3.95 6.26 -8.10
C LEU E 156 3.47 5.72 -9.45
N ALA E 157 2.45 4.87 -9.44
CA ALA E 157 1.94 4.30 -10.69
C ALA E 157 1.30 5.39 -11.55
N SER E 158 0.57 6.31 -10.92
CA SER E 158 -0.07 7.41 -11.64
C SER E 158 0.95 8.25 -12.40
N LEU E 159 2.07 8.53 -11.76
CA LEU E 159 3.12 9.32 -12.38
C LEU E 159 3.82 8.54 -13.49
N ALA E 160 4.02 7.24 -13.28
CA ALA E 160 4.73 6.40 -14.26
C ALA E 160 3.94 6.31 -15.56
N VAL E 161 2.65 6.11 -15.42
CA VAL E 161 1.73 6.02 -16.55
C VAL E 161 1.62 7.33 -17.31
N GLY E 162 1.94 8.44 -16.66
CA GLY E 162 1.92 9.75 -17.28
C GLY E 162 3.00 9.93 -18.34
N GLY E 163 2.72 10.78 -19.33
CA GLY E 163 3.67 11.06 -20.39
C GLY E 163 4.83 11.95 -19.98
N GLU E 164 5.74 12.17 -20.93
CA GLU E 164 6.94 12.95 -20.71
C GLU E 164 7.06 14.05 -21.74
N PRO F 8 -9.04 28.49 -6.47
CA PRO F 8 -8.90 27.54 -7.59
C PRO F 8 -9.35 28.13 -8.93
N VAL F 9 -8.70 29.21 -9.35
CA VAL F 9 -9.12 29.98 -10.50
C VAL F 9 -9.26 29.06 -11.72
N ALA F 10 -10.51 28.88 -12.16
CA ALA F 10 -10.91 28.01 -13.30
C ALA F 10 -10.05 28.27 -14.51
N GLU F 11 -9.60 29.52 -14.67
CA GLU F 11 -8.75 29.90 -15.78
C GLU F 11 -7.40 29.17 -15.74
N THR F 12 -6.83 29.03 -14.56
CA THR F 12 -5.54 28.32 -14.44
C THR F 12 -5.73 26.81 -14.63
N ILE F 13 -6.81 26.25 -14.11
CA ILE F 13 -7.14 24.85 -14.40
C ILE F 13 -7.28 24.61 -15.91
N SER F 14 -7.92 25.53 -16.64
CA SER F 14 -8.14 25.35 -18.06
C SER F 14 -6.84 25.47 -18.84
N LYS F 15 -5.88 26.22 -18.31
CA LYS F 15 -4.56 26.33 -18.94
C LYS F 15 -3.68 25.15 -18.58
N ARG F 16 -3.39 24.98 -17.30
CA ARG F 16 -2.40 24.01 -16.84
C ARG F 16 -2.87 22.55 -16.97
N PHE F 17 -4.13 22.28 -16.69
CA PHE F 17 -4.64 20.91 -16.64
C PHE F 17 -5.54 20.54 -17.81
N TRP F 18 -5.36 21.27 -18.89
CA TRP F 18 -6.12 21.10 -20.12
C TRP F 18 -6.15 19.67 -20.64
N THR F 19 -5.05 18.95 -20.49
CA THR F 19 -4.96 17.56 -20.95
C THR F 19 -5.79 16.60 -20.11
N LEU F 20 -5.92 16.87 -18.81
CA LEU F 20 -6.82 16.10 -17.95
C LEU F 20 -8.29 16.36 -18.29
N ILE F 21 -8.62 17.62 -18.54
CA ILE F 21 -9.99 17.99 -18.92
C ILE F 21 -10.40 17.21 -20.16
N LYS F 22 -9.47 17.16 -21.12
CA LYS F 22 -9.69 16.51 -22.40
C LYS F 22 -9.84 15.00 -22.23
N MSE F 23 -9.06 14.40 -21.32
CA MSE F 23 -9.19 12.97 -21.00
C MSE F 23 -10.53 12.66 -20.35
O MSE F 23 -11.20 11.71 -20.75
CB MSE F 23 -8.09 12.52 -20.03
CG MSE F 23 -8.13 11.01 -19.79
SE MSE F 23 -6.98 10.45 -18.28
CE MSE F 23 -8.00 11.18 -16.75
N LEU F 24 -10.90 13.43 -19.33
CA LEU F 24 -12.17 13.20 -18.64
C LEU F 24 -13.37 13.40 -19.58
N ARG F 25 -13.25 14.34 -20.52
CA ARG F 25 -14.30 14.55 -21.50
C ARG F 25 -14.45 13.33 -22.41
N PHE F 26 -13.32 12.73 -22.75
CA PHE F 26 -13.31 11.48 -23.51
C PHE F 26 -14.12 10.42 -22.79
N TYR F 27 -13.92 10.29 -21.48
CA TYR F 27 -14.71 9.35 -20.67
C TYR F 27 -16.19 9.73 -20.58
N VAL F 28 -16.49 11.03 -20.59
CA VAL F 28 -17.89 11.49 -20.56
C VAL F 28 -18.59 11.04 -21.84
N VAL F 29 -17.93 11.22 -22.98
CA VAL F 29 -18.48 10.78 -24.26
C VAL F 29 -18.76 9.27 -24.26
N LEU F 30 -17.89 8.48 -23.63
CA LEU F 30 -18.09 7.03 -23.50
C LEU F 30 -19.04 6.66 -22.36
N ARG F 31 -19.54 7.68 -21.67
CA ARG F 31 -20.42 7.52 -20.51
C ARG F 31 -19.84 6.64 -19.40
N ARG F 32 -18.52 6.72 -19.20
CA ARG F 32 -17.86 6.02 -18.11
C ARG F 32 -17.75 6.97 -16.94
N PHE F 33 -18.92 7.21 -16.33
CA PHE F 33 -19.09 8.23 -15.31
C PHE F 33 -18.48 7.85 -13.96
N GLY F 34 -18.02 6.61 -13.82
CA GLY F 34 -17.28 6.20 -12.64
C GLY F 34 -16.02 7.04 -12.43
N TYR F 35 -15.48 7.58 -13.52
CA TYR F 35 -14.30 8.44 -13.44
C TYR F 35 -14.64 9.93 -13.27
N ILE F 36 -15.92 10.27 -13.33
CA ILE F 36 -16.36 11.66 -13.20
C ILE F 36 -17.06 11.90 -11.87
N ASP F 37 -18.02 11.04 -11.53
CA ASP F 37 -18.88 11.26 -10.38
C ASP F 37 -18.14 11.54 -9.07
N PRO F 38 -17.07 10.79 -8.75
CA PRO F 38 -16.35 11.08 -7.52
C PRO F 38 -15.76 12.50 -7.46
N LEU F 39 -15.36 13.04 -8.60
CA LEU F 39 -14.84 14.41 -8.65
C LEU F 39 -15.92 15.45 -8.30
N ILE F 40 -17.18 15.07 -8.46
CA ILE F 40 -18.31 15.97 -8.18
C ILE F 40 -18.91 15.76 -6.80
N TYR F 41 -19.03 14.50 -6.38
CA TYR F 41 -19.76 14.16 -5.15
C TYR F 41 -18.91 13.74 -3.95
N SER F 42 -17.69 13.25 -4.18
CA SER F 42 -16.86 12.79 -3.06
C SER F 42 -16.24 13.97 -2.31
N ILE F 43 -16.21 13.86 -0.98
CA ILE F 43 -15.55 14.88 -0.15
C ILE F 43 -14.18 14.41 0.33
N ASP F 44 -13.69 13.31 -0.26
CA ASP F 44 -12.45 12.66 0.17
C ASP F 44 -11.40 12.72 -0.95
N PRO F 45 -10.31 13.47 -0.74
CA PRO F 45 -9.24 13.54 -1.74
C PRO F 45 -8.59 12.19 -2.07
N LYS F 46 -8.48 11.32 -1.07
CA LYS F 46 -7.91 9.98 -1.27
C LYS F 46 -8.73 9.18 -2.27
N GLN F 47 -10.06 9.23 -2.11
CA GLN F 47 -10.98 8.54 -3.01
C GLN F 47 -10.89 9.11 -4.43
N ILE F 48 -10.76 10.43 -4.54
CA ILE F 48 -10.67 11.08 -5.85
C ILE F 48 -9.36 10.70 -6.55
N LYS F 49 -8.25 10.71 -5.80
CA LYS F 49 -6.96 10.29 -6.34
C LYS F 49 -6.96 8.83 -6.78
N ASP F 50 -7.62 7.96 -6.02
CA ASP F 50 -7.82 6.58 -6.43
C ASP F 50 -8.51 6.46 -7.78
N VAL F 51 -9.60 7.19 -7.92
CA VAL F 51 -10.39 7.12 -9.13
C VAL F 51 -9.59 7.63 -10.33
N LEU F 52 -8.83 8.70 -10.12
CA LEU F 52 -8.02 9.27 -11.19
C LEU F 52 -6.88 8.35 -11.60
N SER F 53 -6.30 7.65 -10.63
CA SER F 53 -5.27 6.67 -10.94
C SER F 53 -5.84 5.53 -11.80
N GLU F 54 -7.07 5.12 -11.50
CA GLU F 54 -7.75 4.12 -12.32
C GLU F 54 -8.06 4.68 -13.70
N ALA F 55 -8.47 5.95 -13.76
CA ALA F 55 -8.77 6.61 -15.03
C ALA F 55 -7.53 6.68 -15.90
N LEU F 56 -6.40 7.06 -15.30
CA LEU F 56 -5.13 7.16 -16.04
C LEU F 56 -4.64 5.82 -16.54
N ARG F 57 -4.84 4.78 -15.73
CA ARG F 57 -4.46 3.44 -16.13
C ARG F 57 -5.32 2.91 -17.27
N GLU F 58 -6.64 3.06 -17.18
CA GLU F 58 -7.50 2.60 -18.27
C GLU F 58 -7.18 3.37 -19.55
N PHE F 59 -6.75 4.61 -19.41
CA PHE F 59 -6.43 5.44 -20.55
C PHE F 59 -5.26 4.87 -21.34
N VAL F 60 -4.30 4.26 -20.65
CA VAL F 60 -3.17 3.62 -21.32
C VAL F 60 -3.63 2.43 -22.16
N SER F 61 -4.66 1.72 -21.72
CA SER F 61 -5.23 0.65 -22.52
C SER F 61 -5.72 1.17 -23.86
N TYR F 62 -6.35 2.34 -23.83
CA TYR F 62 -6.82 2.98 -25.05
C TYR F 62 -5.66 3.47 -25.90
N THR F 63 -4.73 4.22 -25.29
CA THR F 63 -3.62 4.81 -26.06
C THR F 63 -2.70 3.73 -26.65
N SER F 64 -2.63 2.58 -26.00
CA SER F 64 -1.78 1.48 -26.47
C SER F 64 -2.41 0.65 -27.57
N SER F 65 -3.73 0.68 -27.67
CA SER F 65 -4.48 -0.20 -28.59
C SER F 65 -4.99 0.55 -29.80
N SER F 66 -4.74 1.85 -29.86
CA SER F 66 -5.36 2.70 -30.86
C SER F 66 -4.98 2.32 -32.29
N SER F 67 -5.88 2.67 -33.19
CA SER F 67 -5.68 2.55 -34.63
C SER F 67 -5.75 3.95 -35.22
N SER F 68 -5.22 4.12 -36.43
CA SER F 68 -5.31 5.41 -37.12
C SER F 68 -6.43 5.39 -38.15
N ARG F 69 -7.09 6.53 -38.32
CA ARG F 69 -8.08 6.69 -39.36
C ARG F 69 -7.96 8.08 -39.96
N SER F 70 -8.45 8.20 -41.19
CA SER F 70 -8.61 9.51 -41.80
C SER F 70 -9.93 10.09 -41.32
N ILE F 71 -9.86 11.19 -40.58
CA ILE F 71 -11.05 11.80 -39.99
C ILE F 71 -11.28 13.18 -40.57
N VAL F 72 -12.53 13.63 -40.50
CA VAL F 72 -12.90 14.96 -40.97
C VAL F 72 -12.65 15.97 -39.86
N ILE F 73 -11.67 16.84 -40.06
CA ILE F 73 -11.33 17.85 -39.05
C ILE F 73 -12.03 19.19 -39.33
N TYR F 74 -12.52 19.37 -40.57
CA TYR F 74 -13.32 20.53 -40.96
CA TYR F 74 -13.33 20.52 -40.92
C TYR F 74 -14.42 20.07 -41.88
N ASP F 75 -15.66 20.08 -41.40
CA ASP F 75 -16.77 19.47 -42.09
C ASP F 75 -17.55 20.44 -43.00
N ASP F 76 -17.28 20.37 -44.30
CA ASP F 76 -17.93 21.24 -45.30
C ASP F 76 -19.14 20.50 -45.96
N PRO F 77 -19.20 20.17 -47.29
CA PRO F 77 -18.36 20.10 -48.53
C PRO F 77 -18.00 21.41 -49.25
N PRO F 80 -14.68 19.01 -47.64
CA PRO F 80 -14.27 18.57 -46.30
C PRO F 80 -12.76 18.39 -46.18
N VAL F 81 -12.18 18.92 -45.11
CA VAL F 81 -10.75 18.75 -44.85
C VAL F 81 -10.57 17.54 -43.94
N THR F 82 -9.71 16.60 -44.37
CA THR F 82 -9.44 15.39 -43.62
C THR F 82 -7.97 15.30 -43.18
N ALA F 83 -7.72 14.52 -42.13
CA ALA F 83 -6.39 14.35 -41.55
C ALA F 83 -6.26 13.00 -40.88
N GLN F 84 -5.05 12.44 -40.88
CA GLN F 84 -4.80 11.20 -40.15
C GLN F 84 -4.74 11.49 -38.67
N ALA F 85 -5.46 10.69 -37.89
CA ALA F 85 -5.49 10.83 -36.46
C ALA F 85 -5.62 9.48 -35.77
N PRO F 86 -5.05 9.35 -34.56
CA PRO F 86 -5.23 8.14 -33.78
C PRO F 86 -6.61 8.13 -33.17
N CYS F 87 -7.32 7.02 -33.31
CA CYS F 87 -8.64 6.87 -32.72
C CYS F 87 -8.61 5.88 -31.57
N LEU F 88 -8.85 6.39 -30.37
CA LEU F 88 -8.82 5.55 -29.17
C LEU F 88 -9.99 4.58 -29.18
N VAL F 89 -11.15 5.05 -29.63
CA VAL F 89 -12.31 4.18 -29.83
C VAL F 89 -12.92 4.50 -31.19
N VAL F 90 -13.23 3.47 -31.95
CA VAL F 90 -14.03 3.60 -33.16
C VAL F 90 -15.44 3.11 -32.83
N ALA F 91 -16.40 4.01 -32.83
CA ALA F 91 -17.76 3.68 -32.41
C ALA F 91 -18.70 3.71 -33.58
N LYS F 92 -19.63 2.77 -33.59
CA LYS F 92 -20.74 2.79 -34.54
C LYS F 92 -21.64 3.96 -34.18
N ARG F 93 -22.26 4.54 -35.19
CA ARG F 93 -23.12 5.71 -35.00
C ARG F 93 -24.18 5.51 -33.90
N ASP F 94 -24.74 4.30 -33.82
CA ASP F 94 -25.79 3.97 -32.85
C ASP F 94 -25.27 3.57 -31.47
N GLU F 95 -23.97 3.70 -31.24
CA GLU F 95 -23.37 3.44 -29.93
C GLU F 95 -23.08 4.73 -29.18
N ILE F 96 -23.34 5.87 -29.82
CA ILE F 96 -23.11 7.18 -29.24
C ILE F 96 -24.42 7.95 -29.22
N PRO F 97 -24.74 8.61 -28.08
CA PRO F 97 -25.94 9.42 -27.98
C PRO F 97 -26.06 10.45 -29.10
N GLN F 98 -27.26 10.60 -29.64
CA GLN F 98 -27.49 11.45 -30.82
C GLN F 98 -27.01 12.88 -30.66
N ASN F 99 -27.19 13.43 -29.47
CA ASN F 99 -26.82 14.82 -29.21
C ASN F 99 -25.32 15.03 -29.02
N PHE F 100 -24.58 13.96 -28.74
CA PHE F 100 -23.18 14.09 -28.36
C PHE F 100 -22.25 14.63 -29.45
N PRO F 101 -22.37 14.16 -30.70
CA PRO F 101 -21.46 14.65 -31.74
C PRO F 101 -21.44 16.17 -31.88
N SER F 102 -22.59 16.81 -31.69
CA SER F 102 -22.66 18.27 -31.81
C SER F 102 -22.28 19.00 -30.51
N ILE F 103 -22.28 18.29 -29.38
CA ILE F 103 -21.85 18.88 -28.12
C ILE F 103 -20.34 18.77 -27.96
N TYR F 104 -19.82 17.55 -28.07
CA TYR F 104 -18.41 17.29 -27.85
C TYR F 104 -17.68 17.19 -29.21
N ARG F 105 -17.64 18.32 -29.91
CA ARG F 105 -17.21 18.37 -31.33
C ARG F 105 -15.74 18.09 -31.57
N TYR F 106 -14.91 18.25 -30.54
CA TYR F 106 -13.48 18.02 -30.69
C TYR F 106 -13.06 16.75 -29.97
N THR F 107 -14.04 15.93 -29.60
CA THR F 107 -13.81 14.59 -29.05
C THR F 107 -14.45 13.49 -29.94
N ILE F 108 -15.45 13.87 -30.74
CA ILE F 108 -16.14 12.94 -31.65
C ILE F 108 -15.95 13.45 -33.08
N TYR F 109 -15.34 12.62 -33.94
CA TYR F 109 -15.02 13.00 -35.31
C TYR F 109 -15.59 12.00 -36.33
N LYS F 110 -16.07 12.51 -37.46
CA LYS F 110 -16.53 11.63 -38.55
C LYS F 110 -15.32 11.00 -39.20
N ILE F 111 -15.35 9.69 -39.40
CA ILE F 111 -14.31 8.98 -40.17
C ILE F 111 -14.66 9.05 -41.66
N ASP F 112 -13.73 9.54 -42.47
CA ASP F 112 -13.93 9.70 -43.91
C ASP F 112 -14.23 8.35 -44.57
N LYS F 113 -15.16 8.37 -45.53
CA LYS F 113 -15.59 7.17 -46.25
C LYS F 113 -16.15 6.10 -45.30
N SER F 114 -16.94 6.56 -44.32
CA SER F 114 -17.52 5.69 -43.31
C SER F 114 -18.59 6.42 -42.48
N SER F 115 -19.48 5.68 -41.83
CA SER F 115 -20.50 6.26 -40.91
C SER F 115 -20.06 6.21 -39.46
N GLU F 116 -18.99 5.48 -39.20
CA GLU F 116 -18.45 5.34 -37.86
C GLU F 116 -17.80 6.63 -37.35
N TYR F 117 -17.71 6.74 -36.02
CA TYR F 117 -17.11 7.90 -35.38
C TYR F 117 -15.76 7.56 -34.77
N CYS F 118 -14.84 8.53 -34.82
CA CYS F 118 -13.58 8.46 -34.11
C CYS F 118 -13.82 9.16 -32.79
N ILE F 119 -13.70 8.44 -31.69
CA ILE F 119 -13.82 9.03 -30.36
C ILE F 119 -12.44 9.09 -29.73
N SER F 120 -11.95 10.31 -29.52
CA SER F 120 -10.56 10.50 -29.19
C SER F 120 -10.31 11.93 -28.74
N PRO F 121 -9.54 12.13 -27.67
CA PRO F 121 -9.23 13.48 -27.22
C PRO F 121 -8.16 14.13 -28.09
N LEU F 122 -8.60 14.69 -29.23
CA LEU F 122 -7.70 15.32 -30.18
C LEU F 122 -7.81 16.84 -30.11
N VAL F 123 -6.74 17.51 -30.52
CA VAL F 123 -6.76 18.94 -30.73
C VAL F 123 -6.51 19.18 -32.20
N VAL F 124 -7.31 20.05 -32.80
CA VAL F 124 -7.16 20.41 -34.20
C VAL F 124 -6.37 21.73 -34.29
N ASN F 125 -5.34 21.75 -35.13
CA ASN F 125 -4.51 22.93 -35.37
C ASN F 125 -4.34 23.07 -36.85
N ASP F 126 -5.08 24.01 -37.44
CA ASP F 126 -5.10 24.22 -38.88
C ASP F 126 -5.47 22.93 -39.64
N LYS F 127 -4.49 22.08 -39.91
CA LYS F 127 -4.73 20.87 -40.69
C LYS F 127 -4.10 19.59 -40.16
N TYR F 128 -3.61 19.66 -38.92
CA TYR F 128 -3.23 18.47 -38.17
C TYR F 128 -4.20 18.22 -37.03
N ALA F 129 -4.29 16.95 -36.64
CA ALA F 129 -5.01 16.55 -35.44
C ALA F 129 -4.02 15.81 -34.54
N THR F 130 -3.99 16.17 -33.26
CA THR F 130 -2.98 15.66 -32.34
C THR F 130 -3.61 15.05 -31.10
N LEU F 131 -3.18 13.84 -30.75
CA LEU F 131 -3.61 13.17 -29.54
C LEU F 131 -3.03 13.87 -28.32
N ILE F 132 -3.89 14.09 -27.33
CA ILE F 132 -3.55 14.78 -26.12
C ILE F 132 -3.62 13.78 -24.98
N THR F 133 -2.50 13.59 -24.28
CA THR F 133 -2.48 12.71 -23.12
C THR F 133 -1.85 13.43 -21.94
N PRO F 134 -2.34 13.20 -20.72
CA PRO F 134 -1.78 13.85 -19.55
C PRO F 134 -0.38 13.37 -19.22
N ASN F 135 0.54 14.32 -19.03
CA ASN F 135 1.91 13.98 -18.69
C ASN F 135 2.13 14.04 -17.17
N GLU F 136 3.28 13.56 -16.74
CA GLU F 136 3.58 13.39 -15.33
C GLU F 136 3.45 14.70 -14.56
N SER F 137 3.95 15.79 -15.13
CA SER F 137 3.87 17.11 -14.51
C SER F 137 2.44 17.48 -14.16
N VAL F 138 1.54 17.31 -15.11
CA VAL F 138 0.16 17.69 -14.93
C VAL F 138 -0.48 16.87 -13.82
N ILE F 139 -0.22 15.56 -13.82
CA ILE F 139 -0.80 14.67 -12.82
C ILE F 139 -0.31 15.05 -11.43
N LYS F 140 0.99 15.21 -11.29
CA LYS F 140 1.63 15.62 -10.05
C LYS F 140 1.02 16.92 -9.51
N GLU F 141 0.98 17.95 -10.35
CA GLU F 141 0.46 19.24 -9.95
C GLU F 141 -0.99 19.18 -9.52
N PHE F 142 -1.82 18.47 -10.29
CA PHE F 142 -3.23 18.40 -9.97
C PHE F 142 -3.46 17.69 -8.63
N PHE F 143 -2.77 16.58 -8.43
CA PHE F 143 -2.86 15.85 -7.17
C PHE F 143 -2.53 16.74 -5.97
N ASP F 144 -1.51 17.57 -6.12
CA ASP F 144 -1.12 18.50 -5.06
C ASP F 144 -2.17 19.57 -4.83
N LYS F 145 -2.66 20.18 -5.89
CA LYS F 145 -3.70 21.20 -5.78
C LYS F 145 -4.94 20.60 -5.11
N LEU F 146 -5.28 19.39 -5.54
CA LEU F 146 -6.44 18.67 -5.02
C LEU F 146 -6.37 18.46 -3.50
N ASP F 147 -5.18 18.15 -2.98
CA ASP F 147 -5.01 17.93 -1.54
C ASP F 147 -5.20 19.21 -0.74
N SER F 148 -4.91 20.36 -1.34
CA SER F 148 -5.03 21.64 -0.66
C SER F 148 -6.45 22.21 -0.77
N ASN F 149 -7.18 21.81 -1.79
CA ASN F 149 -8.50 22.37 -2.07
C ASN F 149 -9.32 21.48 -2.99
N ILE F 150 -10.39 20.91 -2.46
CA ILE F 150 -11.19 19.92 -3.17
C ILE F 150 -11.96 20.52 -4.35
N GLN F 151 -12.12 21.85 -4.34
CA GLN F 151 -12.72 22.57 -5.46
C GLN F 151 -12.04 22.27 -6.82
N TYR F 152 -10.75 21.94 -6.81
CA TYR F 152 -10.07 21.58 -8.06
C TYR F 152 -10.72 20.38 -8.75
N ALA F 153 -11.22 19.42 -7.96
CA ALA F 153 -11.96 18.29 -8.52
C ALA F 153 -13.27 18.76 -9.14
N ARG F 154 -14.00 19.59 -8.40
CA ARG F 154 -15.32 20.06 -8.85
C ARG F 154 -15.20 20.82 -10.16
N VAL F 155 -14.25 21.76 -10.24
CA VAL F 155 -14.07 22.57 -11.43
C VAL F 155 -13.55 21.73 -12.60
N LEU F 156 -12.64 20.81 -12.34
CA LEU F 156 -12.12 19.96 -13.41
C LEU F 156 -13.26 19.16 -14.04
N ALA F 157 -14.11 18.55 -13.22
CA ALA F 157 -15.23 17.77 -13.74
C ALA F 157 -16.22 18.68 -14.48
N SER F 158 -16.47 19.87 -13.93
CA SER F 158 -17.39 20.83 -14.55
C SER F 158 -16.96 21.19 -15.95
N LEU F 159 -15.65 21.43 -16.12
CA LEU F 159 -15.11 21.80 -17.41
C LEU F 159 -15.13 20.60 -18.38
N ALA F 160 -14.86 19.41 -17.88
CA ALA F 160 -14.81 18.21 -18.71
C ALA F 160 -16.18 17.91 -19.30
N VAL F 161 -17.20 18.02 -18.46
CA VAL F 161 -18.58 17.78 -18.85
C VAL F 161 -19.08 18.81 -19.88
N GLY F 162 -18.44 19.98 -19.91
CA GLY F 162 -18.78 21.05 -20.84
C GLY F 162 -18.45 20.70 -22.28
N GLY F 163 -19.21 21.28 -23.20
CA GLY F 163 -19.01 21.04 -24.61
C GLY F 163 -17.83 21.77 -25.20
N GLU F 164 -17.58 21.52 -26.49
CA GLU F 164 -16.44 22.07 -27.21
C GLU F 164 -16.90 22.80 -28.46
N PRO G 8 -20.96 43.90 -12.57
CA PRO G 8 -21.52 42.70 -13.22
C PRO G 8 -22.67 43.02 -14.19
N VAL G 9 -22.36 43.81 -15.21
CA VAL G 9 -23.37 44.33 -16.13
C VAL G 9 -24.21 43.17 -16.71
N ALA G 10 -25.48 43.14 -16.30
CA ALA G 10 -26.49 42.12 -16.68
C ALA G 10 -26.51 41.89 -18.19
N GLU G 11 -26.21 42.94 -18.96
CA GLU G 11 -26.16 42.84 -20.41
C GLU G 11 -25.05 41.89 -20.87
N THR G 12 -23.90 41.93 -20.21
CA THR G 12 -22.82 41.04 -20.56
C THR G 12 -23.14 39.61 -20.18
N ILE G 13 -23.71 39.42 -19.00
CA ILE G 13 -24.13 38.08 -18.59
C ILE G 13 -25.12 37.50 -19.61
N SER G 14 -26.04 38.32 -20.12
CA SER G 14 -27.04 37.82 -21.05
C SER G 14 -26.42 37.48 -22.41
N LYS G 15 -25.33 38.14 -22.75
CA LYS G 15 -24.61 37.83 -23.99
C LYS G 15 -23.70 36.63 -23.82
N ARG G 16 -22.72 36.74 -22.92
CA ARG G 16 -21.67 35.72 -22.80
C ARG G 16 -22.16 34.41 -22.17
N PHE G 17 -23.04 34.47 -21.18
CA PHE G 17 -23.44 33.28 -20.42
C PHE G 17 -24.85 32.82 -20.73
N TRP G 18 -25.32 33.20 -21.89
CA TRP G 18 -26.65 32.87 -22.39
C TRP G 18 -27.00 31.39 -22.33
N THR G 19 -26.02 30.52 -22.58
CA THR G 19 -26.25 29.07 -22.55
C THR G 19 -26.47 28.54 -21.12
N LEU G 20 -25.82 29.15 -20.14
CA LEU G 20 -26.06 28.82 -18.72
C LEU G 20 -27.44 29.27 -18.26
N ILE G 21 -27.84 30.47 -18.67
CA ILE G 21 -29.16 31.01 -18.36
C ILE G 21 -30.23 30.02 -18.87
N LYS G 22 -30.03 29.56 -20.09
CA LYS G 22 -30.96 28.66 -20.75
C LYS G 22 -31.04 27.30 -20.05
N MSE G 23 -29.89 26.81 -19.57
CA MSE G 23 -29.84 25.55 -18.80
C MSE G 23 -30.55 25.70 -17.48
O MSE G 23 -31.35 24.84 -17.12
CB MSE G 23 -28.40 25.14 -18.51
CG MSE G 23 -28.33 23.78 -17.83
SE MSE G 23 -26.52 23.36 -17.14
CE MSE G 23 -26.57 24.62 -15.62
N LEU G 24 -30.26 26.75 -16.73
CA LEU G 24 -30.89 26.96 -15.44
C LEU G 24 -32.41 27.15 -15.58
N ARG G 25 -32.83 27.79 -16.67
CA ARG G 25 -34.26 27.98 -16.93
C ARG G 25 -34.94 26.64 -17.19
N PHE G 26 -34.23 25.74 -17.87
CA PHE G 26 -34.68 24.37 -18.06
C PHE G 26 -34.97 23.72 -16.71
N TYR G 27 -34.04 23.88 -15.76
CA TYR G 27 -34.23 23.35 -14.40
C TYR G 27 -35.36 24.04 -13.63
N VAL G 28 -35.58 25.33 -13.89
CA VAL G 28 -36.70 26.04 -13.28
C VAL G 28 -38.02 25.44 -13.74
N VAL G 29 -38.12 25.18 -15.04
CA VAL G 29 -39.33 24.57 -15.61
C VAL G 29 -39.61 23.20 -14.97
N LEU G 30 -38.56 22.43 -14.71
CA LEU G 30 -38.69 21.13 -14.04
C LEU G 30 -38.80 21.27 -12.52
N ARG G 31 -38.78 22.51 -12.02
CA ARG G 31 -38.84 22.81 -10.60
C ARG G 31 -37.74 22.14 -9.77
N ARG G 32 -36.55 22.00 -10.35
CA ARG G 32 -35.41 21.47 -9.64
C ARG G 32 -34.62 22.65 -9.09
N PHE G 33 -35.21 23.26 -8.06
CA PHE G 33 -34.72 24.52 -7.50
C PHE G 33 -33.46 24.38 -6.66
N GLY G 34 -33.03 23.15 -6.38
CA GLY G 34 -31.75 22.91 -5.75
C GLY G 34 -30.60 23.50 -6.54
N TYR G 35 -30.78 23.63 -7.86
CA TYR G 35 -29.75 24.20 -8.72
C TYR G 35 -29.88 25.72 -8.89
N ILE G 36 -30.95 26.31 -8.35
CA ILE G 36 -31.19 27.74 -8.47
C ILE G 36 -30.98 28.43 -7.12
N ASP G 37 -31.59 27.89 -6.06
CA ASP G 37 -31.62 28.57 -4.76
C ASP G 37 -30.25 29.03 -4.24
N PRO G 38 -29.21 28.17 -4.33
CA PRO G 38 -27.91 28.61 -3.87
C PRO G 38 -27.35 29.85 -4.60
N LEU G 39 -27.68 30.00 -5.88
CA LEU G 39 -27.25 31.18 -6.64
C LEU G 39 -27.91 32.47 -6.12
N ILE G 40 -29.03 32.33 -5.44
CA ILE G 40 -29.77 33.47 -4.90
C ILE G 40 -29.45 33.74 -3.43
N TYR G 41 -29.34 32.69 -2.63
CA TYR G 41 -29.24 32.83 -1.18
C TYR G 41 -27.86 32.56 -0.57
N SER G 42 -27.01 31.78 -1.24
CA SER G 42 -25.69 31.45 -0.68
C SER G 42 -24.73 32.61 -0.81
N ILE G 43 -23.93 32.84 0.23
CA ILE G 43 -22.90 33.87 0.20
C ILE G 43 -21.51 33.25 -0.04
N ASP G 44 -21.48 31.97 -0.38
CA ASP G 44 -20.24 31.21 -0.53
C ASP G 44 -20.03 30.76 -1.99
N PRO G 45 -19.01 31.30 -2.67
CA PRO G 45 -18.71 30.91 -4.05
C PRO G 45 -18.41 29.42 -4.22
N LYS G 46 -17.76 28.80 -3.23
CA LYS G 46 -17.46 27.37 -3.26
C LYS G 46 -18.74 26.55 -3.32
N GLN G 47 -19.72 26.91 -2.50
CA GLN G 47 -21.01 26.23 -2.47
C GLN G 47 -21.75 26.39 -3.79
N ILE G 48 -21.67 27.58 -4.39
CA ILE G 48 -22.33 27.84 -5.67
C ILE G 48 -21.69 27.04 -6.79
N LYS G 49 -20.36 27.00 -6.82
CA LYS G 49 -19.64 26.21 -7.81
C LYS G 49 -19.93 24.72 -7.68
N ASP G 50 -20.06 24.24 -6.44
CA ASP G 50 -20.48 22.84 -6.21
C ASP G 50 -21.83 22.54 -6.83
N VAL G 51 -22.79 23.42 -6.60
CA VAL G 51 -24.13 23.21 -7.09
C VAL G 51 -24.15 23.24 -8.62
N LEU G 52 -23.40 24.15 -9.22
CA LEU G 52 -23.34 24.24 -10.67
C LEU G 52 -22.67 23.01 -11.29
N SER G 53 -21.65 22.48 -10.64
CA SER G 53 -21.00 21.27 -11.11
C SER G 53 -21.99 20.11 -11.10
N GLU G 54 -22.84 20.05 -10.09
CA GLU G 54 -23.89 19.03 -10.02
C GLU G 54 -24.94 19.27 -11.08
N ALA G 55 -25.27 20.55 -11.33
CA ALA G 55 -26.23 20.91 -12.37
C ALA G 55 -25.71 20.50 -13.75
N LEU G 56 -24.44 20.77 -14.01
CA LEU G 56 -23.83 20.42 -15.31
C LEU G 56 -23.77 18.92 -15.53
N ARG G 57 -23.47 18.18 -14.46
CA ARG G 57 -23.43 16.73 -14.54
C ARG G 57 -24.81 16.12 -14.79
N GLU G 58 -25.83 16.55 -14.07
CA GLU G 58 -27.19 16.04 -14.29
C GLU G 58 -27.64 16.39 -15.70
N PHE G 59 -27.16 17.51 -16.22
CA PHE G 59 -27.54 17.95 -17.56
C PHE G 59 -27.05 16.98 -18.64
N VAL G 60 -25.90 16.35 -18.42
CA VAL G 60 -25.39 15.35 -19.35
C VAL G 60 -26.29 14.10 -19.37
N SER G 61 -26.89 13.76 -18.23
CA SER G 61 -27.85 12.66 -18.20
C SER G 61 -29.00 12.95 -19.14
N TYR G 62 -29.46 14.19 -19.15
CA TYR G 62 -30.54 14.59 -20.03
C TYR G 62 -30.10 14.60 -21.48
N THR G 63 -28.98 15.25 -21.78
CA THR G 63 -28.52 15.37 -23.16
C THR G 63 -28.16 14.03 -23.76
N SER G 64 -27.74 13.07 -22.92
CA SER G 64 -27.37 11.74 -23.39
C SER G 64 -28.56 10.80 -23.61
N SER G 65 -29.70 11.09 -22.98
CA SER G 65 -30.86 10.19 -23.00
C SER G 65 -31.99 10.71 -23.88
N SER G 66 -31.78 11.87 -24.50
CA SER G 66 -32.86 12.55 -25.23
C SER G 66 -33.42 11.75 -26.40
N SER G 67 -34.67 12.06 -26.73
CA SER G 67 -35.38 11.56 -27.91
C SER G 67 -35.73 12.76 -28.79
N SER G 68 -36.04 12.51 -30.07
CA SER G 68 -36.45 13.58 -30.98
C SER G 68 -37.95 13.59 -31.17
N ARG G 69 -38.52 14.77 -31.31
CA ARG G 69 -39.94 14.93 -31.64
C ARG G 69 -40.15 16.07 -32.60
N SER G 70 -41.27 16.04 -33.32
CA SER G 70 -41.70 17.16 -34.13
C SER G 70 -42.45 18.13 -33.23
N ILE G 71 -41.89 19.32 -33.05
CA ILE G 71 -42.45 20.31 -32.13
C ILE G 71 -42.90 21.54 -32.89
N VAL G 72 -43.85 22.27 -32.30
CA VAL G 72 -44.33 23.53 -32.88
C VAL G 72 -43.40 24.66 -32.44
N ILE G 73 -42.63 25.20 -33.39
CA ILE G 73 -41.68 26.27 -33.10
C ILE G 73 -42.27 27.67 -33.32
N TYR G 74 -43.38 27.73 -34.06
CA TYR G 74 -44.13 28.97 -34.22
C TYR G 74 -45.63 28.63 -34.24
N ASP G 75 -46.32 29.01 -33.17
CA ASP G 75 -47.68 28.54 -32.92
C ASP G 75 -48.75 29.51 -33.45
N ASP G 76 -49.31 29.17 -34.61
CA ASP G 76 -50.33 29.99 -35.27
C ASP G 76 -51.74 29.33 -35.17
N ASN G 79 -51.46 28.49 -39.58
CA ASN G 79 -50.28 27.95 -40.25
C ASN G 79 -49.13 27.71 -39.27
N PRO G 80 -49.31 26.75 -38.36
CA PRO G 80 -48.26 26.43 -37.39
C PRO G 80 -47.00 25.87 -38.07
N VAL G 81 -45.84 26.39 -37.68
CA VAL G 81 -44.56 25.90 -38.20
C VAL G 81 -44.00 24.86 -37.24
N THR G 82 -43.65 23.68 -37.76
CA THR G 82 -43.06 22.61 -36.95
C THR G 82 -41.63 22.27 -37.38
N ALA G 83 -40.87 21.67 -36.46
CA ALA G 83 -39.49 21.28 -36.72
C ALA G 83 -39.08 20.10 -35.83
N GLN G 84 -38.14 19.29 -36.31
CA GLN G 84 -37.56 18.22 -35.48
C GLN G 84 -36.60 18.81 -34.47
N ALA G 85 -36.75 18.41 -33.21
CA ALA G 85 -35.90 18.88 -32.13
C ALA G 85 -35.66 17.79 -31.11
N PRO G 86 -34.50 17.80 -30.46
CA PRO G 86 -34.24 16.92 -29.34
C PRO G 86 -34.98 17.37 -28.07
N CYS G 87 -35.68 16.44 -27.44
CA CYS G 87 -36.43 16.74 -26.23
C CYS G 87 -35.75 16.08 -25.05
N LEU G 88 -35.24 16.91 -24.14
CA LEU G 88 -34.54 16.40 -22.96
C LEU G 88 -35.53 15.74 -22.00
N VAL G 89 -36.72 16.31 -21.90
CA VAL G 89 -37.83 15.70 -21.16
C VAL G 89 -39.10 15.81 -22.00
N VAL G 90 -39.85 14.71 -22.08
CA VAL G 90 -41.19 14.71 -22.66
C VAL G 90 -42.18 14.61 -21.51
N ALA G 91 -42.94 15.67 -21.28
CA ALA G 91 -43.83 15.74 -20.12
C ALA G 91 -45.29 15.72 -20.55
N LYS G 92 -46.10 15.01 -19.75
CA LYS G 92 -47.54 15.05 -19.91
C LYS G 92 -48.01 16.43 -19.47
N ARG G 93 -49.08 16.90 -20.09
CA ARG G 93 -49.62 18.24 -19.82
C ARG G 93 -49.85 18.50 -18.32
N ASP G 94 -50.31 17.49 -17.61
CA ASP G 94 -50.60 17.61 -16.17
C ASP G 94 -49.39 17.40 -15.25
N GLU G 95 -48.19 17.30 -15.83
CA GLU G 95 -46.94 17.23 -15.04
C GLU G 95 -46.21 18.58 -15.02
N ILE G 96 -46.75 19.57 -15.72
CA ILE G 96 -46.16 20.90 -15.80
C ILE G 96 -47.18 21.91 -15.30
N PRO G 97 -46.74 22.86 -14.45
CA PRO G 97 -47.62 23.93 -13.98
C PRO G 97 -48.34 24.66 -15.12
N GLN G 98 -49.63 24.93 -14.92
CA GLN G 98 -50.50 25.48 -15.99
C GLN G 98 -49.98 26.81 -16.56
N ASN G 99 -49.39 27.65 -15.72
CA ASN G 99 -48.87 28.95 -16.16
C ASN G 99 -47.53 28.88 -16.90
N PHE G 100 -46.81 27.79 -16.74
CA PHE G 100 -45.44 27.71 -17.25
C PHE G 100 -45.29 27.77 -18.77
N PRO G 101 -46.14 27.05 -19.53
CA PRO G 101 -46.00 27.09 -20.99
C PRO G 101 -46.02 28.49 -21.58
N SER G 102 -46.82 29.39 -21.02
CA SER G 102 -46.90 30.76 -21.53
C SER G 102 -45.81 31.67 -20.97
N ILE G 103 -45.17 31.28 -19.88
CA ILE G 103 -44.07 32.05 -19.31
C ILE G 103 -42.76 31.66 -19.98
N TYR G 104 -42.45 30.37 -19.97
CA TYR G 104 -41.17 29.87 -20.50
C TYR G 104 -41.38 29.30 -21.90
N ARG G 105 -41.72 30.19 -22.84
CA ARG G 105 -42.19 29.79 -24.17
C ARG G 105 -41.14 29.16 -25.07
N TYR G 106 -39.86 29.40 -24.79
CA TYR G 106 -38.79 28.83 -25.60
C TYR G 106 -38.06 27.71 -24.86
N THR G 107 -38.68 27.24 -23.79
CA THR G 107 -38.22 26.06 -23.05
C THR G 107 -39.28 24.94 -23.02
N ILE G 108 -40.55 25.31 -23.21
CA ILE G 108 -41.68 24.36 -23.25
C ILE G 108 -42.33 24.46 -24.62
N TYR G 109 -42.35 23.37 -25.36
CA TYR G 109 -42.87 23.35 -26.71
C TYR G 109 -43.98 22.32 -26.87
N LYS G 110 -45.00 22.67 -27.64
CA LYS G 110 -46.05 21.71 -27.97
C LYS G 110 -45.49 20.69 -28.96
N ILE G 111 -45.72 19.41 -28.67
CA ILE G 111 -45.37 18.36 -29.61
C ILE G 111 -46.52 18.20 -30.59
N ASP G 112 -46.22 18.30 -31.88
CA ASP G 112 -47.26 18.29 -32.93
C ASP G 112 -48.07 17.01 -32.90
N LYS G 113 -49.39 17.15 -33.10
CA LYS G 113 -50.34 16.02 -33.11
C LYS G 113 -50.31 15.27 -31.77
N SER G 114 -50.22 16.01 -30.67
CA SER G 114 -50.10 15.43 -29.35
C SER G 114 -50.38 16.50 -28.29
N SER G 115 -50.76 16.07 -27.10
CA SER G 115 -51.00 16.99 -25.98
C SER G 115 -49.74 17.17 -25.11
N GLU G 116 -48.77 16.28 -25.28
CA GLU G 116 -47.55 16.30 -24.50
C GLU G 116 -46.65 17.49 -24.84
N TYR G 117 -45.78 17.84 -23.89
CA TYR G 117 -44.83 18.96 -24.06
C TYR G 117 -43.40 18.47 -24.22
N CYS G 118 -42.64 19.18 -25.05
CA CYS G 118 -41.19 19.00 -25.17
C CYS G 118 -40.56 20.02 -24.25
N ILE G 119 -39.85 19.56 -23.21
CA ILE G 119 -39.16 20.47 -22.30
C ILE G 119 -37.68 20.39 -22.57
N SER G 120 -37.12 21.48 -23.07
CA SER G 120 -35.78 21.44 -23.63
C SER G 120 -35.27 22.86 -23.87
N PRO G 121 -34.00 23.14 -23.51
CA PRO G 121 -33.44 24.47 -23.78
C PRO G 121 -33.07 24.65 -25.24
N LEU G 122 -34.07 25.01 -26.06
CA LEU G 122 -33.87 25.17 -27.49
C LEU G 122 -33.86 26.64 -27.88
N VAL G 123 -33.20 26.93 -28.99
CA VAL G 123 -33.29 28.23 -29.62
C VAL G 123 -33.91 28.03 -31.00
N VAL G 124 -34.89 28.88 -31.33
CA VAL G 124 -35.56 28.82 -32.62
C VAL G 124 -34.95 29.86 -33.55
N ASN G 125 -34.62 29.43 -34.77
CA ASN G 125 -34.09 30.30 -35.82
C ASN G 125 -34.82 29.98 -37.12
N ASP G 126 -35.78 30.83 -37.48
CA ASP G 126 -36.70 30.61 -38.63
C ASP G 126 -37.40 29.24 -38.60
N LYS G 127 -36.74 28.22 -39.15
CA LYS G 127 -37.35 26.89 -39.31
C LYS G 127 -36.56 25.77 -38.63
N TYR G 128 -35.45 26.08 -37.94
CA TYR G 128 -34.73 25.09 -37.14
C TYR G 128 -34.87 25.37 -35.65
N ALA G 129 -34.76 24.30 -34.87
CA ALA G 129 -34.66 24.39 -33.42
C ALA G 129 -33.35 23.71 -33.02
N THR G 130 -32.58 24.36 -32.16
CA THR G 130 -31.24 23.89 -31.83
C THR G 130 -31.05 23.76 -30.33
N LEU G 131 -30.56 22.60 -29.90
CA LEU G 131 -30.25 22.36 -28.50
C LEU G 131 -29.06 23.20 -28.09
N ILE G 132 -29.18 23.84 -26.93
CA ILE G 132 -28.17 24.74 -26.42
C ILE G 132 -27.59 24.10 -25.18
N THR G 133 -26.28 23.90 -25.17
CA THR G 133 -25.59 23.36 -23.99
C THR G 133 -24.37 24.21 -23.67
N PRO G 134 -24.08 24.40 -22.38
CA PRO G 134 -22.94 25.23 -21.99
C PRO G 134 -21.62 24.59 -22.34
N ASN G 135 -20.75 25.35 -23.01
CA ASN G 135 -19.43 24.86 -23.36
C ASN G 135 -18.39 25.24 -22.32
N GLU G 136 -17.20 24.66 -22.45
CA GLU G 136 -16.14 24.82 -21.46
C GLU G 136 -15.79 26.29 -21.21
N SER G 137 -15.68 27.07 -22.29
CA SER G 137 -15.35 28.50 -22.19
C SER G 137 -16.31 29.24 -21.27
N VAL G 138 -17.59 29.01 -21.48
CA VAL G 138 -18.62 29.69 -20.71
C VAL G 138 -18.53 29.32 -19.22
N ILE G 139 -18.33 28.04 -18.94
CA ILE G 139 -18.27 27.55 -17.56
C ILE G 139 -17.05 28.16 -16.87
N LYS G 140 -15.91 28.09 -17.53
CA LYS G 140 -14.66 28.66 -17.04
C LYS G 140 -14.83 30.14 -16.70
N GLU G 141 -15.33 30.91 -17.66
CA GLU G 141 -15.49 32.35 -17.48
C GLU G 141 -16.42 32.69 -16.34
N PHE G 142 -17.54 32.00 -16.27
CA PHE G 142 -18.50 32.29 -15.23
C PHE G 142 -17.92 32.00 -13.84
N PHE G 143 -17.27 30.86 -13.69
CA PHE G 143 -16.63 30.47 -12.43
C PHE G 143 -15.65 31.55 -11.98
N ASP G 144 -14.87 32.10 -12.92
CA ASP G 144 -13.92 33.17 -12.60
C ASP G 144 -14.61 34.46 -12.19
N LYS G 145 -15.62 34.88 -12.95
CA LYS G 145 -16.38 36.08 -12.60
C LYS G 145 -17.01 35.92 -11.23
N LEU G 146 -17.56 34.73 -10.98
CA LEU G 146 -18.21 34.41 -9.72
C LEU G 146 -17.28 34.57 -8.52
N ASP G 147 -16.03 34.16 -8.66
CA ASP G 147 -15.05 34.27 -7.58
C ASP G 147 -14.71 35.73 -7.25
N SER G 148 -14.78 36.60 -8.24
CA SER G 148 -14.46 38.02 -8.03
C SER G 148 -15.67 38.81 -7.52
N ASN G 149 -16.87 38.32 -7.79
CA ASN G 149 -18.10 39.06 -7.47
C ASN G 149 -19.32 38.15 -7.47
N ILE G 150 -19.90 37.95 -6.28
CA ILE G 150 -20.99 37.00 -6.10
C ILE G 150 -22.27 37.46 -6.81
N GLN G 151 -22.36 38.74 -7.13
CA GLN G 151 -23.49 39.28 -7.89
C GLN G 151 -23.74 38.53 -9.22
N TYR G 152 -22.70 37.96 -9.82
CA TYR G 152 -22.87 37.17 -11.05
C TYR G 152 -23.82 35.99 -10.84
N ALA G 153 -23.80 35.38 -9.66
CA ALA G 153 -24.74 34.32 -9.33
C ALA G 153 -26.16 34.88 -9.26
N ARG G 154 -26.31 36.00 -8.57
CA ARG G 154 -27.62 36.60 -8.33
C ARG G 154 -28.29 36.98 -9.65
N VAL G 155 -27.54 37.66 -10.51
CA VAL G 155 -28.05 38.10 -11.80
C VAL G 155 -28.31 36.91 -12.76
N LEU G 156 -27.44 35.91 -12.74
CA LEU G 156 -27.66 34.73 -13.57
C LEU G 156 -28.98 34.04 -13.20
N ALA G 157 -29.21 33.87 -11.91
CA ALA G 157 -30.42 33.21 -11.44
C ALA G 157 -31.64 34.07 -11.77
N SER G 158 -31.51 35.38 -11.58
CA SER G 158 -32.59 36.32 -11.87
C SER G 158 -33.04 36.22 -13.31
N LEU G 159 -32.07 36.14 -14.22
CA LEU G 159 -32.37 36.05 -15.64
C LEU G 159 -32.97 34.69 -15.98
N ALA G 160 -32.48 33.62 -15.36
CA ALA G 160 -32.95 32.27 -15.66
C ALA G 160 -34.42 32.13 -15.29
N VAL G 161 -34.75 32.65 -14.11
CA VAL G 161 -36.10 32.59 -13.58
C VAL G 161 -37.07 33.41 -14.44
N GLY G 162 -36.53 34.38 -15.19
CA GLY G 162 -37.33 35.23 -16.06
C GLY G 162 -37.91 34.49 -17.25
N GLY G 163 -39.04 34.96 -17.74
CA GLY G 163 -39.70 34.35 -18.87
C GLY G 163 -39.05 34.65 -20.20
N GLU G 164 -39.59 34.05 -21.25
CA GLU G 164 -39.06 34.14 -22.62
C GLU G 164 -40.15 34.62 -23.57
N PRO H 8 -34.15 59.43 -15.22
CA PRO H 8 -34.99 58.25 -15.04
C PRO H 8 -36.48 58.55 -15.21
N VAL H 9 -36.84 59.00 -16.40
CA VAL H 9 -38.19 59.47 -16.70
C VAL H 9 -39.22 58.37 -16.33
N ALA H 10 -40.03 58.67 -15.30
CA ALA H 10 -41.06 57.78 -14.72
C ALA H 10 -41.96 57.20 -15.79
N GLU H 11 -42.17 57.97 -16.86
CA GLU H 11 -42.98 57.51 -18.00
C GLU H 11 -42.35 56.30 -18.70
N THR H 12 -41.02 56.30 -18.87
CA THR H 12 -40.38 55.16 -19.52
C THR H 12 -40.39 53.94 -18.58
N ILE H 13 -40.17 54.15 -17.27
CA ILE H 13 -40.28 53.04 -16.32
C ILE H 13 -41.68 52.42 -16.38
N SER H 14 -42.72 53.24 -16.50
CA SER H 14 -44.08 52.73 -16.51
C SER H 14 -44.39 51.98 -17.81
N LYS H 15 -43.71 52.33 -18.88
CA LYS H 15 -43.87 51.61 -20.15
C LYS H 15 -43.02 50.33 -20.16
N ARG H 16 -41.71 50.48 -20.04
CA ARG H 16 -40.79 49.35 -20.24
C ARG H 16 -40.81 48.32 -19.11
N PHE H 17 -40.93 48.78 -17.86
CA PHE H 17 -40.83 47.89 -16.70
C PHE H 17 -42.16 47.65 -16.00
N TRP H 18 -43.23 47.81 -16.77
CA TRP H 18 -44.59 47.61 -16.30
C TRP H 18 -44.84 46.28 -15.61
N THR H 19 -44.21 45.22 -16.10
CA THR H 19 -44.38 43.88 -15.51
C THR H 19 -43.71 43.74 -14.13
N LEU H 20 -42.60 44.44 -13.92
CA LEU H 20 -41.96 44.50 -12.60
C LEU H 20 -42.80 45.29 -11.60
N ILE H 21 -43.36 46.40 -12.06
CA ILE H 21 -44.24 47.23 -11.22
C ILE H 21 -45.39 46.36 -10.71
N LYS H 22 -45.95 45.59 -11.63
CA LYS H 22 -47.10 44.74 -11.36
C LYS H 22 -46.74 43.63 -10.36
N MSE H 23 -45.53 43.08 -10.49
CA MSE H 23 -45.04 42.06 -9.56
C MSE H 23 -44.85 42.62 -8.18
O MSE H 23 -45.27 42.02 -7.19
CB MSE H 23 -43.72 41.47 -10.02
CG MSE H 23 -43.26 40.31 -9.13
SE MSE H 23 -41.39 39.76 -9.50
CE MSE H 23 -40.40 41.28 -8.70
N LEU H 24 -44.17 43.76 -8.09
CA LEU H 24 -43.90 44.37 -6.79
C LEU H 24 -45.19 44.79 -6.10
N ARG H 25 -46.18 45.22 -6.89
CA ARG H 25 -47.48 45.59 -6.32
C ARG H 25 -48.18 44.36 -5.73
N PHE H 26 -48.02 43.23 -6.41
CA PHE H 26 -48.51 41.95 -5.89
C PHE H 26 -47.94 41.70 -4.49
N TYR H 27 -46.63 41.91 -4.33
CA TYR H 27 -45.99 41.76 -3.03
C TYR H 27 -46.43 42.80 -2.00
N VAL H 28 -46.76 44.00 -2.45
CA VAL H 28 -47.28 45.02 -1.55
C VAL H 28 -48.63 44.56 -0.99
N VAL H 29 -49.50 44.04 -1.85
CA VAL H 29 -50.79 43.53 -1.44
C VAL H 29 -50.66 42.42 -0.40
N LEU H 30 -49.65 41.57 -0.55
CA LEU H 30 -49.36 40.51 0.42
C LEU H 30 -48.55 41.02 1.62
N ARG H 31 -48.23 42.32 1.63
CA ARG H 31 -47.44 42.96 2.68
C ARG H 31 -46.06 42.31 2.90
N ARG H 32 -45.47 41.82 1.82
CA ARG H 32 -44.12 41.29 1.87
C ARG H 32 -43.15 42.42 1.49
N PHE H 33 -43.01 43.34 2.44
CA PHE H 33 -42.29 44.60 2.23
C PHE H 33 -40.77 44.45 2.20
N GLY H 34 -40.27 43.26 2.54
CA GLY H 34 -38.86 42.96 2.38
C GLY H 34 -38.40 43.13 0.94
N TYR H 35 -39.32 42.97 -0.01
CA TYR H 35 -39.00 43.12 -1.42
C TYR H 35 -39.20 44.55 -1.92
N ILE H 36 -39.74 45.42 -1.07
CA ILE H 36 -39.99 46.81 -1.45
C ILE H 36 -39.03 47.78 -0.74
N ASP H 37 -38.91 47.62 0.57
CA ASP H 37 -38.16 48.58 1.40
C ASP H 37 -36.75 48.90 0.90
N PRO H 38 -35.97 47.88 0.52
CA PRO H 38 -34.64 48.18 -0.01
C PRO H 38 -34.64 49.09 -1.26
N LEU H 39 -35.65 48.97 -2.11
CA LEU H 39 -35.74 49.83 -3.29
C LEU H 39 -35.97 51.31 -2.91
N ILE H 40 -36.47 51.55 -1.70
CA ILE H 40 -36.75 52.90 -1.22
C ILE H 40 -35.63 53.45 -0.35
N TYR H 41 -35.05 52.61 0.51
CA TYR H 41 -34.12 53.09 1.54
C TYR H 41 -32.65 52.75 1.31
N SER H 42 -32.36 51.69 0.54
CA SER H 42 -30.97 51.27 0.35
C SER H 42 -30.27 52.17 -0.65
N ILE H 43 -29.01 52.50 -0.37
CA ILE H 43 -28.19 53.28 -1.29
C ILE H 43 -27.20 52.39 -2.06
N ASP H 44 -27.39 51.08 -1.96
CA ASP H 44 -26.48 50.09 -2.54
C ASP H 44 -27.17 49.27 -3.65
N PRO H 45 -26.74 49.44 -4.91
CA PRO H 45 -27.34 48.68 -6.01
C PRO H 45 -27.19 47.16 -5.86
N LYS H 46 -26.09 46.70 -5.28
CA LYS H 46 -25.87 45.27 -5.05
C LYS H 46 -26.94 44.69 -4.13
N GLN H 47 -27.24 45.43 -3.06
CA GLN H 47 -28.26 45.00 -2.10
C GLN H 47 -29.66 44.99 -2.75
N ILE H 48 -29.93 45.96 -3.61
CA ILE H 48 -31.22 46.03 -4.31
C ILE H 48 -31.38 44.88 -5.30
N LYS H 49 -30.31 44.60 -6.06
CA LYS H 49 -30.32 43.48 -7.00
C LYS H 49 -30.47 42.12 -6.28
N ASP H 50 -29.85 41.98 -5.12
CA ASP H 50 -30.05 40.79 -4.27
C ASP H 50 -31.52 40.60 -3.92
N VAL H 51 -32.16 41.66 -3.45
CA VAL H 51 -33.54 41.58 -3.02
C VAL H 51 -34.45 41.23 -4.20
N LEU H 52 -34.19 41.84 -5.36
CA LEU H 52 -35.00 41.58 -6.54
C LEU H 52 -34.83 40.15 -7.04
N SER H 53 -33.61 39.61 -6.93
CA SER H 53 -33.39 38.23 -7.31
C SER H 53 -34.19 37.29 -6.40
N GLU H 54 -34.26 37.63 -5.12
CA GLU H 54 -35.08 36.86 -4.18
C GLU H 54 -36.56 37.01 -4.49
N ALA H 55 -36.96 38.22 -4.88
CA ALA H 55 -38.35 38.49 -5.24
C ALA H 55 -38.75 37.69 -6.47
N LEU H 56 -37.88 37.66 -7.48
CA LEU H 56 -38.14 36.93 -8.72
C LEU H 56 -38.21 35.42 -8.48
N ARG H 57 -37.37 34.91 -7.59
CA ARG H 57 -37.37 33.50 -7.25
C ARG H 57 -38.63 33.09 -6.49
N GLU H 58 -39.03 33.87 -5.49
CA GLU H 58 -40.26 33.58 -4.76
C GLU H 58 -41.46 33.65 -5.69
N PHE H 59 -41.39 34.52 -6.69
CA PHE H 59 -42.47 34.68 -7.64
C PHE H 59 -42.71 33.41 -8.46
N VAL H 60 -41.65 32.66 -8.75
CA VAL H 60 -41.79 31.37 -9.46
C VAL H 60 -42.54 30.34 -8.60
N SER H 61 -42.34 30.38 -7.28
CA SER H 61 -43.12 29.52 -6.39
C SER H 61 -44.61 29.77 -6.55
N TYR H 62 -44.97 31.04 -6.67
CA TYR H 62 -46.37 31.40 -6.86
C TYR H 62 -46.87 30.99 -8.25
N THR H 63 -46.13 31.35 -9.29
CA THR H 63 -46.57 31.06 -10.66
C THR H 63 -46.62 29.55 -10.93
N SER H 64 -45.80 28.77 -10.23
CA SER H 64 -45.77 27.32 -10.41
C SER H 64 -46.87 26.58 -9.63
N SER H 65 -47.42 27.21 -8.60
CA SER H 65 -48.37 26.56 -7.69
C SER H 65 -49.80 27.03 -7.90
N SER H 66 -49.99 27.95 -8.83
CA SER H 66 -51.27 28.62 -8.99
C SER H 66 -52.43 27.67 -9.35
N SER H 67 -53.63 28.11 -8.98
CA SER H 67 -54.89 27.48 -9.34
C SER H 67 -55.70 28.47 -10.16
N SER H 68 -56.70 27.99 -10.89
CA SER H 68 -57.58 28.86 -11.67
C SER H 68 -58.90 29.07 -10.95
N ARG H 69 -59.45 30.27 -11.08
CA ARG H 69 -60.79 30.59 -10.57
C ARG H 69 -61.54 31.49 -11.53
N SER H 70 -62.86 31.48 -11.43
CA SER H 70 -63.69 32.43 -12.14
C SER H 70 -63.74 33.70 -11.30
N ILE H 71 -63.18 34.78 -11.84
CA ILE H 71 -63.10 36.05 -11.11
C ILE H 71 -63.93 37.12 -11.80
N VAL H 72 -64.35 38.13 -11.02
CA VAL H 72 -65.08 39.26 -11.57
C VAL H 72 -64.09 40.28 -12.10
N ILE H 73 -64.03 40.44 -13.42
CA ILE H 73 -63.09 41.37 -14.05
C ILE H 73 -63.71 42.75 -14.32
N TYR H 74 -65.04 42.81 -14.30
CA TYR H 74 -65.76 44.08 -14.40
C TYR H 74 -67.01 44.01 -13.52
N ASP H 75 -67.04 44.77 -12.44
CA ASP H 75 -68.11 44.63 -11.45
C ASP H 75 -69.22 45.68 -11.67
N VAL H 81 -68.83 40.07 -17.38
CA VAL H 81 -68.64 40.29 -15.95
C VAL H 81 -67.49 39.41 -15.43
N THR H 82 -67.48 38.11 -15.73
CA THR H 82 -66.50 37.18 -15.15
C THR H 82 -65.59 36.52 -16.19
N ALA H 83 -64.44 36.02 -15.73
CA ALA H 83 -63.49 35.33 -16.60
C ALA H 83 -62.62 34.37 -15.81
N GLN H 84 -62.13 33.33 -16.47
CA GLN H 84 -61.18 32.41 -15.85
C GLN H 84 -59.81 33.05 -15.79
N ALA H 85 -59.18 32.99 -14.62
CA ALA H 85 -57.85 33.56 -14.42
C ALA H 85 -57.05 32.72 -13.45
N PRO H 86 -55.72 32.71 -13.63
CA PRO H 86 -54.84 32.07 -12.65
C PRO H 86 -54.69 32.93 -11.40
N CYS H 87 -54.88 32.31 -10.23
CA CYS H 87 -54.76 33.02 -8.97
C CYS H 87 -53.51 32.54 -8.25
N LEU H 88 -52.56 33.46 -8.10
CA LEU H 88 -51.30 33.13 -7.43
C LEU H 88 -51.53 32.90 -5.94
N VAL H 89 -52.41 33.68 -5.34
CA VAL H 89 -52.86 33.46 -3.97
C VAL H 89 -54.39 33.58 -3.92
N VAL H 90 -55.03 32.63 -3.25
CA VAL H 90 -56.45 32.73 -2.93
C VAL H 90 -56.55 33.07 -1.45
N ALA H 91 -57.01 34.29 -1.15
CA ALA H 91 -57.03 34.79 0.22
C ALA H 91 -58.44 34.91 0.74
N LYS H 92 -58.61 34.56 2.00
CA LYS H 92 -59.86 34.81 2.70
C LYS H 92 -59.99 36.30 2.90
N ARG H 93 -61.22 36.79 2.90
CA ARG H 93 -61.50 38.23 3.02
C ARG H 93 -60.78 38.87 4.23
N ASP H 94 -60.73 38.14 5.34
CA ASP H 94 -60.10 38.63 6.57
C ASP H 94 -58.57 38.47 6.64
N GLU H 95 -57.95 38.04 5.54
CA GLU H 95 -56.49 37.96 5.45
C GLU H 95 -55.90 39.13 4.65
N ILE H 96 -56.77 40.00 4.13
CA ILE H 96 -56.37 41.15 3.35
C ILE H 96 -56.91 42.42 4.01
N PRO H 97 -56.07 43.46 4.14
CA PRO H 97 -56.51 44.74 4.70
C PRO H 97 -57.76 45.27 4.02
N GLN H 98 -58.69 45.79 4.80
CA GLN H 98 -59.99 46.22 4.30
C GLN H 98 -59.92 47.25 3.18
N ASN H 99 -58.95 48.16 3.26
CA ASN H 99 -58.81 49.22 2.26
C ASN H 99 -58.17 48.76 0.95
N PHE H 100 -57.49 47.62 0.98
CA PHE H 100 -56.68 47.18 -0.16
C PHE H 100 -57.47 46.86 -1.44
N PRO H 101 -58.61 46.15 -1.32
CA PRO H 101 -59.35 45.82 -2.53
C PRO H 101 -59.72 47.01 -3.39
N SER H 102 -60.03 48.14 -2.76
CA SER H 102 -60.40 49.35 -3.52
C SER H 102 -59.19 50.17 -3.97
N ILE H 103 -58.03 49.93 -3.38
CA ILE H 103 -56.81 50.61 -3.79
C ILE H 103 -56.15 49.86 -4.95
N TYR H 104 -55.89 48.57 -4.73
CA TYR H 104 -55.18 47.76 -5.71
C TYR H 104 -56.18 46.91 -6.50
N ARG H 105 -57.00 47.59 -7.29
CA ARG H 105 -58.17 46.99 -7.95
C ARG H 105 -57.87 45.99 -9.05
N TYR H 106 -56.67 46.06 -9.62
CA TYR H 106 -56.29 45.14 -10.68
C TYR H 106 -55.26 44.12 -10.20
N THR H 107 -55.12 44.02 -8.89
CA THR H 107 -54.31 42.99 -8.23
C THR H 107 -55.15 42.11 -7.29
N ILE H 108 -56.29 42.65 -6.82
CA ILE H 108 -57.22 41.93 -5.94
C ILE H 108 -58.56 41.80 -6.66
N TYR H 109 -59.01 40.57 -6.88
CA TYR H 109 -60.24 40.32 -7.63
C TYR H 109 -61.23 39.48 -6.82
N LYS H 110 -62.50 39.81 -6.92
CA LYS H 110 -63.54 39.00 -6.28
C LYS H 110 -63.67 37.69 -7.05
N ILE H 111 -63.67 36.57 -6.33
CA ILE H 111 -63.94 35.28 -6.94
C ILE H 111 -65.45 35.09 -6.98
N ASP H 112 -65.99 34.83 -8.17
CA ASP H 112 -67.44 34.75 -8.38
C ASP H 112 -68.07 33.67 -7.51
N LYS H 113 -69.24 33.99 -6.95
CA LYS H 113 -70.00 33.08 -6.08
C LYS H 113 -69.18 32.67 -4.85
N SER H 114 -68.46 33.63 -4.28
CA SER H 114 -67.56 33.37 -3.16
C SER H 114 -67.14 34.68 -2.52
N SER H 115 -66.74 34.63 -1.25
CA SER H 115 -66.27 35.82 -0.53
C SER H 115 -64.76 35.97 -0.62
N GLU H 116 -64.08 34.92 -1.07
CA GLU H 116 -62.62 34.91 -1.17
C GLU H 116 -62.11 35.81 -2.30
N TYR H 117 -60.85 36.22 -2.17
CA TYR H 117 -60.21 37.10 -3.16
C TYR H 117 -59.15 36.34 -3.97
N CYS H 118 -59.05 36.69 -5.25
CA CYS H 118 -57.95 36.25 -6.11
C CYS H 118 -56.90 37.33 -6.05
N ILE H 119 -55.72 37.02 -5.54
CA ILE H 119 -54.62 37.99 -5.48
C ILE H 119 -53.58 37.58 -6.51
N SER H 120 -53.43 38.42 -7.53
CA SER H 120 -52.71 38.01 -8.72
C SER H 120 -52.44 39.22 -9.62
N PRO H 121 -51.21 39.35 -10.14
CA PRO H 121 -50.92 40.48 -11.03
C PRO H 121 -51.48 40.23 -12.43
N LEU H 122 -52.76 40.55 -12.59
CA LEU H 122 -53.47 40.33 -13.86
C LEU H 122 -53.70 41.65 -14.60
N VAL H 123 -53.83 41.54 -15.91
CA VAL H 123 -54.26 42.66 -16.74
C VAL H 123 -55.58 42.25 -17.37
N VAL H 124 -56.56 43.15 -17.33
CA VAL H 124 -57.89 42.90 -17.90
C VAL H 124 -57.99 43.56 -19.27
N ASN H 125 -58.44 42.79 -20.27
CA ASN H 125 -58.63 43.26 -21.65
C ASN H 125 -59.97 42.77 -22.14
N ASP H 126 -60.97 43.66 -22.13
CA ASP H 126 -62.35 43.32 -22.49
C ASP H 126 -62.93 42.17 -21.65
N LYS H 127 -62.72 40.93 -22.12
CA LYS H 127 -63.32 39.74 -21.53
C LYS H 127 -62.29 38.72 -21.05
N TYR H 128 -60.98 38.98 -21.22
CA TYR H 128 -59.93 38.10 -20.72
C TYR H 128 -59.15 38.75 -19.58
N ALA H 129 -58.58 37.90 -18.73
CA ALA H 129 -57.63 38.32 -17.71
C ALA H 129 -56.34 37.54 -17.97
N THR H 130 -55.20 38.23 -17.94
CA THR H 130 -53.93 37.63 -18.31
C THR H 130 -52.90 37.82 -17.22
N LEU H 131 -52.24 36.73 -16.83
CA LEU H 131 -51.15 36.78 -15.86
C LEU H 131 -49.94 37.47 -16.49
N ILE H 132 -49.35 38.38 -15.71
CA ILE H 132 -48.23 39.19 -16.15
C ILE H 132 -47.03 38.77 -15.33
N THR H 133 -45.97 38.32 -16.01
CA THR H 133 -44.73 37.97 -15.32
C THR H 133 -43.55 38.64 -16.01
N PRO H 134 -42.54 39.06 -15.23
CA PRO H 134 -41.39 39.74 -15.83
C PRO H 134 -40.54 38.80 -16.66
N ASN H 135 -40.22 39.20 -17.88
CA ASN H 135 -39.37 38.40 -18.74
C ASN H 135 -37.90 38.84 -18.65
N GLU H 136 -37.03 38.04 -19.24
CA GLU H 136 -35.59 38.24 -19.12
C GLU H 136 -35.14 39.62 -19.57
N SER H 137 -35.67 40.10 -20.68
CA SER H 137 -35.35 41.42 -21.21
C SER H 137 -35.58 42.52 -20.18
N VAL H 138 -36.74 42.49 -19.55
CA VAL H 138 -37.11 43.50 -18.58
C VAL H 138 -36.16 43.49 -17.38
N ILE H 139 -35.86 42.30 -16.89
CA ILE H 139 -34.99 42.14 -15.73
C ILE H 139 -33.59 42.68 -16.05
N LYS H 140 -33.06 42.24 -17.18
CA LYS H 140 -31.75 42.67 -17.66
C LYS H 140 -31.68 44.20 -17.74
N GLU H 141 -32.64 44.79 -18.44
CA GLU H 141 -32.67 46.24 -18.63
C GLU H 141 -32.74 47.00 -17.34
N PHE H 142 -33.61 46.55 -16.44
CA PHE H 142 -33.77 47.25 -15.18
C PHE H 142 -32.50 47.21 -14.34
N PHE H 143 -31.88 46.04 -14.25
CA PHE H 143 -30.62 45.87 -13.53
C PHE H 143 -29.56 46.84 -14.06
N ASP H 144 -29.50 47.00 -15.37
CA ASP H 144 -28.53 47.90 -15.99
C ASP H 144 -28.83 49.36 -15.68
N LYS H 145 -30.08 49.76 -15.82
CA LYS H 145 -30.50 51.12 -15.49
C LYS H 145 -30.19 51.42 -14.01
N LEU H 146 -30.49 50.45 -13.17
CA LEU H 146 -30.28 50.56 -11.74
C LEU H 146 -28.82 50.85 -11.38
N ASP H 147 -27.89 50.18 -12.06
CA ASP H 147 -26.46 50.38 -11.81
C ASP H 147 -25.98 51.77 -12.20
N SER H 148 -26.63 52.39 -13.19
CA SER H 148 -26.25 53.73 -13.63
C SER H 148 -26.91 54.83 -12.80
N ASN H 149 -28.05 54.51 -12.18
CA ASN H 149 -28.83 55.52 -11.47
C ASN H 149 -29.82 54.87 -10.50
N ILE H 150 -29.59 55.08 -9.20
CA ILE H 150 -30.36 54.40 -8.16
C ILE H 150 -31.82 54.90 -8.11
N GLN H 151 -32.08 56.06 -8.70
CA GLN H 151 -33.44 56.59 -8.82
C GLN H 151 -34.42 55.61 -9.47
N TYR H 152 -33.94 54.73 -10.35
CA TYR H 152 -34.80 53.72 -10.96
C TYR H 152 -35.45 52.80 -9.92
N ALA H 153 -34.73 52.51 -8.83
CA ALA H 153 -35.29 51.75 -7.73
C ALA H 153 -36.39 52.54 -7.04
N ARG H 154 -36.11 53.82 -6.76
CA ARG H 154 -37.03 54.67 -6.01
C ARG H 154 -38.35 54.82 -6.76
N VAL H 155 -38.25 55.13 -8.05
CA VAL H 155 -39.44 55.34 -8.88
C VAL H 155 -40.20 54.03 -9.12
N LEU H 156 -39.50 52.92 -9.31
CA LEU H 156 -40.17 51.63 -9.47
C LEU H 156 -41.00 51.29 -8.24
N ALA H 157 -40.41 51.45 -7.05
CA ALA H 157 -41.13 51.17 -5.81
C ALA H 157 -42.31 52.12 -5.63
N SER H 158 -42.09 53.41 -5.94
CA SER H 158 -43.12 54.42 -5.82
C SER H 158 -44.35 54.08 -6.66
N LEU H 159 -44.11 53.62 -7.88
CA LEU H 159 -45.19 53.26 -8.79
C LEU H 159 -45.88 51.97 -8.33
N ALA H 160 -45.11 51.01 -7.83
CA ALA H 160 -45.67 49.73 -7.37
C ALA H 160 -46.63 49.94 -6.20
N VAL H 161 -46.21 50.77 -5.26
CA VAL H 161 -46.99 51.10 -4.07
C VAL H 161 -48.27 51.86 -4.42
N GLY H 162 -48.27 52.52 -5.56
CA GLY H 162 -49.44 53.25 -6.03
C GLY H 162 -50.61 52.35 -6.40
N GLY H 163 -51.81 52.89 -6.27
CA GLY H 163 -53.02 52.15 -6.60
C GLY H 163 -53.28 52.02 -8.10
N GLU H 164 -54.35 51.29 -8.42
CA GLU H 164 -54.73 50.97 -9.79
C GLU H 164 -56.17 51.38 -10.06
N PRO I 8 -46.55 76.13 -14.20
CA PRO I 8 -47.11 75.17 -13.23
C PRO I 8 -48.41 75.68 -12.60
N VAL I 9 -49.42 75.89 -13.43
CA VAL I 9 -50.69 76.49 -13.01
C VAL I 9 -51.27 75.71 -11.83
N ALA I 10 -51.29 76.37 -10.66
CA ALA I 10 -51.77 75.83 -9.36
C ALA I 10 -53.13 75.16 -9.50
N GLU I 11 -53.95 75.67 -10.43
CA GLU I 11 -55.27 75.11 -10.69
C GLU I 11 -55.18 73.67 -11.23
N THR I 12 -54.22 73.41 -12.12
CA THR I 12 -54.07 72.05 -12.64
C THR I 12 -53.50 71.12 -11.57
N ILE I 13 -52.55 71.59 -10.76
CA ILE I 13 -52.05 70.78 -9.65
C ILE I 13 -53.20 70.42 -8.71
N SER I 14 -54.11 71.35 -8.45
CA SER I 14 -55.20 71.09 -7.51
C SER I 14 -56.21 70.11 -8.09
N LYS I 15 -56.32 70.07 -9.41
CA LYS I 15 -57.20 69.09 -10.08
C LYS I 15 -56.52 67.73 -10.19
N ARG I 16 -55.40 67.67 -10.91
CA ARG I 16 -54.78 66.39 -11.26
C ARG I 16 -54.11 65.69 -10.08
N PHE I 17 -53.46 66.45 -9.19
CA PHE I 17 -52.67 65.86 -8.11
C PHE I 17 -53.29 66.03 -6.73
N TRP I 18 -54.61 66.20 -6.74
CA TRP I 18 -55.41 66.35 -5.55
C TRP I 18 -55.18 65.29 -4.49
N THR I 19 -54.96 64.04 -4.92
CA THR I 19 -54.73 62.94 -3.98
C THR I 19 -53.38 63.02 -3.27
N LEU I 20 -52.36 63.55 -3.95
CA LEU I 20 -51.05 63.81 -3.34
C LEU I 20 -51.12 64.96 -2.32
N ILE I 21 -51.86 66.02 -2.66
CA ILE I 21 -52.08 67.15 -1.75
C ILE I 21 -52.68 66.65 -0.45
N LYS I 22 -53.67 65.79 -0.60
CA LYS I 22 -54.42 65.25 0.52
C LYS I 22 -53.54 64.34 1.39
N MSE I 23 -52.65 63.56 0.75
CA MSE I 23 -51.69 62.71 1.47
C MSE I 23 -50.70 63.53 2.25
O MSE I 23 -50.45 63.27 3.43
CB MSE I 23 -50.91 61.82 0.51
CG MSE I 23 -50.00 60.84 1.27
SE MSE I 23 -48.72 59.90 0.09
CE MSE I 23 -47.47 61.34 -0.48
N LEU I 24 -50.10 64.54 1.60
CA LEU I 24 -49.12 65.39 2.27
C LEU I 24 -49.74 66.18 3.42
N ARG I 25 -51.00 66.57 3.27
CA ARG I 25 -51.70 67.27 4.34
C ARG I 25 -51.90 66.34 5.54
N PHE I 26 -52.17 65.07 5.26
CA PHE I 26 -52.26 64.05 6.30
C PHE I 26 -50.97 64.04 7.12
N TYR I 27 -49.83 64.07 6.43
CA TYR I 27 -48.54 64.11 7.10
C TYR I 27 -48.28 65.43 7.85
N VAL I 28 -48.81 66.53 7.34
CA VAL I 28 -48.70 67.81 8.05
C VAL I 28 -49.44 67.73 9.39
N VAL I 29 -50.65 67.17 9.37
CA VAL I 29 -51.42 67.00 10.59
C VAL I 29 -50.67 66.14 11.62
N LEU I 30 -49.96 65.11 11.16
CA LEU I 30 -49.14 64.28 12.05
C LEU I 30 -47.78 64.91 12.36
N ARG I 31 -47.54 66.09 11.81
CA ARG I 31 -46.27 66.81 11.97
C ARG I 31 -45.04 66.03 11.52
N ARG I 32 -45.21 65.22 10.48
CA ARG I 32 -44.09 64.49 9.90
C ARG I 32 -43.56 65.32 8.74
N PHE I 33 -42.90 66.40 9.11
CA PHE I 33 -42.46 67.45 8.17
C PHE I 33 -41.25 67.05 7.32
N GLY I 34 -40.64 65.91 7.63
CA GLY I 34 -39.61 65.35 6.77
C GLY I 34 -40.11 65.10 5.36
N TYR I 35 -41.42 64.87 5.22
CA TYR I 35 -42.01 64.64 3.90
C TYR I 35 -42.50 65.92 3.23
N ILE I 36 -42.43 67.04 3.94
CA ILE I 36 -42.87 68.33 3.40
C ILE I 36 -41.70 69.27 3.12
N ASP I 37 -40.80 69.40 4.08
CA ASP I 37 -39.72 70.40 4.00
C ASP I 37 -38.90 70.34 2.70
N PRO I 38 -38.51 69.15 2.25
CA PRO I 38 -37.74 69.10 1.00
C PRO I 38 -38.49 69.67 -0.21
N LEU I 39 -39.81 69.53 -0.24
CA LEU I 39 -40.60 70.10 -1.35
C LEU I 39 -40.57 71.63 -1.35
N ILE I 40 -40.26 72.22 -0.20
CA ILE I 40 -40.20 73.68 -0.07
C ILE I 40 -38.78 74.23 -0.20
N TYR I 41 -37.80 73.53 0.37
CA TYR I 41 -36.43 74.07 0.48
C TYR I 41 -35.40 73.43 -0.45
N SER I 42 -35.61 72.20 -0.90
CA SER I 42 -34.61 71.52 -1.72
C SER I 42 -34.65 72.03 -3.16
N ILE I 43 -33.48 72.20 -3.75
CA ILE I 43 -33.38 72.59 -5.16
C ILE I 43 -33.05 71.39 -6.05
N ASP I 44 -33.14 70.17 -5.48
CA ASP I 44 -32.75 68.94 -6.16
C ASP I 44 -33.96 68.02 -6.37
N PRO I 45 -34.38 67.80 -7.64
CA PRO I 45 -35.50 66.90 -7.93
C PRO I 45 -35.28 65.46 -7.45
N LYS I 46 -34.05 64.97 -7.51
CA LYS I 46 -33.72 63.62 -7.04
C LYS I 46 -34.03 63.47 -5.55
N GLN I 47 -33.64 64.48 -4.77
CA GLN I 47 -33.87 64.48 -3.33
C GLN I 47 -35.37 64.53 -3.02
N ILE I 48 -36.11 65.30 -3.81
CA ILE I 48 -37.57 65.42 -3.62
C ILE I 48 -38.27 64.11 -3.96
N LYS I 49 -37.87 63.48 -5.06
CA LYS I 49 -38.42 62.19 -5.45
C LYS I 49 -38.11 61.10 -4.41
N ASP I 50 -36.91 61.14 -3.84
CA ASP I 50 -36.55 60.24 -2.73
C ASP I 50 -37.51 60.37 -1.56
N VAL I 51 -37.77 61.61 -1.15
CA VAL I 51 -38.61 61.85 0.00
C VAL I 51 -40.04 61.40 -0.28
N LEU I 52 -40.52 61.65 -1.49
CA LEU I 52 -41.89 61.25 -1.85
C LEU I 52 -42.03 59.74 -1.92
N SER I 53 -40.99 59.05 -2.39
CA SER I 53 -41.01 57.60 -2.40
C SER I 53 -41.10 57.05 -0.97
N GLU I 54 -40.40 57.68 -0.05
CA GLU I 54 -40.48 57.32 1.37
C GLU I 54 -41.85 57.65 1.95
N ALA I 55 -42.41 58.78 1.54
CA ALA I 55 -43.75 59.18 1.96
C ALA I 55 -44.80 58.19 1.48
N LEU I 56 -44.70 57.78 0.21
CA LEU I 56 -45.64 56.81 -0.37
C LEU I 56 -45.55 55.45 0.32
N ARG I 57 -44.34 55.03 0.65
CA ARG I 57 -44.12 53.76 1.32
C ARG I 57 -44.69 53.76 2.74
N GLU I 58 -44.41 54.80 3.51
CA GLU I 58 -44.96 54.89 4.87
C GLU I 58 -46.49 54.95 4.81
N PHE I 59 -47.03 55.53 3.75
CA PHE I 59 -48.47 55.64 3.59
C PHE I 59 -49.13 54.27 3.49
N VAL I 60 -48.45 53.31 2.86
CA VAL I 60 -49.00 51.95 2.76
C VAL I 60 -49.07 51.28 4.13
N SER I 61 -48.14 51.60 5.02
CA SER I 61 -48.22 51.12 6.40
C SER I 61 -49.53 51.57 7.05
N TYR I 62 -49.90 52.81 6.81
CA TYR I 62 -51.13 53.35 7.35
C TYR I 62 -52.35 52.72 6.67
N THR I 63 -52.37 52.70 5.34
CA THR I 63 -53.53 52.18 4.62
C THR I 63 -53.75 50.69 4.87
N SER I 64 -52.67 49.96 5.17
CA SER I 64 -52.76 48.52 5.43
C SER I 64 -53.17 48.17 6.85
N SER I 65 -53.01 49.11 7.78
CA SER I 65 -53.25 48.85 9.20
C SER I 65 -54.54 49.48 9.72
N SER I 66 -55.25 50.19 8.84
CA SER I 66 -56.38 51.01 9.25
C SER I 66 -57.53 50.22 9.88
N SER I 67 -58.28 50.93 10.72
CA SER I 67 -59.53 50.44 11.32
C SER I 67 -60.66 51.37 10.85
N SER I 68 -61.90 50.92 10.98
CA SER I 68 -63.06 51.75 10.63
C SER I 68 -63.71 52.32 11.88
N ARG I 69 -64.22 53.55 11.76
CA ARG I 69 -64.99 54.18 12.83
C ARG I 69 -66.15 54.97 12.24
N SER I 70 -67.15 55.20 13.07
CA SER I 70 -68.22 56.13 12.73
C SER I 70 -67.74 57.53 13.07
N ILE I 71 -67.59 58.37 12.06
CA ILE I 71 -67.08 59.72 12.24
C ILE I 71 -68.15 60.74 11.87
N VAL I 72 -68.03 61.93 12.46
CA VAL I 72 -68.94 63.03 12.15
C VAL I 72 -68.44 63.74 10.89
N ILE I 73 -69.18 63.61 9.80
CA ILE I 73 -68.79 64.25 8.54
C ILE I 73 -69.43 65.63 8.37
N TYR I 74 -70.50 65.89 9.10
CA TYR I 74 -71.13 67.21 9.12
C TYR I 74 -71.66 67.49 10.55
N ASP I 75 -71.02 68.41 11.25
CA ASP I 75 -71.26 68.60 12.69
C ASP I 75 -72.29 69.71 12.96
N ASP I 76 -73.52 69.28 13.21
CA ASP I 76 -74.63 70.18 13.49
C ASP I 76 -75.03 69.93 14.93
N PRO I 77 -75.37 70.98 15.70
CA PRO I 77 -75.89 70.64 17.02
C PRO I 77 -77.15 69.74 17.01
N LYS I 78 -77.96 69.83 15.95
CA LYS I 78 -79.30 69.24 15.94
C LYS I 78 -79.49 68.03 15.03
N ASN I 79 -78.87 68.04 13.85
CA ASN I 79 -78.93 66.88 12.94
C ASN I 79 -77.52 66.52 12.43
N PRO I 80 -76.63 66.03 13.34
CA PRO I 80 -75.28 65.65 12.90
C PRO I 80 -75.30 64.47 11.93
N VAL I 81 -74.56 64.57 10.84
CA VAL I 81 -74.43 63.47 9.89
C VAL I 81 -73.16 62.69 10.20
N THR I 82 -73.31 61.38 10.41
CA THR I 82 -72.19 60.49 10.64
C THR I 82 -72.02 59.52 9.47
N ALA I 83 -70.81 59.01 9.29
CA ALA I 83 -70.43 58.14 8.17
C ALA I 83 -69.40 57.12 8.65
N GLN I 84 -69.47 55.89 8.13
CA GLN I 84 -68.40 54.91 8.33
C GLN I 84 -67.22 55.36 7.51
N ALA I 85 -66.05 55.40 8.11
CA ALA I 85 -64.84 55.77 7.38
C ALA I 85 -63.63 55.00 7.91
N PRO I 86 -62.65 54.71 7.03
CA PRO I 86 -61.39 54.15 7.47
C PRO I 86 -60.52 55.21 8.12
N CYS I 87 -60.00 54.90 9.29
CA CYS I 87 -59.14 55.83 10.02
C CYS I 87 -57.71 55.33 9.99
N LEU I 88 -56.84 56.07 9.31
CA LEU I 88 -55.43 55.71 9.20
C LEU I 88 -54.72 55.86 10.54
N VAL I 89 -55.09 56.90 11.28
CA VAL I 89 -54.61 57.05 12.65
C VAL I 89 -55.80 57.44 13.53
N VAL I 90 -55.92 56.78 14.68
CA VAL I 90 -56.88 57.18 15.70
C VAL I 90 -56.08 57.85 16.80
N ALA I 91 -56.26 59.17 16.96
CA ALA I 91 -55.45 59.95 17.87
C ALA I 91 -56.28 60.42 19.06
N LYS I 92 -55.65 60.39 20.24
CA LYS I 92 -56.24 60.99 21.41
C LYS I 92 -56.22 62.50 21.24
N ARG I 93 -57.21 63.17 21.80
CA ARG I 93 -57.35 64.62 21.67
C ARG I 93 -56.06 65.39 22.01
N ASP I 94 -55.33 64.92 23.02
CA ASP I 94 -54.11 65.57 23.47
C ASP I 94 -52.84 65.16 22.70
N GLU I 95 -53.00 64.41 21.62
CA GLU I 95 -51.89 64.06 20.73
C GLU I 95 -51.88 64.94 19.46
N ILE I 96 -52.88 65.80 19.33
CA ILE I 96 -53.02 66.66 18.17
C ILE I 96 -53.04 68.11 18.62
N PRO I 97 -52.28 68.99 17.95
CA PRO I 97 -52.31 70.43 18.28
C PRO I 97 -53.73 71.00 18.33
N GLN I 98 -53.99 71.83 19.33
CA GLN I 98 -55.33 72.36 19.59
C GLN I 98 -55.95 73.09 18.39
N ASN I 99 -55.13 73.82 17.65
CA ASN I 99 -55.62 74.58 16.50
C ASN I 99 -55.89 73.73 15.25
N PHE I 100 -55.33 72.53 15.20
CA PHE I 100 -55.37 71.74 13.97
C PHE I 100 -56.76 71.26 13.53
N PRO I 101 -57.59 70.78 14.47
CA PRO I 101 -58.91 70.30 14.06
C PRO I 101 -59.73 71.33 13.28
N SER I 102 -59.61 72.61 13.63
CA SER I 102 -60.36 73.65 12.94
C SER I 102 -59.66 74.16 11.67
N ILE I 103 -58.37 73.87 11.52
CA ILE I 103 -57.65 74.23 10.30
C ILE I 103 -57.81 73.13 9.25
N TYR I 104 -57.48 71.90 9.62
CA TYR I 104 -57.49 70.78 8.68
C TYR I 104 -58.75 69.95 8.88
N ARG I 105 -59.89 70.58 8.56
CA ARG I 105 -61.22 70.04 8.90
C ARG I 105 -61.64 68.78 8.15
N TYR I 106 -61.03 68.52 7.00
CA TYR I 106 -61.35 67.34 6.21
C TYR I 106 -60.25 66.29 6.27
N THR I 107 -59.35 66.47 7.24
CA THR I 107 -58.30 65.50 7.55
C THR I 107 -58.41 65.01 9.00
N ILE I 108 -59.03 65.81 9.87
CA ILE I 108 -59.25 65.48 11.28
C ILE I 108 -60.75 65.43 11.55
N TYR I 109 -61.25 64.27 11.96
CA TYR I 109 -62.68 64.09 12.16
C TYR I 109 -62.99 63.62 13.57
N LYS I 110 -64.08 64.12 14.15
CA LYS I 110 -64.54 63.65 15.44
C LYS I 110 -65.12 62.24 15.28
N ILE I 111 -64.70 61.33 16.13
CA ILE I 111 -65.29 60.00 16.17
C ILE I 111 -66.53 60.07 17.04
N ASP I 112 -67.67 59.65 16.50
CA ASP I 112 -68.95 59.76 17.19
C ASP I 112 -68.95 59.00 18.50
N LYS I 113 -69.54 59.61 19.54
CA LYS I 113 -69.63 59.03 20.90
C LYS I 113 -68.23 58.76 21.47
N SER I 114 -67.31 59.69 21.24
CA SER I 114 -65.93 59.55 21.67
C SER I 114 -65.21 60.90 21.59
N SER I 115 -64.14 61.05 22.35
CA SER I 115 -63.33 62.27 22.32
C SER I 115 -62.17 62.16 21.33
N GLU I 116 -61.88 60.93 20.89
CA GLU I 116 -60.77 60.68 19.98
C GLU I 116 -61.04 61.22 18.58
N TYR I 117 -59.95 61.44 17.83
CA TYR I 117 -60.01 61.96 16.47
C TYR I 117 -59.65 60.89 15.45
N CYS I 118 -60.33 60.92 14.30
CA CYS I 118 -59.97 60.12 13.14
C CYS I 118 -59.09 60.99 12.27
N ILE I 119 -57.83 60.60 12.09
CA ILE I 119 -56.90 61.37 11.24
C ILE I 119 -56.69 60.58 9.95
N SER I 120 -57.17 61.12 8.85
CA SER I 120 -57.30 60.34 7.64
C SER I 120 -57.62 61.26 6.46
N PRO I 121 -56.95 61.06 5.31
CA PRO I 121 -57.26 61.88 4.15
C PRO I 121 -58.55 61.42 3.47
N LEU I 122 -59.68 61.92 3.97
CA LEU I 122 -60.99 61.55 3.45
C LEU I 122 -61.59 62.68 2.65
N VAL I 123 -62.47 62.31 1.72
CA VAL I 123 -63.31 63.27 1.02
C VAL I 123 -64.75 62.97 1.39
N VAL I 124 -65.48 64.02 1.76
CA VAL I 124 -66.88 63.90 2.13
C VAL I 124 -67.75 64.27 0.93
N ASN I 125 -68.77 63.45 0.68
CA ASN I 125 -69.83 63.75 -0.29
C ASN I 125 -71.20 63.50 0.32
N ASP I 126 -71.89 64.58 0.72
CA ASP I 126 -73.29 64.54 1.19
C ASP I 126 -73.76 63.34 2.03
N LYS I 127 -72.89 62.56 2.68
CA LYS I 127 -73.41 61.36 3.42
C LYS I 127 -72.36 60.24 3.60
N TYR I 128 -71.48 60.18 2.62
CA TYR I 128 -70.41 59.18 2.53
C TYR I 128 -69.03 59.82 2.66
N ALA I 129 -68.09 59.03 3.15
CA ALA I 129 -66.71 59.46 3.34
C ALA I 129 -65.79 58.46 2.66
N THR I 130 -64.85 58.93 1.85
CA THR I 130 -64.04 58.06 1.02
C THR I 130 -62.55 58.30 1.24
N LEU I 131 -61.81 57.22 1.47
CA LEU I 131 -60.35 57.29 1.57
C LEU I 131 -59.74 57.61 0.21
N ILE I 132 -58.80 58.54 0.21
CA ILE I 132 -58.15 59.02 -0.99
C ILE I 132 -56.71 58.58 -0.91
N THR I 133 -56.28 57.78 -1.88
CA THR I 133 -54.88 57.37 -1.96
C THR I 133 -54.34 57.65 -3.35
N PRO I 134 -53.06 58.06 -3.45
CA PRO I 134 -52.51 58.39 -4.77
C PRO I 134 -52.30 57.16 -5.61
N ASN I 135 -52.80 57.19 -6.85
CA ASN I 135 -52.63 56.07 -7.76
C ASN I 135 -51.40 56.25 -8.66
N GLU I 136 -51.04 55.20 -9.37
CA GLU I 136 -49.82 55.17 -10.16
C GLU I 136 -49.75 56.31 -11.17
N SER I 137 -50.85 56.58 -11.84
CA SER I 137 -50.91 57.67 -12.82
C SER I 137 -50.48 59.00 -12.23
N VAL I 138 -51.04 59.32 -11.07
CA VAL I 138 -50.77 60.60 -10.43
C VAL I 138 -49.29 60.70 -10.05
N ILE I 139 -48.74 59.62 -9.50
CA ILE I 139 -47.34 59.60 -9.06
C ILE I 139 -46.42 59.81 -10.26
N LYS I 140 -46.67 59.03 -11.30
CA LYS I 140 -45.93 59.11 -12.55
C LYS I 140 -45.93 60.53 -13.10
N GLU I 141 -47.13 61.09 -13.26
CA GLU I 141 -47.27 62.44 -13.81
C GLU I 141 -46.56 63.49 -12.99
N PHE I 142 -46.71 63.43 -11.68
CA PHE I 142 -46.10 64.43 -10.83
C PHE I 142 -44.58 64.38 -10.92
N PHE I 143 -44.02 63.17 -10.86
CA PHE I 143 -42.58 62.97 -10.97
C PHE I 143 -42.04 63.59 -12.27
N ASP I 144 -42.78 63.40 -13.36
CA ASP I 144 -42.39 63.97 -14.65
C ASP I 144 -42.46 65.50 -14.66
N LYS I 145 -43.56 66.05 -14.16
CA LYS I 145 -43.71 67.52 -14.06
C LYS I 145 -42.58 68.10 -13.20
N LEU I 146 -42.31 67.42 -12.09
CA LEU I 146 -41.29 67.83 -11.15
C LEU I 146 -39.90 67.94 -11.80
N ASP I 147 -39.56 66.99 -12.68
CA ASP I 147 -38.26 67.00 -13.37
C ASP I 147 -38.13 68.17 -14.34
N SER I 148 -39.24 68.62 -14.91
CA SER I 148 -39.22 69.74 -15.86
C SER I 148 -39.28 71.10 -15.16
N ASN I 149 -39.82 71.14 -13.94
CA ASN I 149 -40.03 72.41 -13.24
C ASN I 149 -40.23 72.19 -11.74
N ILE I 150 -39.26 72.65 -10.95
CA ILE I 150 -39.24 72.39 -9.51
C ILE I 150 -40.39 73.10 -8.77
N GLN I 151 -40.96 74.11 -9.41
CA GLN I 151 -42.13 74.82 -8.87
C GLN I 151 -43.29 73.90 -8.51
N TYR I 152 -43.42 72.76 -9.21
CA TYR I 152 -44.47 71.79 -8.87
C TYR I 152 -44.36 71.29 -7.43
N ALA I 153 -43.14 71.14 -6.94
CA ALA I 153 -42.91 70.76 -5.54
C ALA I 153 -43.38 71.88 -4.62
N ARG I 154 -42.99 73.11 -4.95
CA ARG I 154 -43.29 74.27 -4.11
C ARG I 154 -44.80 74.47 -3.96
N VAL I 155 -45.51 74.43 -5.09
CA VAL I 155 -46.94 74.64 -5.09
C VAL I 155 -47.68 73.46 -4.44
N LEU I 156 -47.21 72.24 -4.67
CA LEU I 156 -47.84 71.09 -4.03
C LEU I 156 -47.75 71.19 -2.49
N ALA I 157 -46.58 71.55 -1.98
CA ALA I 157 -46.39 71.70 -0.54
C ALA I 157 -47.22 72.84 -0.01
N SER I 158 -47.24 73.95 -0.75
CA SER I 158 -48.01 75.13 -0.35
C SER I 158 -49.48 74.80 -0.17
N LEU I 159 -50.03 74.03 -1.11
CA LEU I 159 -51.43 73.65 -1.04
C LEU I 159 -51.68 72.66 0.08
N ALA I 160 -50.75 71.74 0.30
CA ALA I 160 -50.93 70.71 1.32
C ALA I 160 -50.97 71.33 2.71
N VAL I 161 -50.07 72.27 2.94
CA VAL I 161 -49.96 72.98 4.22
C VAL I 161 -51.20 73.84 4.49
N GLY I 162 -51.91 74.22 3.42
CA GLY I 162 -53.12 75.01 3.53
C GLY I 162 -54.27 74.27 4.18
N GLY I 163 -55.15 75.01 4.84
CA GLY I 163 -56.30 74.43 5.51
C GLY I 163 -57.40 74.01 4.57
N GLU I 164 -58.44 73.42 5.15
CA GLU I 164 -59.57 72.87 4.40
C GLU I 164 -60.89 73.45 4.91
C1 PEG J . 48.82 -33.78 11.33
O1 PEG J . 49.84 -34.20 12.24
C2 PEG J . 47.52 -34.54 11.60
O2 PEG J . 46.55 -34.32 10.56
C3 PEG J . 46.89 -34.94 9.32
C4 PEG J . 45.61 -35.23 8.53
O4 PEG J . 45.94 -35.50 7.17
C1 PEG K . 33.21 9.70 -8.37
O1 PEG K . 32.03 10.39 -8.81
C2 PEG K . 32.92 8.99 -7.05
O2 PEG K . 32.40 7.67 -7.26
C3 PEG K . 33.39 6.65 -7.44
C4 PEG K . 32.85 5.31 -6.95
O4 PEG K . 33.92 4.35 -6.99
C1 PEG L . 4.78 -11.15 -13.82
O1 PEG L . 3.76 -10.53 -13.02
C2 PEG L . 5.15 -10.28 -15.03
O2 PEG L . 4.15 -9.28 -15.28
C3 PEG L . 4.49 -8.31 -16.31
C4 PEG L . 3.84 -8.61 -17.68
O4 PEG L . 2.52 -8.07 -17.76
C1 PEG M . -11.44 -0.94 -22.58
O1 PEG M . -11.73 -0.93 -21.17
C2 PEG M . -10.00 -0.48 -22.80
O2 PEG M . -9.52 -1.01 -24.04
C3 PEG M . -9.01 -2.34 -23.92
C4 PEG M . -9.51 -3.19 -25.08
O4 PEG M . -9.05 -2.62 -26.31
C1 PEG N . -32.28 13.17 -13.53
O1 PEG N . -32.15 12.81 -12.15
C2 PEG N . -31.43 12.26 -14.40
O2 PEG N . -32.28 11.46 -15.23
C3 PEG N . -32.61 12.02 -16.50
C4 PEG N . -32.26 11.03 -17.61
O4 PEG N . -32.95 9.79 -17.42
C1 PEG O . -40.23 40.10 4.35
O1 PEG O . -41.46 40.84 4.36
C2 PEG O . -40.19 39.08 3.21
O2 PEG O . -39.12 39.37 2.28
C3 PEG O . -37.91 38.64 2.56
C4 PEG O . -36.73 39.35 1.93
O4 PEG O . -36.09 40.17 2.91
C1 PEG P . -45.13 29.44 -1.48
O1 PEG P . -46.13 29.37 -2.50
C2 PEG P . -44.30 30.71 -1.66
O2 PEG P . -44.50 31.58 -0.54
C3 PEG P . -43.45 31.50 0.43
C4 PEG P . -43.70 32.55 1.53
O4 PEG P . -43.07 32.14 2.75
C1 PEG Q . -48.43 53.07 11.33
O1 PEG Q . -48.62 51.72 11.78
C2 PEG Q . -47.06 53.20 10.64
O2 PEG Q . -46.28 54.22 11.27
C3 PEG Q . -45.03 54.45 10.62
C4 PEG Q . -43.86 54.26 11.59
O4 PEG Q . -43.46 55.51 12.15
C1 PEG R . -39.85 62.91 9.53
O1 PEG R . -40.64 63.94 10.16
C2 PEG R . -40.61 62.27 8.37
O2 PEG R . -39.81 62.18 7.16
C3 PEG R . -38.92 61.06 7.08
C4 PEG R . -37.71 61.40 6.22
O4 PEG R . -36.79 62.21 6.97
#